data_3KJ0
# 
_entry.id   3KJ0 
# 
_audit_conform.dict_name       mmcif_pdbx.dic 
_audit_conform.dict_version    5.387 
_audit_conform.dict_location   http://mmcif.pdb.org/dictionaries/ascii/mmcif_pdbx.dic 
# 
loop_
_database_2.database_id 
_database_2.database_code 
_database_2.pdbx_database_accession 
_database_2.pdbx_DOI 
PDB   3KJ0         pdb_00003kj0 10.2210/pdb3kj0/pdb 
RCSB  RCSB056051   ?            ?                   
WWPDB D_1000056051 ?            ?                   
# 
loop_
_pdbx_audit_revision_history.ordinal 
_pdbx_audit_revision_history.data_content_type 
_pdbx_audit_revision_history.major_revision 
_pdbx_audit_revision_history.minor_revision 
_pdbx_audit_revision_history.revision_date 
1 'Structure model' 1 0 2010-02-16 
2 'Structure model' 1 1 2011-07-13 
3 'Structure model' 1 2 2021-10-13 
4 'Structure model' 1 3 2024-02-21 
# 
_pdbx_audit_revision_details.ordinal             1 
_pdbx_audit_revision_details.revision_ordinal    1 
_pdbx_audit_revision_details.data_content_type   'Structure model' 
_pdbx_audit_revision_details.provider            repository 
_pdbx_audit_revision_details.type                'Initial release' 
_pdbx_audit_revision_details.description         ? 
_pdbx_audit_revision_details.details             ? 
# 
loop_
_pdbx_audit_revision_group.ordinal 
_pdbx_audit_revision_group.revision_ordinal 
_pdbx_audit_revision_group.data_content_type 
_pdbx_audit_revision_group.group 
1 2 'Structure model' 'Version format compliance' 
2 3 'Structure model' 'Database references'       
3 3 'Structure model' 'Derived calculations'      
4 4 'Structure model' 'Data collection'           
# 
loop_
_pdbx_audit_revision_category.ordinal 
_pdbx_audit_revision_category.revision_ordinal 
_pdbx_audit_revision_category.data_content_type 
_pdbx_audit_revision_category.category 
1 3 'Structure model' database_2         
2 3 'Structure model' struct_ref_seq_dif 
3 3 'Structure model' struct_site        
4 4 'Structure model' chem_comp_atom     
5 4 'Structure model' chem_comp_bond     
# 
loop_
_pdbx_audit_revision_item.ordinal 
_pdbx_audit_revision_item.revision_ordinal 
_pdbx_audit_revision_item.data_content_type 
_pdbx_audit_revision_item.item 
1 3 'Structure model' '_database_2.pdbx_DOI'                
2 3 'Structure model' '_database_2.pdbx_database_accession' 
3 3 'Structure model' '_struct_ref_seq_dif.details'         
4 3 'Structure model' '_struct_site.pdbx_auth_asym_id'      
5 3 'Structure model' '_struct_site.pdbx_auth_comp_id'      
6 3 'Structure model' '_struct_site.pdbx_auth_seq_id'       
# 
_pdbx_database_status.entry_id                        3KJ0 
_pdbx_database_status.status_code                     REL 
_pdbx_database_status.deposit_site                    RCSB 
_pdbx_database_status.process_site                    RCSB 
_pdbx_database_status.recvd_initial_deposition_date   2009-11-02 
_pdbx_database_status.status_code_sf                  REL 
_pdbx_database_status.status_code_mr                  ? 
_pdbx_database_status.SG_entry                        ? 
_pdbx_database_status.pdb_format_compatible           Y 
_pdbx_database_status.status_code_cs                  ? 
_pdbx_database_status.status_code_nmr_data            ? 
_pdbx_database_status.methods_development_category    ? 
# 
loop_
_pdbx_database_related.db_name 
_pdbx_database_related.db_id 
_pdbx_database_related.details 
_pdbx_database_related.content_type 
PDB 3KJ1 'Mcl-1 in complex with Bim BH3 mutant I2dA'     unspecified 
PDB 3KJ2 'Mcl-1 in complex with Bim BH3 mutant F4aE'     unspecified 
PDB 2PQK 'human Mcl-1 in complex with wild-type Bim BH3' unspecified 
# 
loop_
_audit_author.name 
_audit_author.pdbx_ordinal 
'Fire, E.'      1 
'Grant, R.A.'   2 
'Keating, A.E.' 3 
# 
_citation.id                        primary 
_citation.title                     'Mcl-1-Bim complexes accommodate surprising point mutations via minor structural changes.' 
_citation.journal_abbrev            'Protein Sci.' 
_citation.journal_volume            19 
_citation.page_first                507 
_citation.page_last                 519 
_citation.year                      2010 
_citation.journal_id_ASTM           PRCIEI 
_citation.country                   US 
_citation.journal_id_ISSN           0961-8368 
_citation.journal_id_CSD            0795 
_citation.book_publisher            ? 
_citation.pdbx_database_id_PubMed   20066663 
_citation.pdbx_database_id_DOI      10.1002/pro.329 
# 
loop_
_citation_author.citation_id 
_citation_author.name 
_citation_author.ordinal 
_citation_author.identifier_ORCID 
primary 'Fire, E.'      1 ? 
primary 'Gulla, S.V.'   2 ? 
primary 'Grant, R.A.'   3 ? 
primary 'Keating, A.E.' 4 ? 
# 
loop_
_entity.id 
_entity.type 
_entity.src_method 
_entity.pdbx_description 
_entity.formula_weight 
_entity.pdbx_number_of_molecules 
_entity.pdbx_ec 
_entity.pdbx_mutation 
_entity.pdbx_fragment 
_entity.details 
1 polymer     man 'Induced myeloid leukemia cell differentiation protein Mcl-1' 17937.359 1   ? ?   '(UNP 172-326)'                
? 
2 polymer     man 'Bcl-2-like protein 11'                                       3179.463  1   ? I6Y 'BH3 region of BIM (UNP 1-23)' 
? 
3 non-polymer syn 2-AMINO-2-HYDROXYMETHYL-PROPANE-1,3-DIOL                      122.143   1   ? ?   ?                              
? 
4 water       nat water                                                         18.015    139 ? ?   ?                              
? 
# 
loop_
_entity_name_com.entity_id 
_entity_name_com.name 
1 'Bcl-2-related protein EAT/mcl1, mcl1/EAT, Bcl-2-like protein 3, Bcl2-L-3' 
2 'Bcl2-L-11, Bcl2-interacting mediator of cell death'                       
# 
loop_
_entity_poly.entity_id 
_entity_poly.type 
_entity_poly.nstd_linkage 
_entity_poly.nstd_monomer 
_entity_poly.pdbx_seq_one_letter_code 
_entity_poly.pdbx_seq_one_letter_code_can 
_entity_poly.pdbx_strand_id 
_entity_poly.pdbx_target_identifier 
1 'polypeptide(L)' no no 
;GSDELYRQSLEIISRYLREQATGAKDTKPMGRSGATSRKALETLRRVGDGVQRNHETAFQGMLRKLDIKNEDDVKSLSRV
MIHVFSDGVTNWGRIVTLISFGAFVAKHLKTINQESCIEPLAESITDVLVRTKRDWLVKQRGWDGFVEFFHVEDLEGG
;
;GSDELYRQSLEIISRYLREQATGAKDTKPMGRSGATSRKALETLRRVGDGVQRNHETAFQGMLRKLDIKNEDDVKSLSRV
MIHVFSDGVTNWGRIVTLISFGAFVAKHLKTINQESCIEPLAESITDVLVRTKRDWLVKQRGWDGFVEFFHVEDLEGG
;
A ? 
2 'polypeptide(L)' no no GSGGRPEIWYAQELRRIGDEFNAYYAR GSGGRPEIWYAQELRRIGDEFNAYYAR B ? 
# 
loop_
_pdbx_entity_nonpoly.entity_id 
_pdbx_entity_nonpoly.name 
_pdbx_entity_nonpoly.comp_id 
3 2-AMINO-2-HYDROXYMETHYL-PROPANE-1,3-DIOL TRS 
4 water                                    HOH 
# 
loop_
_entity_poly_seq.entity_id 
_entity_poly_seq.num 
_entity_poly_seq.mon_id 
_entity_poly_seq.hetero 
1 1   GLY n 
1 2   SER n 
1 3   ASP n 
1 4   GLU n 
1 5   LEU n 
1 6   TYR n 
1 7   ARG n 
1 8   GLN n 
1 9   SER n 
1 10  LEU n 
1 11  GLU n 
1 12  ILE n 
1 13  ILE n 
1 14  SER n 
1 15  ARG n 
1 16  TYR n 
1 17  LEU n 
1 18  ARG n 
1 19  GLU n 
1 20  GLN n 
1 21  ALA n 
1 22  THR n 
1 23  GLY n 
1 24  ALA n 
1 25  LYS n 
1 26  ASP n 
1 27  THR n 
1 28  LYS n 
1 29  PRO n 
1 30  MET n 
1 31  GLY n 
1 32  ARG n 
1 33  SER n 
1 34  GLY n 
1 35  ALA n 
1 36  THR n 
1 37  SER n 
1 38  ARG n 
1 39  LYS n 
1 40  ALA n 
1 41  LEU n 
1 42  GLU n 
1 43  THR n 
1 44  LEU n 
1 45  ARG n 
1 46  ARG n 
1 47  VAL n 
1 48  GLY n 
1 49  ASP n 
1 50  GLY n 
1 51  VAL n 
1 52  GLN n 
1 53  ARG n 
1 54  ASN n 
1 55  HIS n 
1 56  GLU n 
1 57  THR n 
1 58  ALA n 
1 59  PHE n 
1 60  GLN n 
1 61  GLY n 
1 62  MET n 
1 63  LEU n 
1 64  ARG n 
1 65  LYS n 
1 66  LEU n 
1 67  ASP n 
1 68  ILE n 
1 69  LYS n 
1 70  ASN n 
1 71  GLU n 
1 72  ASP n 
1 73  ASP n 
1 74  VAL n 
1 75  LYS n 
1 76  SER n 
1 77  LEU n 
1 78  SER n 
1 79  ARG n 
1 80  VAL n 
1 81  MET n 
1 82  ILE n 
1 83  HIS n 
1 84  VAL n 
1 85  PHE n 
1 86  SER n 
1 87  ASP n 
1 88  GLY n 
1 89  VAL n 
1 90  THR n 
1 91  ASN n 
1 92  TRP n 
1 93  GLY n 
1 94  ARG n 
1 95  ILE n 
1 96  VAL n 
1 97  THR n 
1 98  LEU n 
1 99  ILE n 
1 100 SER n 
1 101 PHE n 
1 102 GLY n 
1 103 ALA n 
1 104 PHE n 
1 105 VAL n 
1 106 ALA n 
1 107 LYS n 
1 108 HIS n 
1 109 LEU n 
1 110 LYS n 
1 111 THR n 
1 112 ILE n 
1 113 ASN n 
1 114 GLN n 
1 115 GLU n 
1 116 SER n 
1 117 CYS n 
1 118 ILE n 
1 119 GLU n 
1 120 PRO n 
1 121 LEU n 
1 122 ALA n 
1 123 GLU n 
1 124 SER n 
1 125 ILE n 
1 126 THR n 
1 127 ASP n 
1 128 VAL n 
1 129 LEU n 
1 130 VAL n 
1 131 ARG n 
1 132 THR n 
1 133 LYS n 
1 134 ARG n 
1 135 ASP n 
1 136 TRP n 
1 137 LEU n 
1 138 VAL n 
1 139 LYS n 
1 140 GLN n 
1 141 ARG n 
1 142 GLY n 
1 143 TRP n 
1 144 ASP n 
1 145 GLY n 
1 146 PHE n 
1 147 VAL n 
1 148 GLU n 
1 149 PHE n 
1 150 PHE n 
1 151 HIS n 
1 152 VAL n 
1 153 GLU n 
1 154 ASP n 
1 155 LEU n 
1 156 GLU n 
1 157 GLY n 
1 158 GLY n 
2 1   GLY n 
2 2   SER n 
2 3   GLY n 
2 4   GLY n 
2 5   ARG n 
2 6   PRO n 
2 7   GLU n 
2 8   ILE n 
2 9   TRP n 
2 10  TYR n 
2 11  ALA n 
2 12  GLN n 
2 13  GLU n 
2 14  LEU n 
2 15  ARG n 
2 16  ARG n 
2 17  ILE n 
2 18  GLY n 
2 19  ASP n 
2 20  GLU n 
2 21  PHE n 
2 22  ASN n 
2 23  ALA n 
2 24  TYR n 
2 25  TYR n 
2 26  ALA n 
2 27  ARG n 
# 
loop_
_entity_src_gen.entity_id 
_entity_src_gen.pdbx_src_id 
_entity_src_gen.pdbx_alt_source_flag 
_entity_src_gen.pdbx_seq_type 
_entity_src_gen.pdbx_beg_seq_num 
_entity_src_gen.pdbx_end_seq_num 
_entity_src_gen.gene_src_common_name 
_entity_src_gen.gene_src_genus 
_entity_src_gen.pdbx_gene_src_gene 
_entity_src_gen.gene_src_species 
_entity_src_gen.gene_src_strain 
_entity_src_gen.gene_src_tissue 
_entity_src_gen.gene_src_tissue_fraction 
_entity_src_gen.gene_src_details 
_entity_src_gen.pdbx_gene_src_fragment 
_entity_src_gen.pdbx_gene_src_scientific_name 
_entity_src_gen.pdbx_gene_src_ncbi_taxonomy_id 
_entity_src_gen.pdbx_gene_src_variant 
_entity_src_gen.pdbx_gene_src_cell_line 
_entity_src_gen.pdbx_gene_src_atcc 
_entity_src_gen.pdbx_gene_src_organ 
_entity_src_gen.pdbx_gene_src_organelle 
_entity_src_gen.pdbx_gene_src_cell 
_entity_src_gen.pdbx_gene_src_cellular_location 
_entity_src_gen.host_org_common_name 
_entity_src_gen.pdbx_host_org_scientific_name 
_entity_src_gen.pdbx_host_org_ncbi_taxonomy_id 
_entity_src_gen.host_org_genus 
_entity_src_gen.pdbx_host_org_gene 
_entity_src_gen.pdbx_host_org_organ 
_entity_src_gen.host_org_species 
_entity_src_gen.pdbx_host_org_tissue 
_entity_src_gen.pdbx_host_org_tissue_fraction 
_entity_src_gen.pdbx_host_org_strain 
_entity_src_gen.pdbx_host_org_variant 
_entity_src_gen.pdbx_host_org_cell_line 
_entity_src_gen.pdbx_host_org_atcc 
_entity_src_gen.pdbx_host_org_culture_collection 
_entity_src_gen.pdbx_host_org_cell 
_entity_src_gen.pdbx_host_org_organelle 
_entity_src_gen.pdbx_host_org_cellular_location 
_entity_src_gen.pdbx_host_org_vector_type 
_entity_src_gen.pdbx_host_org_vector 
_entity_src_gen.host_org_details 
_entity_src_gen.expression_system_id 
_entity_src_gen.plasmid_name 
_entity_src_gen.plasmid_details 
_entity_src_gen.pdbx_description 
1 1 sample ? ? ? human ? 'BCL2L3, mcl-1, MCL1' ? ? ? ? ? ? 'Homo sapiens' 9606 ? ? ? ? ? ? ? ? 'Escherichia coli' 469008 ? ? ? ? ? 
? 'BL21(DE3)pLysS' ? ? ? ? ? ? ? plasmid ? ? ? pSV282 ? ? 
2 1 sample ? ? ? human ? 'BCL2L11, BIM'        ? ? ? ? ? ? 'Homo sapiens' 9606 ? ? ? ? ? ? ? ? 'Escherichia coli' 469008 ? ? ? ? ? 
? 'BL21(DE3)pLysS' ? ? ? ? ? ? ? plasmid ? ? ? pSV282 ? ? 
# 
loop_
_chem_comp.id 
_chem_comp.type 
_chem_comp.mon_nstd_flag 
_chem_comp.name 
_chem_comp.pdbx_synonyms 
_chem_comp.formula 
_chem_comp.formula_weight 
ALA 'L-peptide linking' y ALANINE                                  ?             'C3 H7 N O2'     89.093  
ARG 'L-peptide linking' y ARGININE                                 ?             'C6 H15 N4 O2 1' 175.209 
ASN 'L-peptide linking' y ASPARAGINE                               ?             'C4 H8 N2 O3'    132.118 
ASP 'L-peptide linking' y 'ASPARTIC ACID'                          ?             'C4 H7 N O4'     133.103 
CYS 'L-peptide linking' y CYSTEINE                                 ?             'C3 H7 N O2 S'   121.158 
GLN 'L-peptide linking' y GLUTAMINE                                ?             'C5 H10 N2 O3'   146.144 
GLU 'L-peptide linking' y 'GLUTAMIC ACID'                          ?             'C5 H9 N O4'     147.129 
GLY 'peptide linking'   y GLYCINE                                  ?             'C2 H5 N O2'     75.067  
HIS 'L-peptide linking' y HISTIDINE                                ?             'C6 H10 N3 O2 1' 156.162 
HOH non-polymer         . WATER                                    ?             'H2 O'           18.015  
ILE 'L-peptide linking' y ISOLEUCINE                               ?             'C6 H13 N O2'    131.173 
LEU 'L-peptide linking' y LEUCINE                                  ?             'C6 H13 N O2'    131.173 
LYS 'L-peptide linking' y LYSINE                                   ?             'C6 H15 N2 O2 1' 147.195 
MET 'L-peptide linking' y METHIONINE                               ?             'C5 H11 N O2 S'  149.211 
PHE 'L-peptide linking' y PHENYLALANINE                            ?             'C9 H11 N O2'    165.189 
PRO 'L-peptide linking' y PROLINE                                  ?             'C5 H9 N O2'     115.130 
SER 'L-peptide linking' y SERINE                                   ?             'C3 H7 N O3'     105.093 
THR 'L-peptide linking' y THREONINE                                ?             'C4 H9 N O3'     119.119 
TRP 'L-peptide linking' y TRYPTOPHAN                               ?             'C11 H12 N2 O2'  204.225 
TRS non-polymer         . 2-AMINO-2-HYDROXYMETHYL-PROPANE-1,3-DIOL 'TRIS BUFFER' 'C4 H12 N O3 1'  122.143 
TYR 'L-peptide linking' y TYROSINE                                 ?             'C9 H11 N O3'    181.189 
VAL 'L-peptide linking' y VALINE                                   ?             'C5 H11 N O2'    117.146 
# 
loop_
_pdbx_poly_seq_scheme.asym_id 
_pdbx_poly_seq_scheme.entity_id 
_pdbx_poly_seq_scheme.seq_id 
_pdbx_poly_seq_scheme.mon_id 
_pdbx_poly_seq_scheme.ndb_seq_num 
_pdbx_poly_seq_scheme.pdb_seq_num 
_pdbx_poly_seq_scheme.auth_seq_num 
_pdbx_poly_seq_scheme.pdb_mon_id 
_pdbx_poly_seq_scheme.auth_mon_id 
_pdbx_poly_seq_scheme.pdb_strand_id 
_pdbx_poly_seq_scheme.pdb_ins_code 
_pdbx_poly_seq_scheme.hetero 
A 1 1   GLY 1   170 170 GLY GLY A . n 
A 1 2   SER 2   171 171 SER SER A . n 
A 1 3   ASP 3   172 172 ASP ASP A . n 
A 1 4   GLU 4   173 173 GLU GLU A . n 
A 1 5   LEU 5   174 174 LEU LEU A . n 
A 1 6   TYR 6   175 175 TYR TYR A . n 
A 1 7   ARG 7   176 176 ARG ARG A . n 
A 1 8   GLN 8   177 177 GLN GLN A . n 
A 1 9   SER 9   178 178 SER SER A . n 
A 1 10  LEU 10  179 179 LEU LEU A . n 
A 1 11  GLU 11  180 180 GLU GLU A . n 
A 1 12  ILE 12  181 181 ILE ILE A . n 
A 1 13  ILE 13  182 182 ILE ILE A . n 
A 1 14  SER 14  183 183 SER SER A . n 
A 1 15  ARG 15  184 184 ARG ARG A . n 
A 1 16  TYR 16  185 185 TYR TYR A . n 
A 1 17  LEU 17  186 186 LEU LEU A . n 
A 1 18  ARG 18  187 187 ARG ARG A . n 
A 1 19  GLU 19  188 188 GLU GLU A . n 
A 1 20  GLN 20  189 189 GLN GLN A . n 
A 1 21  ALA 21  190 190 ALA ALA A . n 
A 1 22  THR 22  191 191 THR THR A . n 
A 1 23  GLY 23  192 192 GLY GLY A . n 
A 1 24  ALA 24  193 193 ALA ALA A . n 
A 1 25  LYS 25  194 194 LYS LYS A . n 
A 1 26  ASP 26  195 195 ASP ASP A . n 
A 1 27  THR 27  196 196 THR THR A . n 
A 1 28  LYS 28  197 197 LYS LYS A . n 
A 1 29  PRO 29  198 198 PRO PRO A . n 
A 1 30  MET 30  199 199 MET MET A . n 
A 1 31  GLY 31  200 200 GLY GLY A . n 
A 1 32  ARG 32  201 201 ARG ARG A . n 
A 1 33  SER 33  202 202 SER SER A . n 
A 1 34  GLY 34  203 203 GLY GLY A . n 
A 1 35  ALA 35  204 204 ALA ALA A . n 
A 1 36  THR 36  205 205 THR THR A . n 
A 1 37  SER 37  206 206 SER SER A . n 
A 1 38  ARG 38  207 207 ARG ARG A . n 
A 1 39  LYS 39  208 208 LYS LYS A . n 
A 1 40  ALA 40  209 209 ALA ALA A . n 
A 1 41  LEU 41  210 210 LEU LEU A . n 
A 1 42  GLU 42  211 211 GLU GLU A . n 
A 1 43  THR 43  212 212 THR THR A . n 
A 1 44  LEU 44  213 213 LEU LEU A . n 
A 1 45  ARG 45  214 214 ARG ARG A . n 
A 1 46  ARG 46  215 215 ARG ARG A . n 
A 1 47  VAL 47  216 216 VAL VAL A . n 
A 1 48  GLY 48  217 217 GLY GLY A . n 
A 1 49  ASP 49  218 218 ASP ASP A . n 
A 1 50  GLY 50  219 219 GLY GLY A . n 
A 1 51  VAL 51  220 220 VAL VAL A . n 
A 1 52  GLN 52  221 221 GLN GLN A . n 
A 1 53  ARG 53  222 222 ARG ARG A . n 
A 1 54  ASN 54  223 223 ASN ASN A . n 
A 1 55  HIS 55  224 224 HIS HIS A . n 
A 1 56  GLU 56  225 225 GLU GLU A . n 
A 1 57  THR 57  226 226 THR THR A . n 
A 1 58  ALA 58  227 227 ALA ALA A . n 
A 1 59  PHE 59  228 228 PHE PHE A . n 
A 1 60  GLN 60  229 229 GLN GLN A . n 
A 1 61  GLY 61  230 230 GLY GLY A . n 
A 1 62  MET 62  231 231 MET MET A . n 
A 1 63  LEU 63  232 232 LEU LEU A . n 
A 1 64  ARG 64  233 233 ARG ARG A . n 
A 1 65  LYS 65  234 234 LYS LYS A . n 
A 1 66  LEU 66  235 235 LEU LEU A . n 
A 1 67  ASP 67  236 236 ASP ASP A . n 
A 1 68  ILE 68  237 237 ILE ILE A . n 
A 1 69  LYS 69  238 238 LYS LYS A . n 
A 1 70  ASN 70  239 239 ASN ASN A . n 
A 1 71  GLU 71  240 240 GLU GLU A . n 
A 1 72  ASP 72  241 241 ASP ASP A . n 
A 1 73  ASP 73  242 242 ASP ASP A . n 
A 1 74  VAL 74  243 243 VAL VAL A . n 
A 1 75  LYS 75  244 244 LYS LYS A . n 
A 1 76  SER 76  245 245 SER SER A . n 
A 1 77  LEU 77  246 246 LEU LEU A . n 
A 1 78  SER 78  247 247 SER SER A . n 
A 1 79  ARG 79  248 248 ARG ARG A . n 
A 1 80  VAL 80  249 249 VAL VAL A . n 
A 1 81  MET 81  250 250 MET MET A . n 
A 1 82  ILE 82  251 251 ILE ILE A . n 
A 1 83  HIS 83  252 252 HIS HIS A . n 
A 1 84  VAL 84  253 253 VAL VAL A . n 
A 1 85  PHE 85  254 254 PHE PHE A . n 
A 1 86  SER 86  255 255 SER SER A . n 
A 1 87  ASP 87  256 256 ASP ASP A . n 
A 1 88  GLY 88  257 257 GLY GLY A . n 
A 1 89  VAL 89  258 258 VAL VAL A . n 
A 1 90  THR 90  259 259 THR THR A . n 
A 1 91  ASN 91  260 260 ASN ASN A . n 
A 1 92  TRP 92  261 261 TRP TRP A . n 
A 1 93  GLY 93  262 262 GLY GLY A . n 
A 1 94  ARG 94  263 263 ARG ARG A . n 
A 1 95  ILE 95  264 264 ILE ILE A . n 
A 1 96  VAL 96  265 265 VAL VAL A . n 
A 1 97  THR 97  266 266 THR THR A . n 
A 1 98  LEU 98  267 267 LEU LEU A . n 
A 1 99  ILE 99  268 268 ILE ILE A . n 
A 1 100 SER 100 269 269 SER SER A . n 
A 1 101 PHE 101 270 270 PHE PHE A . n 
A 1 102 GLY 102 271 271 GLY GLY A . n 
A 1 103 ALA 103 272 272 ALA ALA A . n 
A 1 104 PHE 104 273 273 PHE PHE A . n 
A 1 105 VAL 105 274 274 VAL VAL A . n 
A 1 106 ALA 106 275 275 ALA ALA A . n 
A 1 107 LYS 107 276 276 LYS LYS A . n 
A 1 108 HIS 108 277 277 HIS HIS A . n 
A 1 109 LEU 109 278 278 LEU LEU A . n 
A 1 110 LYS 110 279 279 LYS LYS A . n 
A 1 111 THR 111 280 280 THR THR A . n 
A 1 112 ILE 112 281 281 ILE ILE A . n 
A 1 113 ASN 113 282 282 ASN ASN A . n 
A 1 114 GLN 114 283 283 GLN GLN A . n 
A 1 115 GLU 115 284 284 GLU GLU A . n 
A 1 116 SER 116 285 285 SER SER A . n 
A 1 117 CYS 117 286 286 CYS CYS A . n 
A 1 118 ILE 118 287 287 ILE ILE A . n 
A 1 119 GLU 119 288 288 GLU GLU A . n 
A 1 120 PRO 120 289 289 PRO PRO A . n 
A 1 121 LEU 121 290 290 LEU LEU A . n 
A 1 122 ALA 122 291 291 ALA ALA A . n 
A 1 123 GLU 123 292 292 GLU GLU A . n 
A 1 124 SER 124 293 293 SER SER A . n 
A 1 125 ILE 125 294 294 ILE ILE A . n 
A 1 126 THR 126 295 295 THR THR A . n 
A 1 127 ASP 127 296 296 ASP ASP A . n 
A 1 128 VAL 128 297 297 VAL VAL A . n 
A 1 129 LEU 129 298 298 LEU LEU A . n 
A 1 130 VAL 130 299 299 VAL VAL A . n 
A 1 131 ARG 131 300 300 ARG ARG A . n 
A 1 132 THR 132 301 301 THR THR A . n 
A 1 133 LYS 133 302 302 LYS LYS A . n 
A 1 134 ARG 134 303 303 ARG ARG A . n 
A 1 135 ASP 135 304 304 ASP ASP A . n 
A 1 136 TRP 136 305 305 TRP TRP A . n 
A 1 137 LEU 137 306 306 LEU LEU A . n 
A 1 138 VAL 138 307 307 VAL VAL A . n 
A 1 139 LYS 139 308 308 LYS LYS A . n 
A 1 140 GLN 140 309 309 GLN GLN A . n 
A 1 141 ARG 141 310 310 ARG ARG A . n 
A 1 142 GLY 142 311 311 GLY GLY A . n 
A 1 143 TRP 143 312 312 TRP TRP A . n 
A 1 144 ASP 144 313 313 ASP ASP A . n 
A 1 145 GLY 145 314 314 GLY GLY A . n 
A 1 146 PHE 146 315 315 PHE PHE A . n 
A 1 147 VAL 147 316 316 VAL VAL A . n 
A 1 148 GLU 148 317 317 GLU GLU A . n 
A 1 149 PHE 149 318 318 PHE PHE A . n 
A 1 150 PHE 150 319 319 PHE PHE A . n 
A 1 151 HIS 151 320 320 HIS HIS A . n 
A 1 152 VAL 152 321 321 VAL VAL A . n 
A 1 153 GLU 153 322 322 GLU GLU A . n 
A 1 154 ASP 154 323 323 ASP ASP A . n 
A 1 155 LEU 155 324 324 LEU LEU A . n 
A 1 156 GLU 156 325 325 GLU GLU A . n 
A 1 157 GLY 157 326 326 GLY GLY A . n 
A 1 158 GLY 158 327 ?   ?   ?   A . n 
B 2 1   GLY 1   -3  ?   ?   ?   B . n 
B 2 2   SER 2   -2  ?   ?   ?   B . n 
B 2 3   GLY 3   -1  ?   ?   ?   B . n 
B 2 4   GLY 4   0   0   GLY GLY B . n 
B 2 5   ARG 5   1   1   ARG ARG B . n 
B 2 6   PRO 6   2   2   PRO PRO B . n 
B 2 7   GLU 7   3   3   GLU GLU B . n 
B 2 8   ILE 8   4   4   ILE ILE B . n 
B 2 9   TRP 9   5   5   TRP TRP B . n 
B 2 10  TYR 10  6   6   TYR TYR B . n 
B 2 11  ALA 11  7   7   ALA ALA B . n 
B 2 12  GLN 12  8   8   GLN GLN B . n 
B 2 13  GLU 13  9   9   GLU GLU B . n 
B 2 14  LEU 14  10  10  LEU LEU B . n 
B 2 15  ARG 15  11  11  ARG ARG B . n 
B 2 16  ARG 16  12  12  ARG ARG B . n 
B 2 17  ILE 17  13  13  ILE ILE B . n 
B 2 18  GLY 18  14  14  GLY GLY B . n 
B 2 19  ASP 19  15  15  ASP ASP B . n 
B 2 20  GLU 20  16  16  GLU GLU B . n 
B 2 21  PHE 21  17  17  PHE PHE B . n 
B 2 22  ASN 22  18  18  ASN ASN B . n 
B 2 23  ALA 23  19  19  ALA ALA B . n 
B 2 24  TYR 24  20  20  TYR TYR B . n 
B 2 25  TYR 25  21  21  TYR TYR B . n 
B 2 26  ALA 26  22  22  ALA ALA B . n 
B 2 27  ARG 27  23  23  ARG ARG B . n 
# 
loop_
_pdbx_nonpoly_scheme.asym_id 
_pdbx_nonpoly_scheme.entity_id 
_pdbx_nonpoly_scheme.mon_id 
_pdbx_nonpoly_scheme.ndb_seq_num 
_pdbx_nonpoly_scheme.pdb_seq_num 
_pdbx_nonpoly_scheme.auth_seq_num 
_pdbx_nonpoly_scheme.pdb_mon_id 
_pdbx_nonpoly_scheme.auth_mon_id 
_pdbx_nonpoly_scheme.pdb_strand_id 
_pdbx_nonpoly_scheme.pdb_ins_code 
C 3 TRS 1   7359 7359 TRS TRS B . 
D 4 HOH 1   1    1    HOH HOH A . 
D 4 HOH 2   2    2    HOH HOH A . 
D 4 HOH 3   3    3    HOH HOH A . 
D 4 HOH 4   4    4    HOH HOH A . 
D 4 HOH 5   5    5    HOH HOH A . 
D 4 HOH 6   6    6    HOH HOH A . 
D 4 HOH 7   7    7    HOH HOH A . 
D 4 HOH 8   8    8    HOH HOH A . 
D 4 HOH 9   9    9    HOH HOH A . 
D 4 HOH 10  10   10   HOH HOH A . 
D 4 HOH 11  11   11   HOH HOH A . 
D 4 HOH 12  12   12   HOH HOH A . 
D 4 HOH 13  13   13   HOH HOH A . 
D 4 HOH 14  14   14   HOH HOH A . 
D 4 HOH 15  15   15   HOH HOH A . 
D 4 HOH 16  16   16   HOH HOH A . 
D 4 HOH 17  17   17   HOH HOH A . 
D 4 HOH 18  18   18   HOH HOH A . 
D 4 HOH 19  19   19   HOH HOH A . 
D 4 HOH 20  20   20   HOH HOH A . 
D 4 HOH 21  21   21   HOH HOH A . 
D 4 HOH 22  22   22   HOH HOH A . 
D 4 HOH 23  23   23   HOH HOH A . 
D 4 HOH 24  24   24   HOH HOH A . 
D 4 HOH 25  25   25   HOH HOH A . 
D 4 HOH 26  26   26   HOH HOH A . 
D 4 HOH 27  27   27   HOH HOH A . 
D 4 HOH 28  28   28   HOH HOH A . 
D 4 HOH 29  30   30   HOH HOH A . 
D 4 HOH 30  31   31   HOH HOH A . 
D 4 HOH 31  32   32   HOH HOH A . 
D 4 HOH 32  33   33   HOH HOH A . 
D 4 HOH 33  36   36   HOH HOH A . 
D 4 HOH 34  38   38   HOH HOH A . 
D 4 HOH 35  39   39   HOH HOH A . 
D 4 HOH 36  40   40   HOH HOH A . 
D 4 HOH 37  41   41   HOH HOH A . 
D 4 HOH 38  42   42   HOH HOH A . 
D 4 HOH 39  43   43   HOH HOH A . 
D 4 HOH 40  44   44   HOH HOH A . 
D 4 HOH 41  46   46   HOH HOH A . 
D 4 HOH 42  47   47   HOH HOH A . 
D 4 HOH 43  48   48   HOH HOH A . 
D 4 HOH 44  51   51   HOH HOH A . 
D 4 HOH 45  52   52   HOH HOH A . 
D 4 HOH 46  53   53   HOH HOH A . 
D 4 HOH 47  54   54   HOH HOH A . 
D 4 HOH 48  55   55   HOH HOH A . 
D 4 HOH 49  57   57   HOH HOH A . 
D 4 HOH 50  59   59   HOH HOH A . 
D 4 HOH 51  61   61   HOH HOH A . 
D 4 HOH 52  63   63   HOH HOH A . 
D 4 HOH 53  64   64   HOH HOH A . 
D 4 HOH 54  65   65   HOH HOH A . 
D 4 HOH 55  67   67   HOH HOH A . 
D 4 HOH 56  68   68   HOH HOH A . 
D 4 HOH 57  69   69   HOH HOH A . 
D 4 HOH 58  72   72   HOH HOH A . 
D 4 HOH 59  73   73   HOH HOH A . 
D 4 HOH 60  74   74   HOH HOH A . 
D 4 HOH 61  75   75   HOH HOH A . 
D 4 HOH 62  76   76   HOH HOH A . 
D 4 HOH 63  77   77   HOH HOH A . 
D 4 HOH 64  79   79   HOH HOH A . 
D 4 HOH 65  81   81   HOH HOH A . 
D 4 HOH 66  83   83   HOH HOH A . 
D 4 HOH 67  84   84   HOH HOH A . 
D 4 HOH 68  85   85   HOH HOH A . 
D 4 HOH 69  86   86   HOH HOH A . 
D 4 HOH 70  87   87   HOH HOH A . 
D 4 HOH 71  88   88   HOH HOH A . 
D 4 HOH 72  89   89   HOH HOH A . 
D 4 HOH 73  91   91   HOH HOH A . 
D 4 HOH 74  92   92   HOH HOH A . 
D 4 HOH 75  93   93   HOH HOH A . 
D 4 HOH 76  94   94   HOH HOH A . 
D 4 HOH 77  95   95   HOH HOH A . 
D 4 HOH 78  96   96   HOH HOH A . 
D 4 HOH 79  97   97   HOH HOH A . 
D 4 HOH 80  99   99   HOH HOH A . 
D 4 HOH 81  100  100  HOH HOH A . 
D 4 HOH 82  101  101  HOH HOH A . 
D 4 HOH 83  103  103  HOH HOH A . 
D 4 HOH 84  104  104  HOH HOH A . 
D 4 HOH 85  105  105  HOH HOH A . 
D 4 HOH 86  106  106  HOH HOH A . 
D 4 HOH 87  107  107  HOH HOH A . 
D 4 HOH 88  108  108  HOH HOH A . 
D 4 HOH 89  109  109  HOH HOH A . 
D 4 HOH 90  110  110  HOH HOH A . 
D 4 HOH 91  111  111  HOH HOH A . 
D 4 HOH 92  113  113  HOH HOH A . 
D 4 HOH 93  114  114  HOH HOH A . 
D 4 HOH 94  116  116  HOH HOH A . 
D 4 HOH 95  117  117  HOH HOH A . 
D 4 HOH 96  118  118  HOH HOH A . 
D 4 HOH 97  119  119  HOH HOH A . 
D 4 HOH 98  120  120  HOH HOH A . 
D 4 HOH 99  121  121  HOH HOH A . 
D 4 HOH 100 122  122  HOH HOH A . 
D 4 HOH 101 123  123  HOH HOH A . 
D 4 HOH 102 124  124  HOH HOH A . 
D 4 HOH 103 127  127  HOH HOH A . 
D 4 HOH 104 128  128  HOH HOH A . 
D 4 HOH 105 129  129  HOH HOH A . 
D 4 HOH 106 130  130  HOH HOH A . 
D 4 HOH 107 131  131  HOH HOH A . 
D 4 HOH 108 132  132  HOH HOH A . 
D 4 HOH 109 133  133  HOH HOH A . 
D 4 HOH 110 134  134  HOH HOH A . 
D 4 HOH 111 135  135  HOH HOH A . 
D 4 HOH 112 136  136  HOH HOH A . 
D 4 HOH 113 137  137  HOH HOH A . 
D 4 HOH 114 138  138  HOH HOH A . 
D 4 HOH 115 139  139  HOH HOH A . 
E 4 HOH 1   29   29   HOH HOH B . 
E 4 HOH 2   34   34   HOH HOH B . 
E 4 HOH 3   35   35   HOH HOH B . 
E 4 HOH 4   37   37   HOH HOH B . 
E 4 HOH 5   45   45   HOH HOH B . 
E 4 HOH 6   49   49   HOH HOH B . 
E 4 HOH 7   50   50   HOH HOH B . 
E 4 HOH 8   56   56   HOH HOH B . 
E 4 HOH 9   58   58   HOH HOH B . 
E 4 HOH 10  60   60   HOH HOH B . 
E 4 HOH 11  62   62   HOH HOH B . 
E 4 HOH 12  66   66   HOH HOH B . 
E 4 HOH 13  70   70   HOH HOH B . 
E 4 HOH 14  71   71   HOH HOH B . 
E 4 HOH 15  78   78   HOH HOH B . 
E 4 HOH 16  80   80   HOH HOH B . 
E 4 HOH 17  82   82   HOH HOH B . 
E 4 HOH 18  90   90   HOH HOH B . 
E 4 HOH 19  98   98   HOH HOH B . 
E 4 HOH 20  102  102  HOH HOH B . 
E 4 HOH 21  112  112  HOH HOH B . 
E 4 HOH 22  115  115  HOH HOH B . 
E 4 HOH 23  125  125  HOH HOH B . 
E 4 HOH 24  126  126  HOH HOH B . 
# 
loop_
_pdbx_unobs_or_zero_occ_atoms.id 
_pdbx_unobs_or_zero_occ_atoms.PDB_model_num 
_pdbx_unobs_or_zero_occ_atoms.polymer_flag 
_pdbx_unobs_or_zero_occ_atoms.occupancy_flag 
_pdbx_unobs_or_zero_occ_atoms.auth_asym_id 
_pdbx_unobs_or_zero_occ_atoms.auth_comp_id 
_pdbx_unobs_or_zero_occ_atoms.auth_seq_id 
_pdbx_unobs_or_zero_occ_atoms.PDB_ins_code 
_pdbx_unobs_or_zero_occ_atoms.auth_atom_id 
_pdbx_unobs_or_zero_occ_atoms.label_alt_id 
_pdbx_unobs_or_zero_occ_atoms.label_asym_id 
_pdbx_unobs_or_zero_occ_atoms.label_comp_id 
_pdbx_unobs_or_zero_occ_atoms.label_seq_id 
_pdbx_unobs_or_zero_occ_atoms.label_atom_id 
1 1 Y 1 A GLU 325 ? CG  ? A GLU 156 CG  
2 1 Y 1 A GLU 325 ? CD  ? A GLU 156 CD  
3 1 Y 1 A GLU 325 ? OE1 ? A GLU 156 OE1 
4 1 Y 1 A GLU 325 ? OE2 ? A GLU 156 OE2 
# 
loop_
_software.pdbx_ordinal 
_software.name 
_software.version 
_software.date 
_software.type 
_software.contact_author 
_software.contact_author_email 
_software.classification 
_software.location 
_software.language 
_software.citation_id 
1 PHENIX      1.4_129 ?               package 'Paul D. Adams' PDAdams@lbl.gov       refinement        
http://www.phenix-online.org/             C++ ? 
2 PDB_EXTRACT 3.005   'June 11, 2008' package PDB             help@deposit.rcsb.org 'data extraction' 
http://sw-tools.pdb.org/apps/PDB_EXTRACT/ C++ ? 
3 HKL-2000    .       ?               ?       ?               ?                     'data collection' ? ?   ? 
4 HKL-2000    .       ?               ?       ?               ?                     'data reduction'  ? ?   ? 
5 HKL-2000    .       ?               ?       ?               ?                     'data scaling'    ? ?   ? 
6 PHASER      .       ?               ?       ?               ?                     phasing           ? ?   ? 
# 
_cell.entry_id           3KJ0 
_cell.length_a           40.381 
_cell.length_b           52.943 
_cell.length_c           69.373 
_cell.angle_alpha        90.00 
_cell.angle_beta         90.00 
_cell.angle_gamma        90.00 
_cell.Z_PDB              4 
_cell.pdbx_unique_axis   ? 
_cell.length_a_esd       ? 
_cell.length_b_esd       ? 
_cell.length_c_esd       ? 
_cell.angle_alpha_esd    ? 
_cell.angle_beta_esd     ? 
_cell.angle_gamma_esd    ? 
# 
_symmetry.entry_id                         3KJ0 
_symmetry.space_group_name_H-M             'P 21 21 21' 
_symmetry.pdbx_full_space_group_name_H-M   ? 
_symmetry.cell_setting                     ? 
_symmetry.Int_Tables_number                19 
_symmetry.space_group_name_Hall            ? 
# 
_exptl.entry_id          3KJ0 
_exptl.method            'X-RAY DIFFRACTION' 
_exptl.crystals_number   1 
# 
_exptl_crystal.id                    1 
_exptl_crystal.density_meas          ? 
_exptl_crystal.density_Matthews      1.777568 
_exptl_crystal.density_percent_sol   30.804321 
_exptl_crystal.description           ? 
_exptl_crystal.F_000                 ? 
_exptl_crystal.preparation           ? 
# 
_exptl_crystal_grow.crystal_id      1 
_exptl_crystal_grow.method          'VAPOR DIFFUSION, HANGING DROP' 
_exptl_crystal_grow.temp            298 
_exptl_crystal_grow.temp_details    ? 
_exptl_crystal_grow.pH              7.5 
_exptl_crystal_grow.pdbx_pH_range   ? 
_exptl_crystal_grow.pdbx_details    '0.1 M Tris, 45% MPD, pH 7.5, VAPOR DIFFUSION, HANGING DROP, temperature 298K' 
# 
_diffrn.id                     1 
_diffrn.ambient_temp           100 
_diffrn.ambient_temp_details   ? 
_diffrn.crystal_id             1 
# 
_diffrn_detector.diffrn_id              1 
_diffrn_detector.detector               CCD 
_diffrn_detector.type                   'ADSC QUANTUM 315' 
_diffrn_detector.pdbx_collection_date   2007-11-07 
_diffrn_detector.details                ? 
# 
_diffrn_radiation.diffrn_id                        1 
_diffrn_radiation.wavelength_id                    1 
_diffrn_radiation.pdbx_monochromatic_or_laue_m_l   M 
_diffrn_radiation.monochromator                    'crystal monochronomater' 
_diffrn_radiation.pdbx_diffrn_protocol             'SINGLE WAVELENGTH' 
_diffrn_radiation.pdbx_scattering_type             x-ray 
# 
_diffrn_radiation_wavelength.id           1 
_diffrn_radiation_wavelength.wavelength   . 
_diffrn_radiation_wavelength.wt           1.0 
# 
_diffrn_source.diffrn_id                   1 
_diffrn_source.source                      SYNCHROTRON 
_diffrn_source.type                        'APS BEAMLINE 24-ID-C' 
_diffrn_source.pdbx_synchrotron_site       APS 
_diffrn_source.pdbx_synchrotron_beamline   24-ID-C 
_diffrn_source.pdbx_wavelength             ? 
_diffrn_source.pdbx_wavelength_list        ? 
# 
_reflns.entry_id                     3KJ0 
_reflns.observed_criterion_sigma_I   ? 
_reflns.observed_criterion_sigma_F   ? 
_reflns.d_resolution_low             50.0 
_reflns.d_resolution_high            1.70 
_reflns.number_obs                   16362 
_reflns.number_all                   ? 
_reflns.percent_possible_obs         96.3 
_reflns.pdbx_Rmerge_I_obs            0.069 
_reflns.pdbx_Rsym_value              ? 
_reflns.pdbx_netI_over_sigmaI        ? 
_reflns.B_iso_Wilson_estimate        18.510 
_reflns.pdbx_redundancy              7.9 
_reflns.R_free_details               ? 
_reflns.limit_h_max                  ? 
_reflns.limit_h_min                  ? 
_reflns.limit_k_max                  ? 
_reflns.limit_k_min                  ? 
_reflns.limit_l_max                  ? 
_reflns.limit_l_min                  ? 
_reflns.observed_criterion_F_max     ? 
_reflns.observed_criterion_F_min     ? 
_reflns.pdbx_chi_squared             ? 
_reflns.pdbx_scaling_rejects         ? 
_reflns.pdbx_diffrn_id               1 
_reflns.pdbx_ordinal                 1 
# 
_reflns_shell.d_res_high             1.70 
_reflns_shell.d_res_low              1.76 
_reflns_shell.percent_possible_all   68.8 
_reflns_shell.Rmerge_I_obs           0.339 
_reflns_shell.pdbx_Rsym_value        ? 
_reflns_shell.meanI_over_sigI_obs    ? 
_reflns_shell.pdbx_redundancy        3.1 
_reflns_shell.percent_possible_obs   ? 
_reflns_shell.number_unique_all      ? 
_reflns_shell.number_measured_all    ? 
_reflns_shell.number_measured_obs    ? 
_reflns_shell.number_unique_obs      ? 
_reflns_shell.pdbx_chi_squared       ? 
_reflns_shell.pdbx_diffrn_id         ? 
_reflns_shell.pdbx_ordinal           1 
# 
_refine.pdbx_refine_id                           'X-RAY DIFFRACTION' 
_refine.entry_id                                 3KJ0 
_refine.ls_number_reflns_obs                     16317 
_refine.ls_number_reflns_all                     ? 
_refine.pdbx_ls_sigma_I                          ? 
_refine.pdbx_ls_sigma_F                          1.37 
_refine.pdbx_data_cutoff_high_absF               ? 
_refine.pdbx_data_cutoff_low_absF                ? 
_refine.pdbx_data_cutoff_high_rms_absF           ? 
_refine.ls_d_res_low                             29.138 
_refine.ls_d_res_high                            1.700 
_refine.ls_percent_reflns_obs                    96.34 
_refine.ls_R_factor_obs                          0.1872 
_refine.ls_R_factor_all                          ? 
_refine.ls_R_factor_R_work                       0.1853 
_refine.ls_R_factor_R_free                       0.2241 
_refine.ls_R_factor_R_free_error                 ? 
_refine.ls_R_factor_R_free_error_details         ? 
_refine.ls_percent_reflns_R_free                 4.76 
_refine.ls_number_reflns_R_free                  777 
_refine.ls_number_parameters                     ? 
_refine.ls_number_restraints                     ? 
_refine.occupancy_min                            0.50 
_refine.occupancy_max                            1.00 
_refine.correlation_coeff_Fo_to_Fc               ? 
_refine.correlation_coeff_Fo_to_Fc_free          ? 
_refine.B_iso_mean                               22.464 
_refine.aniso_B[1][1]                            -3.054 
_refine.aniso_B[2][2]                            3.047 
_refine.aniso_B[3][3]                            0.007 
_refine.aniso_B[1][2]                            0.000 
_refine.aniso_B[1][3]                            0.000 
_refine.aniso_B[2][3]                            0.000 
_refine.solvent_model_details                    'FLAT BULK SOLVENT MODEL' 
_refine.solvent_model_param_ksol                 0.337 
_refine.solvent_model_param_bsol                 44.310 
_refine.pdbx_solvent_vdw_probe_radii             1.11 
_refine.pdbx_solvent_ion_probe_radii             ? 
_refine.pdbx_solvent_shrinkage_radii             0.90 
_refine.pdbx_ls_cross_valid_method               ? 
_refine.details                                  ? 
_refine.pdbx_starting_model                      ? 
_refine.pdbx_method_to_determine_struct          'MOLECULAR REPLACEMENT' 
_refine.pdbx_isotropic_thermal_model             ? 
_refine.pdbx_stereochemistry_target_values       ML 
_refine.pdbx_stereochem_target_val_spec_case     ? 
_refine.pdbx_R_Free_selection_details            ? 
_refine.pdbx_overall_ESU_R                       ? 
_refine.pdbx_overall_ESU_R_Free                  ? 
_refine.overall_SU_ML                            0.21 
_refine.pdbx_overall_phase_error                 21.93 
_refine.overall_SU_B                             ? 
_refine.ls_redundancy_reflns_obs                 ? 
_refine.B_iso_min                                ? 
_refine.B_iso_max                                ? 
_refine.overall_SU_R_Cruickshank_DPI             ? 
_refine.overall_SU_R_free                        ? 
_refine.ls_wR_factor_R_free                      ? 
_refine.ls_wR_factor_R_work                      ? 
_refine.overall_FOM_free_R_set                   ? 
_refine.overall_FOM_work_R_set                   ? 
_refine.pdbx_diffrn_id                           1 
_refine.pdbx_TLS_residual_ADP_flag               ? 
_refine.pdbx_overall_SU_R_free_Cruickshank_DPI   ? 
_refine.pdbx_overall_SU_R_Blow_DPI               ? 
_refine.pdbx_overall_SU_R_free_Blow_DPI          ? 
# 
_refine_hist.pdbx_refine_id                   'X-RAY DIFFRACTION' 
_refine_hist.cycle_id                         LAST 
_refine_hist.pdbx_number_atoms_protein        1486 
_refine_hist.pdbx_number_atoms_nucleic_acid   0 
_refine_hist.pdbx_number_atoms_ligand         8 
_refine_hist.number_atoms_solvent             139 
_refine_hist.number_atoms_total               1633 
_refine_hist.d_res_high                       1.700 
_refine_hist.d_res_low                        29.138 
# 
loop_
_refine_ls_restr.type 
_refine_ls_restr.dev_ideal 
_refine_ls_restr.dev_ideal_target 
_refine_ls_restr.weight 
_refine_ls_restr.number 
_refine_ls_restr.pdbx_refine_id 
_refine_ls_restr.pdbx_restraint_function 
f_bond_d           0.003  ? ? 1521 'X-RAY DIFFRACTION' ? 
f_angle_d          0.643  ? ? 2047 'X-RAY DIFFRACTION' ? 
f_dihedral_angle_d 13.305 ? ? 572  'X-RAY DIFFRACTION' ? 
f_chiral_restr     0.048  ? ? 217  'X-RAY DIFFRACTION' ? 
f_plane_restr      0.003  ? ? 266  'X-RAY DIFFRACTION' ? 
# 
loop_
_refine_ls_shell.pdbx_refine_id 
_refine_ls_shell.pdbx_total_number_of_bins_used 
_refine_ls_shell.d_res_high 
_refine_ls_shell.d_res_low 
_refine_ls_shell.number_reflns_R_work 
_refine_ls_shell.R_factor_R_work 
_refine_ls_shell.percent_reflns_obs 
_refine_ls_shell.R_factor_R_free 
_refine_ls_shell.R_factor_R_free_error 
_refine_ls_shell.percent_reflns_R_free 
_refine_ls_shell.number_reflns_R_free 
_refine_ls_shell.number_reflns_all 
_refine_ls_shell.R_factor_all 
_refine_ls_shell.redundancy_reflns_obs 
_refine_ls_shell.number_reflns_obs 
'X-RAY DIFFRACTION' . 1.7004 1.8069  2064 0.2229 79.00  0.2686 . . 107 . . . . 
'X-RAY DIFFRACTION' . 1.8069 1.9464  2628 0.1965 99.00  0.2381 . . 127 . . . . 
'X-RAY DIFFRACTION' . 1.9464 2.1422  2656 0.1814 100.00 0.2297 . . 139 . . . . 
'X-RAY DIFFRACTION' . 2.1422 2.4520  2640 0.1799 100.00 0.2517 . . 142 . . . . 
'X-RAY DIFFRACTION' . 2.4520 3.0887  2741 0.1813 100.00 0.2363 . . 113 . . . . 
'X-RAY DIFFRACTION' . 3.0887 29.1424 2811 0.1796 100.00 0.1977 . . 149 . . . . 
# 
_struct.entry_id                  3KJ0 
_struct.title                     'Mcl-1 in complex with Bim BH3 mutant I2dY' 
_struct.pdbx_model_details        ? 
_struct.pdbx_CASP_flag            ? 
_struct.pdbx_model_type_details   ? 
# 
_struct_keywords.entry_id        3KJ0 
_struct_keywords.text            
;bcl-2, bh3, apoptosis, protein-peptide complex, Alternative splicing, Cytoplasm, Developmental protein, Differentiation, Isopeptide bond, Membrane, Mitochondrion, Nucleus, Phosphoprotein, Polymorphism, Transmembrane, Ubl conjugation
;
_struct_keywords.pdbx_keywords   APOPTOSIS 
# 
loop_
_struct_asym.id 
_struct_asym.pdbx_blank_PDB_chainid_flag 
_struct_asym.pdbx_modified 
_struct_asym.entity_id 
_struct_asym.details 
A N N 1 ? 
B N N 2 ? 
C N N 3 ? 
D N N 4 ? 
E N N 4 ? 
# 
loop_
_struct_ref.id 
_struct_ref.db_name 
_struct_ref.db_code 
_struct_ref.pdbx_db_accession 
_struct_ref.entity_id 
_struct_ref.pdbx_seq_one_letter_code 
_struct_ref.pdbx_align_begin 
_struct_ref.pdbx_db_isoform 
1 UNP MCL1_HUMAN  Q07820 1 
;DELYRQSLEIISRYLREQATGAKDTKPMGRSGATSRKALETLRRVGDGVQRNHETAFQGMLRKLDIKNEDDVKSLSRVMI
HVFSDGVTNWGRIVTLISFGAFVAKHLKTINQESCIEPLAESITDVLVRTKRDWLVKQRGWDGFVEFFHVEDLEGG
;
172 ? 
2 UNP B2L11_HUMAN O43521 2 RPEIWIAQELRRIGDEFNAYYAR 143 ? 
# 
loop_
_struct_ref_seq.align_id 
_struct_ref_seq.ref_id 
_struct_ref_seq.pdbx_PDB_id_code 
_struct_ref_seq.pdbx_strand_id 
_struct_ref_seq.seq_align_beg 
_struct_ref_seq.pdbx_seq_align_beg_ins_code 
_struct_ref_seq.seq_align_end 
_struct_ref_seq.pdbx_seq_align_end_ins_code 
_struct_ref_seq.pdbx_db_accession 
_struct_ref_seq.db_align_beg 
_struct_ref_seq.pdbx_db_align_beg_ins_code 
_struct_ref_seq.db_align_end 
_struct_ref_seq.pdbx_db_align_end_ins_code 
_struct_ref_seq.pdbx_auth_seq_align_beg 
_struct_ref_seq.pdbx_auth_seq_align_end 
1 1 3KJ0 A 3 ? 158 ? Q07820 172 ? 327 ? 172 327 
2 2 3KJ0 B 5 ? 27  ? O43521 143 ? 165 ? 1   23  
# 
loop_
_struct_ref_seq_dif.align_id 
_struct_ref_seq_dif.pdbx_pdb_id_code 
_struct_ref_seq_dif.mon_id 
_struct_ref_seq_dif.pdbx_pdb_strand_id 
_struct_ref_seq_dif.seq_num 
_struct_ref_seq_dif.pdbx_pdb_ins_code 
_struct_ref_seq_dif.pdbx_seq_db_name 
_struct_ref_seq_dif.pdbx_seq_db_accession_code 
_struct_ref_seq_dif.db_mon_id 
_struct_ref_seq_dif.pdbx_seq_db_seq_num 
_struct_ref_seq_dif.details 
_struct_ref_seq_dif.pdbx_auth_seq_num 
_struct_ref_seq_dif.pdbx_ordinal 
1 3KJ0 GLY A 1  ? UNP Q07820 ?   ?   'expression tag'      170 1 
1 3KJ0 SER A 2  ? UNP Q07820 ?   ?   'expression tag'      171 2 
2 3KJ0 GLY B 1  ? UNP O43521 ?   ?   'expression tag'      -3  3 
2 3KJ0 SER B 2  ? UNP O43521 ?   ?   'expression tag'      -2  4 
2 3KJ0 GLY B 3  ? UNP O43521 ?   ?   'expression tag'      -1  5 
2 3KJ0 GLY B 4  ? UNP O43521 ?   ?   'expression tag'      0   6 
2 3KJ0 TYR B 10 ? UNP O43521 ILE 148 'engineered mutation' 6   7 
# 
_pdbx_struct_assembly.id                   1 
_pdbx_struct_assembly.details              author_and_software_defined_assembly 
_pdbx_struct_assembly.method_details       PISA 
_pdbx_struct_assembly.oligomeric_details   dimeric 
_pdbx_struct_assembly.oligomeric_count     2 
# 
loop_
_pdbx_struct_assembly_prop.biol_id 
_pdbx_struct_assembly_prop.type 
_pdbx_struct_assembly_prop.value 
_pdbx_struct_assembly_prop.details 
1 'ABSA (A^2)' 2210 ? 
1 MORE         -10  ? 
1 'SSA (A^2)'  9560 ? 
# 
_pdbx_struct_assembly_gen.assembly_id       1 
_pdbx_struct_assembly_gen.oper_expression   1 
_pdbx_struct_assembly_gen.asym_id_list      A,B,C,D,E 
# 
_pdbx_struct_oper_list.id                   1 
_pdbx_struct_oper_list.type                 'identity operation' 
_pdbx_struct_oper_list.name                 1_555 
_pdbx_struct_oper_list.symmetry_operation   x,y,z 
_pdbx_struct_oper_list.matrix[1][1]         1.0000000000 
_pdbx_struct_oper_list.matrix[1][2]         0.0000000000 
_pdbx_struct_oper_list.matrix[1][3]         0.0000000000 
_pdbx_struct_oper_list.vector[1]            0.0000000000 
_pdbx_struct_oper_list.matrix[2][1]         0.0000000000 
_pdbx_struct_oper_list.matrix[2][2]         1.0000000000 
_pdbx_struct_oper_list.matrix[2][3]         0.0000000000 
_pdbx_struct_oper_list.vector[2]            0.0000000000 
_pdbx_struct_oper_list.matrix[3][1]         0.0000000000 
_pdbx_struct_oper_list.matrix[3][2]         0.0000000000 
_pdbx_struct_oper_list.matrix[3][3]         1.0000000000 
_pdbx_struct_oper_list.vector[3]            0.0000000000 
# 
_struct_biol.id        1 
_struct_biol.details   ? 
# 
loop_
_struct_conf.conf_type_id 
_struct_conf.id 
_struct_conf.pdbx_PDB_helix_id 
_struct_conf.beg_label_comp_id 
_struct_conf.beg_label_asym_id 
_struct_conf.beg_label_seq_id 
_struct_conf.pdbx_beg_PDB_ins_code 
_struct_conf.end_label_comp_id 
_struct_conf.end_label_asym_id 
_struct_conf.end_label_seq_id 
_struct_conf.pdbx_end_PDB_ins_code 
_struct_conf.beg_auth_comp_id 
_struct_conf.beg_auth_asym_id 
_struct_conf.beg_auth_seq_id 
_struct_conf.end_auth_comp_id 
_struct_conf.end_auth_asym_id 
_struct_conf.end_auth_seq_id 
_struct_conf.pdbx_PDB_helix_class 
_struct_conf.details 
_struct_conf.pdbx_PDB_helix_length 
HELX_P HELX_P1 1 ASP A 3   ? GLY A 23  ? ASP A 172 GLY A 192 1 ? 21 
HELX_P HELX_P2 2 SER A 33  ? HIS A 55  ? SER A 202 HIS A 224 1 ? 23 
HELX_P HELX_P3 3 HIS A 55  ? ASP A 67  ? HIS A 224 ASP A 236 1 ? 13 
HELX_P HELX_P4 4 ASN A 70  ? PHE A 85  ? ASN A 239 PHE A 254 1 ? 16 
HELX_P HELX_P5 5 ASN A 91  ? ILE A 112 ? ASN A 260 ILE A 281 1 ? 22 
HELX_P HELX_P6 6 GLN A 114 ? SER A 116 ? GLN A 283 SER A 285 5 ? 3  
HELX_P HELX_P7 7 CYS A 117 ? GLN A 140 ? CYS A 286 GLN A 309 1 ? 24 
HELX_P HELX_P8 8 ARG A 141 ? PHE A 150 ? ARG A 310 PHE A 319 1 ? 10 
HELX_P HELX_P9 9 ARG B 5   ? ALA B 26  ? ARG B 1   ALA B 22  1 ? 22 
# 
_struct_conf_type.id          HELX_P 
_struct_conf_type.criteria    ? 
_struct_conf_type.reference   ? 
# 
_struct_site.id                   AC1 
_struct_site.pdbx_evidence_code   Software 
_struct_site.pdbx_auth_asym_id    B 
_struct_site.pdbx_auth_comp_id    TRS 
_struct_site.pdbx_auth_seq_id     7359 
_struct_site.pdbx_auth_ins_code   ? 
_struct_site.pdbx_num_residues    10 
_struct_site.details              'BINDING SITE FOR RESIDUE TRS B 7359' 
# 
loop_
_struct_site_gen.id 
_struct_site_gen.site_id 
_struct_site_gen.pdbx_num_res 
_struct_site_gen.label_comp_id 
_struct_site_gen.label_asym_id 
_struct_site_gen.label_seq_id 
_struct_site_gen.pdbx_auth_ins_code 
_struct_site_gen.auth_comp_id 
_struct_site_gen.auth_asym_id 
_struct_site_gen.auth_seq_id 
_struct_site_gen.label_atom_id 
_struct_site_gen.label_alt_id 
_struct_site_gen.symmetry 
_struct_site_gen.details 
1  AC1 10 HOH D .  ? HOH A 121 . ? 3_545 ? 
2  AC1 10 GLU A 4  ? GLU A 173 . ? 3_545 ? 
3  AC1 10 LEU A 5  ? LEU A 174 . ? 3_545 ? 
4  AC1 10 GLN A 8  ? GLN A 177 . ? 3_545 ? 
5  AC1 10 SER A 33 ? SER A 202 . ? 3_545 ? 
6  AC1 10 GLU B 20 ? GLU B 16  . ? 1_555 ? 
7  AC1 10 ALA B 23 ? ALA B 19  . ? 1_555 ? 
8  AC1 10 TYR B 24 ? TYR B 20  . ? 1_555 ? 
9  AC1 10 HOH E .  ? HOH B 37  . ? 1_555 ? 
10 AC1 10 HOH E .  ? HOH B 98  . ? 1_555 ? 
# 
loop_
_pdbx_unobs_or_zero_occ_residues.id 
_pdbx_unobs_or_zero_occ_residues.PDB_model_num 
_pdbx_unobs_or_zero_occ_residues.polymer_flag 
_pdbx_unobs_or_zero_occ_residues.occupancy_flag 
_pdbx_unobs_or_zero_occ_residues.auth_asym_id 
_pdbx_unobs_or_zero_occ_residues.auth_comp_id 
_pdbx_unobs_or_zero_occ_residues.auth_seq_id 
_pdbx_unobs_or_zero_occ_residues.PDB_ins_code 
_pdbx_unobs_or_zero_occ_residues.label_asym_id 
_pdbx_unobs_or_zero_occ_residues.label_comp_id 
_pdbx_unobs_or_zero_occ_residues.label_seq_id 
1 1 Y 1 A GLY 327 ? A GLY 158 
2 1 Y 1 B GLY -3  ? B GLY 1   
3 1 Y 1 B SER -2  ? B SER 2   
4 1 Y 1 B GLY -1  ? B GLY 3   
# 
loop_
_chem_comp_atom.comp_id 
_chem_comp_atom.atom_id 
_chem_comp_atom.type_symbol 
_chem_comp_atom.pdbx_aromatic_flag 
_chem_comp_atom.pdbx_stereo_config 
_chem_comp_atom.pdbx_ordinal 
ALA N    N N N 1   
ALA CA   C N S 2   
ALA C    C N N 3   
ALA O    O N N 4   
ALA CB   C N N 5   
ALA OXT  O N N 6   
ALA H    H N N 7   
ALA H2   H N N 8   
ALA HA   H N N 9   
ALA HB1  H N N 10  
ALA HB2  H N N 11  
ALA HB3  H N N 12  
ALA HXT  H N N 13  
ARG N    N N N 14  
ARG CA   C N S 15  
ARG C    C N N 16  
ARG O    O N N 17  
ARG CB   C N N 18  
ARG CG   C N N 19  
ARG CD   C N N 20  
ARG NE   N N N 21  
ARG CZ   C N N 22  
ARG NH1  N N N 23  
ARG NH2  N N N 24  
ARG OXT  O N N 25  
ARG H    H N N 26  
ARG H2   H N N 27  
ARG HA   H N N 28  
ARG HB2  H N N 29  
ARG HB3  H N N 30  
ARG HG2  H N N 31  
ARG HG3  H N N 32  
ARG HD2  H N N 33  
ARG HD3  H N N 34  
ARG HE   H N N 35  
ARG HH11 H N N 36  
ARG HH12 H N N 37  
ARG HH21 H N N 38  
ARG HH22 H N N 39  
ARG HXT  H N N 40  
ASN N    N N N 41  
ASN CA   C N S 42  
ASN C    C N N 43  
ASN O    O N N 44  
ASN CB   C N N 45  
ASN CG   C N N 46  
ASN OD1  O N N 47  
ASN ND2  N N N 48  
ASN OXT  O N N 49  
ASN H    H N N 50  
ASN H2   H N N 51  
ASN HA   H N N 52  
ASN HB2  H N N 53  
ASN HB3  H N N 54  
ASN HD21 H N N 55  
ASN HD22 H N N 56  
ASN HXT  H N N 57  
ASP N    N N N 58  
ASP CA   C N S 59  
ASP C    C N N 60  
ASP O    O N N 61  
ASP CB   C N N 62  
ASP CG   C N N 63  
ASP OD1  O N N 64  
ASP OD2  O N N 65  
ASP OXT  O N N 66  
ASP H    H N N 67  
ASP H2   H N N 68  
ASP HA   H N N 69  
ASP HB2  H N N 70  
ASP HB3  H N N 71  
ASP HD2  H N N 72  
ASP HXT  H N N 73  
CYS N    N N N 74  
CYS CA   C N R 75  
CYS C    C N N 76  
CYS O    O N N 77  
CYS CB   C N N 78  
CYS SG   S N N 79  
CYS OXT  O N N 80  
CYS H    H N N 81  
CYS H2   H N N 82  
CYS HA   H N N 83  
CYS HB2  H N N 84  
CYS HB3  H N N 85  
CYS HG   H N N 86  
CYS HXT  H N N 87  
GLN N    N N N 88  
GLN CA   C N S 89  
GLN C    C N N 90  
GLN O    O N N 91  
GLN CB   C N N 92  
GLN CG   C N N 93  
GLN CD   C N N 94  
GLN OE1  O N N 95  
GLN NE2  N N N 96  
GLN OXT  O N N 97  
GLN H    H N N 98  
GLN H2   H N N 99  
GLN HA   H N N 100 
GLN HB2  H N N 101 
GLN HB3  H N N 102 
GLN HG2  H N N 103 
GLN HG3  H N N 104 
GLN HE21 H N N 105 
GLN HE22 H N N 106 
GLN HXT  H N N 107 
GLU N    N N N 108 
GLU CA   C N S 109 
GLU C    C N N 110 
GLU O    O N N 111 
GLU CB   C N N 112 
GLU CG   C N N 113 
GLU CD   C N N 114 
GLU OE1  O N N 115 
GLU OE2  O N N 116 
GLU OXT  O N N 117 
GLU H    H N N 118 
GLU H2   H N N 119 
GLU HA   H N N 120 
GLU HB2  H N N 121 
GLU HB3  H N N 122 
GLU HG2  H N N 123 
GLU HG3  H N N 124 
GLU HE2  H N N 125 
GLU HXT  H N N 126 
GLY N    N N N 127 
GLY CA   C N N 128 
GLY C    C N N 129 
GLY O    O N N 130 
GLY OXT  O N N 131 
GLY H    H N N 132 
GLY H2   H N N 133 
GLY HA2  H N N 134 
GLY HA3  H N N 135 
GLY HXT  H N N 136 
HIS N    N N N 137 
HIS CA   C N S 138 
HIS C    C N N 139 
HIS O    O N N 140 
HIS CB   C N N 141 
HIS CG   C Y N 142 
HIS ND1  N Y N 143 
HIS CD2  C Y N 144 
HIS CE1  C Y N 145 
HIS NE2  N Y N 146 
HIS OXT  O N N 147 
HIS H    H N N 148 
HIS H2   H N N 149 
HIS HA   H N N 150 
HIS HB2  H N N 151 
HIS HB3  H N N 152 
HIS HD1  H N N 153 
HIS HD2  H N N 154 
HIS HE1  H N N 155 
HIS HE2  H N N 156 
HIS HXT  H N N 157 
HOH O    O N N 158 
HOH H1   H N N 159 
HOH H2   H N N 160 
ILE N    N N N 161 
ILE CA   C N S 162 
ILE C    C N N 163 
ILE O    O N N 164 
ILE CB   C N S 165 
ILE CG1  C N N 166 
ILE CG2  C N N 167 
ILE CD1  C N N 168 
ILE OXT  O N N 169 
ILE H    H N N 170 
ILE H2   H N N 171 
ILE HA   H N N 172 
ILE HB   H N N 173 
ILE HG12 H N N 174 
ILE HG13 H N N 175 
ILE HG21 H N N 176 
ILE HG22 H N N 177 
ILE HG23 H N N 178 
ILE HD11 H N N 179 
ILE HD12 H N N 180 
ILE HD13 H N N 181 
ILE HXT  H N N 182 
LEU N    N N N 183 
LEU CA   C N S 184 
LEU C    C N N 185 
LEU O    O N N 186 
LEU CB   C N N 187 
LEU CG   C N N 188 
LEU CD1  C N N 189 
LEU CD2  C N N 190 
LEU OXT  O N N 191 
LEU H    H N N 192 
LEU H2   H N N 193 
LEU HA   H N N 194 
LEU HB2  H N N 195 
LEU HB3  H N N 196 
LEU HG   H N N 197 
LEU HD11 H N N 198 
LEU HD12 H N N 199 
LEU HD13 H N N 200 
LEU HD21 H N N 201 
LEU HD22 H N N 202 
LEU HD23 H N N 203 
LEU HXT  H N N 204 
LYS N    N N N 205 
LYS CA   C N S 206 
LYS C    C N N 207 
LYS O    O N N 208 
LYS CB   C N N 209 
LYS CG   C N N 210 
LYS CD   C N N 211 
LYS CE   C N N 212 
LYS NZ   N N N 213 
LYS OXT  O N N 214 
LYS H    H N N 215 
LYS H2   H N N 216 
LYS HA   H N N 217 
LYS HB2  H N N 218 
LYS HB3  H N N 219 
LYS HG2  H N N 220 
LYS HG3  H N N 221 
LYS HD2  H N N 222 
LYS HD3  H N N 223 
LYS HE2  H N N 224 
LYS HE3  H N N 225 
LYS HZ1  H N N 226 
LYS HZ2  H N N 227 
LYS HZ3  H N N 228 
LYS HXT  H N N 229 
MET N    N N N 230 
MET CA   C N S 231 
MET C    C N N 232 
MET O    O N N 233 
MET CB   C N N 234 
MET CG   C N N 235 
MET SD   S N N 236 
MET CE   C N N 237 
MET OXT  O N N 238 
MET H    H N N 239 
MET H2   H N N 240 
MET HA   H N N 241 
MET HB2  H N N 242 
MET HB3  H N N 243 
MET HG2  H N N 244 
MET HG3  H N N 245 
MET HE1  H N N 246 
MET HE2  H N N 247 
MET HE3  H N N 248 
MET HXT  H N N 249 
PHE N    N N N 250 
PHE CA   C N S 251 
PHE C    C N N 252 
PHE O    O N N 253 
PHE CB   C N N 254 
PHE CG   C Y N 255 
PHE CD1  C Y N 256 
PHE CD2  C Y N 257 
PHE CE1  C Y N 258 
PHE CE2  C Y N 259 
PHE CZ   C Y N 260 
PHE OXT  O N N 261 
PHE H    H N N 262 
PHE H2   H N N 263 
PHE HA   H N N 264 
PHE HB2  H N N 265 
PHE HB3  H N N 266 
PHE HD1  H N N 267 
PHE HD2  H N N 268 
PHE HE1  H N N 269 
PHE HE2  H N N 270 
PHE HZ   H N N 271 
PHE HXT  H N N 272 
PRO N    N N N 273 
PRO CA   C N S 274 
PRO C    C N N 275 
PRO O    O N N 276 
PRO CB   C N N 277 
PRO CG   C N N 278 
PRO CD   C N N 279 
PRO OXT  O N N 280 
PRO H    H N N 281 
PRO HA   H N N 282 
PRO HB2  H N N 283 
PRO HB3  H N N 284 
PRO HG2  H N N 285 
PRO HG3  H N N 286 
PRO HD2  H N N 287 
PRO HD3  H N N 288 
PRO HXT  H N N 289 
SER N    N N N 290 
SER CA   C N S 291 
SER C    C N N 292 
SER O    O N N 293 
SER CB   C N N 294 
SER OG   O N N 295 
SER OXT  O N N 296 
SER H    H N N 297 
SER H2   H N N 298 
SER HA   H N N 299 
SER HB2  H N N 300 
SER HB3  H N N 301 
SER HG   H N N 302 
SER HXT  H N N 303 
THR N    N N N 304 
THR CA   C N S 305 
THR C    C N N 306 
THR O    O N N 307 
THR CB   C N R 308 
THR OG1  O N N 309 
THR CG2  C N N 310 
THR OXT  O N N 311 
THR H    H N N 312 
THR H2   H N N 313 
THR HA   H N N 314 
THR HB   H N N 315 
THR HG1  H N N 316 
THR HG21 H N N 317 
THR HG22 H N N 318 
THR HG23 H N N 319 
THR HXT  H N N 320 
TRP N    N N N 321 
TRP CA   C N S 322 
TRP C    C N N 323 
TRP O    O N N 324 
TRP CB   C N N 325 
TRP CG   C Y N 326 
TRP CD1  C Y N 327 
TRP CD2  C Y N 328 
TRP NE1  N Y N 329 
TRP CE2  C Y N 330 
TRP CE3  C Y N 331 
TRP CZ2  C Y N 332 
TRP CZ3  C Y N 333 
TRP CH2  C Y N 334 
TRP OXT  O N N 335 
TRP H    H N N 336 
TRP H2   H N N 337 
TRP HA   H N N 338 
TRP HB2  H N N 339 
TRP HB3  H N N 340 
TRP HD1  H N N 341 
TRP HE1  H N N 342 
TRP HE3  H N N 343 
TRP HZ2  H N N 344 
TRP HZ3  H N N 345 
TRP HH2  H N N 346 
TRP HXT  H N N 347 
TRS C    C N N 348 
TRS C1   C N N 349 
TRS C2   C N N 350 
TRS C3   C N N 351 
TRS N    N N N 352 
TRS O1   O N N 353 
TRS O2   O N N 354 
TRS O3   O N N 355 
TRS H11  H N N 356 
TRS H12  H N N 357 
TRS H21  H N N 358 
TRS H22  H N N 359 
TRS H31  H N N 360 
TRS H32  H N N 361 
TRS HN1  H N N 362 
TRS HN2  H N N 363 
TRS HN3  H N N 364 
TRS HO1  H N N 365 
TRS HO2  H N N 366 
TRS HO3  H N N 367 
TYR N    N N N 368 
TYR CA   C N S 369 
TYR C    C N N 370 
TYR O    O N N 371 
TYR CB   C N N 372 
TYR CG   C Y N 373 
TYR CD1  C Y N 374 
TYR CD2  C Y N 375 
TYR CE1  C Y N 376 
TYR CE2  C Y N 377 
TYR CZ   C Y N 378 
TYR OH   O N N 379 
TYR OXT  O N N 380 
TYR H    H N N 381 
TYR H2   H N N 382 
TYR HA   H N N 383 
TYR HB2  H N N 384 
TYR HB3  H N N 385 
TYR HD1  H N N 386 
TYR HD2  H N N 387 
TYR HE1  H N N 388 
TYR HE2  H N N 389 
TYR HH   H N N 390 
TYR HXT  H N N 391 
VAL N    N N N 392 
VAL CA   C N S 393 
VAL C    C N N 394 
VAL O    O N N 395 
VAL CB   C N N 396 
VAL CG1  C N N 397 
VAL CG2  C N N 398 
VAL OXT  O N N 399 
VAL H    H N N 400 
VAL H2   H N N 401 
VAL HA   H N N 402 
VAL HB   H N N 403 
VAL HG11 H N N 404 
VAL HG12 H N N 405 
VAL HG13 H N N 406 
VAL HG21 H N N 407 
VAL HG22 H N N 408 
VAL HG23 H N N 409 
VAL HXT  H N N 410 
# 
loop_
_chem_comp_bond.comp_id 
_chem_comp_bond.atom_id_1 
_chem_comp_bond.atom_id_2 
_chem_comp_bond.value_order 
_chem_comp_bond.pdbx_aromatic_flag 
_chem_comp_bond.pdbx_stereo_config 
_chem_comp_bond.pdbx_ordinal 
ALA N   CA   sing N N 1   
ALA N   H    sing N N 2   
ALA N   H2   sing N N 3   
ALA CA  C    sing N N 4   
ALA CA  CB   sing N N 5   
ALA CA  HA   sing N N 6   
ALA C   O    doub N N 7   
ALA C   OXT  sing N N 8   
ALA CB  HB1  sing N N 9   
ALA CB  HB2  sing N N 10  
ALA CB  HB3  sing N N 11  
ALA OXT HXT  sing N N 12  
ARG N   CA   sing N N 13  
ARG N   H    sing N N 14  
ARG N   H2   sing N N 15  
ARG CA  C    sing N N 16  
ARG CA  CB   sing N N 17  
ARG CA  HA   sing N N 18  
ARG C   O    doub N N 19  
ARG C   OXT  sing N N 20  
ARG CB  CG   sing N N 21  
ARG CB  HB2  sing N N 22  
ARG CB  HB3  sing N N 23  
ARG CG  CD   sing N N 24  
ARG CG  HG2  sing N N 25  
ARG CG  HG3  sing N N 26  
ARG CD  NE   sing N N 27  
ARG CD  HD2  sing N N 28  
ARG CD  HD3  sing N N 29  
ARG NE  CZ   sing N N 30  
ARG NE  HE   sing N N 31  
ARG CZ  NH1  sing N N 32  
ARG CZ  NH2  doub N N 33  
ARG NH1 HH11 sing N N 34  
ARG NH1 HH12 sing N N 35  
ARG NH2 HH21 sing N N 36  
ARG NH2 HH22 sing N N 37  
ARG OXT HXT  sing N N 38  
ASN N   CA   sing N N 39  
ASN N   H    sing N N 40  
ASN N   H2   sing N N 41  
ASN CA  C    sing N N 42  
ASN CA  CB   sing N N 43  
ASN CA  HA   sing N N 44  
ASN C   O    doub N N 45  
ASN C   OXT  sing N N 46  
ASN CB  CG   sing N N 47  
ASN CB  HB2  sing N N 48  
ASN CB  HB3  sing N N 49  
ASN CG  OD1  doub N N 50  
ASN CG  ND2  sing N N 51  
ASN ND2 HD21 sing N N 52  
ASN ND2 HD22 sing N N 53  
ASN OXT HXT  sing N N 54  
ASP N   CA   sing N N 55  
ASP N   H    sing N N 56  
ASP N   H2   sing N N 57  
ASP CA  C    sing N N 58  
ASP CA  CB   sing N N 59  
ASP CA  HA   sing N N 60  
ASP C   O    doub N N 61  
ASP C   OXT  sing N N 62  
ASP CB  CG   sing N N 63  
ASP CB  HB2  sing N N 64  
ASP CB  HB3  sing N N 65  
ASP CG  OD1  doub N N 66  
ASP CG  OD2  sing N N 67  
ASP OD2 HD2  sing N N 68  
ASP OXT HXT  sing N N 69  
CYS N   CA   sing N N 70  
CYS N   H    sing N N 71  
CYS N   H2   sing N N 72  
CYS CA  C    sing N N 73  
CYS CA  CB   sing N N 74  
CYS CA  HA   sing N N 75  
CYS C   O    doub N N 76  
CYS C   OXT  sing N N 77  
CYS CB  SG   sing N N 78  
CYS CB  HB2  sing N N 79  
CYS CB  HB3  sing N N 80  
CYS SG  HG   sing N N 81  
CYS OXT HXT  sing N N 82  
GLN N   CA   sing N N 83  
GLN N   H    sing N N 84  
GLN N   H2   sing N N 85  
GLN CA  C    sing N N 86  
GLN CA  CB   sing N N 87  
GLN CA  HA   sing N N 88  
GLN C   O    doub N N 89  
GLN C   OXT  sing N N 90  
GLN CB  CG   sing N N 91  
GLN CB  HB2  sing N N 92  
GLN CB  HB3  sing N N 93  
GLN CG  CD   sing N N 94  
GLN CG  HG2  sing N N 95  
GLN CG  HG3  sing N N 96  
GLN CD  OE1  doub N N 97  
GLN CD  NE2  sing N N 98  
GLN NE2 HE21 sing N N 99  
GLN NE2 HE22 sing N N 100 
GLN OXT HXT  sing N N 101 
GLU N   CA   sing N N 102 
GLU N   H    sing N N 103 
GLU N   H2   sing N N 104 
GLU CA  C    sing N N 105 
GLU CA  CB   sing N N 106 
GLU CA  HA   sing N N 107 
GLU C   O    doub N N 108 
GLU C   OXT  sing N N 109 
GLU CB  CG   sing N N 110 
GLU CB  HB2  sing N N 111 
GLU CB  HB3  sing N N 112 
GLU CG  CD   sing N N 113 
GLU CG  HG2  sing N N 114 
GLU CG  HG3  sing N N 115 
GLU CD  OE1  doub N N 116 
GLU CD  OE2  sing N N 117 
GLU OE2 HE2  sing N N 118 
GLU OXT HXT  sing N N 119 
GLY N   CA   sing N N 120 
GLY N   H    sing N N 121 
GLY N   H2   sing N N 122 
GLY CA  C    sing N N 123 
GLY CA  HA2  sing N N 124 
GLY CA  HA3  sing N N 125 
GLY C   O    doub N N 126 
GLY C   OXT  sing N N 127 
GLY OXT HXT  sing N N 128 
HIS N   CA   sing N N 129 
HIS N   H    sing N N 130 
HIS N   H2   sing N N 131 
HIS CA  C    sing N N 132 
HIS CA  CB   sing N N 133 
HIS CA  HA   sing N N 134 
HIS C   O    doub N N 135 
HIS C   OXT  sing N N 136 
HIS CB  CG   sing N N 137 
HIS CB  HB2  sing N N 138 
HIS CB  HB3  sing N N 139 
HIS CG  ND1  sing Y N 140 
HIS CG  CD2  doub Y N 141 
HIS ND1 CE1  doub Y N 142 
HIS ND1 HD1  sing N N 143 
HIS CD2 NE2  sing Y N 144 
HIS CD2 HD2  sing N N 145 
HIS CE1 NE2  sing Y N 146 
HIS CE1 HE1  sing N N 147 
HIS NE2 HE2  sing N N 148 
HIS OXT HXT  sing N N 149 
HOH O   H1   sing N N 150 
HOH O   H2   sing N N 151 
ILE N   CA   sing N N 152 
ILE N   H    sing N N 153 
ILE N   H2   sing N N 154 
ILE CA  C    sing N N 155 
ILE CA  CB   sing N N 156 
ILE CA  HA   sing N N 157 
ILE C   O    doub N N 158 
ILE C   OXT  sing N N 159 
ILE CB  CG1  sing N N 160 
ILE CB  CG2  sing N N 161 
ILE CB  HB   sing N N 162 
ILE CG1 CD1  sing N N 163 
ILE CG1 HG12 sing N N 164 
ILE CG1 HG13 sing N N 165 
ILE CG2 HG21 sing N N 166 
ILE CG2 HG22 sing N N 167 
ILE CG2 HG23 sing N N 168 
ILE CD1 HD11 sing N N 169 
ILE CD1 HD12 sing N N 170 
ILE CD1 HD13 sing N N 171 
ILE OXT HXT  sing N N 172 
LEU N   CA   sing N N 173 
LEU N   H    sing N N 174 
LEU N   H2   sing N N 175 
LEU CA  C    sing N N 176 
LEU CA  CB   sing N N 177 
LEU CA  HA   sing N N 178 
LEU C   O    doub N N 179 
LEU C   OXT  sing N N 180 
LEU CB  CG   sing N N 181 
LEU CB  HB2  sing N N 182 
LEU CB  HB3  sing N N 183 
LEU CG  CD1  sing N N 184 
LEU CG  CD2  sing N N 185 
LEU CG  HG   sing N N 186 
LEU CD1 HD11 sing N N 187 
LEU CD1 HD12 sing N N 188 
LEU CD1 HD13 sing N N 189 
LEU CD2 HD21 sing N N 190 
LEU CD2 HD22 sing N N 191 
LEU CD2 HD23 sing N N 192 
LEU OXT HXT  sing N N 193 
LYS N   CA   sing N N 194 
LYS N   H    sing N N 195 
LYS N   H2   sing N N 196 
LYS CA  C    sing N N 197 
LYS CA  CB   sing N N 198 
LYS CA  HA   sing N N 199 
LYS C   O    doub N N 200 
LYS C   OXT  sing N N 201 
LYS CB  CG   sing N N 202 
LYS CB  HB2  sing N N 203 
LYS CB  HB3  sing N N 204 
LYS CG  CD   sing N N 205 
LYS CG  HG2  sing N N 206 
LYS CG  HG3  sing N N 207 
LYS CD  CE   sing N N 208 
LYS CD  HD2  sing N N 209 
LYS CD  HD3  sing N N 210 
LYS CE  NZ   sing N N 211 
LYS CE  HE2  sing N N 212 
LYS CE  HE3  sing N N 213 
LYS NZ  HZ1  sing N N 214 
LYS NZ  HZ2  sing N N 215 
LYS NZ  HZ3  sing N N 216 
LYS OXT HXT  sing N N 217 
MET N   CA   sing N N 218 
MET N   H    sing N N 219 
MET N   H2   sing N N 220 
MET CA  C    sing N N 221 
MET CA  CB   sing N N 222 
MET CA  HA   sing N N 223 
MET C   O    doub N N 224 
MET C   OXT  sing N N 225 
MET CB  CG   sing N N 226 
MET CB  HB2  sing N N 227 
MET CB  HB3  sing N N 228 
MET CG  SD   sing N N 229 
MET CG  HG2  sing N N 230 
MET CG  HG3  sing N N 231 
MET SD  CE   sing N N 232 
MET CE  HE1  sing N N 233 
MET CE  HE2  sing N N 234 
MET CE  HE3  sing N N 235 
MET OXT HXT  sing N N 236 
PHE N   CA   sing N N 237 
PHE N   H    sing N N 238 
PHE N   H2   sing N N 239 
PHE CA  C    sing N N 240 
PHE CA  CB   sing N N 241 
PHE CA  HA   sing N N 242 
PHE C   O    doub N N 243 
PHE C   OXT  sing N N 244 
PHE CB  CG   sing N N 245 
PHE CB  HB2  sing N N 246 
PHE CB  HB3  sing N N 247 
PHE CG  CD1  doub Y N 248 
PHE CG  CD2  sing Y N 249 
PHE CD1 CE1  sing Y N 250 
PHE CD1 HD1  sing N N 251 
PHE CD2 CE2  doub Y N 252 
PHE CD2 HD2  sing N N 253 
PHE CE1 CZ   doub Y N 254 
PHE CE1 HE1  sing N N 255 
PHE CE2 CZ   sing Y N 256 
PHE CE2 HE2  sing N N 257 
PHE CZ  HZ   sing N N 258 
PHE OXT HXT  sing N N 259 
PRO N   CA   sing N N 260 
PRO N   CD   sing N N 261 
PRO N   H    sing N N 262 
PRO CA  C    sing N N 263 
PRO CA  CB   sing N N 264 
PRO CA  HA   sing N N 265 
PRO C   O    doub N N 266 
PRO C   OXT  sing N N 267 
PRO CB  CG   sing N N 268 
PRO CB  HB2  sing N N 269 
PRO CB  HB3  sing N N 270 
PRO CG  CD   sing N N 271 
PRO CG  HG2  sing N N 272 
PRO CG  HG3  sing N N 273 
PRO CD  HD2  sing N N 274 
PRO CD  HD3  sing N N 275 
PRO OXT HXT  sing N N 276 
SER N   CA   sing N N 277 
SER N   H    sing N N 278 
SER N   H2   sing N N 279 
SER CA  C    sing N N 280 
SER CA  CB   sing N N 281 
SER CA  HA   sing N N 282 
SER C   O    doub N N 283 
SER C   OXT  sing N N 284 
SER CB  OG   sing N N 285 
SER CB  HB2  sing N N 286 
SER CB  HB3  sing N N 287 
SER OG  HG   sing N N 288 
SER OXT HXT  sing N N 289 
THR N   CA   sing N N 290 
THR N   H    sing N N 291 
THR N   H2   sing N N 292 
THR CA  C    sing N N 293 
THR CA  CB   sing N N 294 
THR CA  HA   sing N N 295 
THR C   O    doub N N 296 
THR C   OXT  sing N N 297 
THR CB  OG1  sing N N 298 
THR CB  CG2  sing N N 299 
THR CB  HB   sing N N 300 
THR OG1 HG1  sing N N 301 
THR CG2 HG21 sing N N 302 
THR CG2 HG22 sing N N 303 
THR CG2 HG23 sing N N 304 
THR OXT HXT  sing N N 305 
TRP N   CA   sing N N 306 
TRP N   H    sing N N 307 
TRP N   H2   sing N N 308 
TRP CA  C    sing N N 309 
TRP CA  CB   sing N N 310 
TRP CA  HA   sing N N 311 
TRP C   O    doub N N 312 
TRP C   OXT  sing N N 313 
TRP CB  CG   sing N N 314 
TRP CB  HB2  sing N N 315 
TRP CB  HB3  sing N N 316 
TRP CG  CD1  doub Y N 317 
TRP CG  CD2  sing Y N 318 
TRP CD1 NE1  sing Y N 319 
TRP CD1 HD1  sing N N 320 
TRP CD2 CE2  doub Y N 321 
TRP CD2 CE3  sing Y N 322 
TRP NE1 CE2  sing Y N 323 
TRP NE1 HE1  sing N N 324 
TRP CE2 CZ2  sing Y N 325 
TRP CE3 CZ3  doub Y N 326 
TRP CE3 HE3  sing N N 327 
TRP CZ2 CH2  doub Y N 328 
TRP CZ2 HZ2  sing N N 329 
TRP CZ3 CH2  sing Y N 330 
TRP CZ3 HZ3  sing N N 331 
TRP CH2 HH2  sing N N 332 
TRP OXT HXT  sing N N 333 
TRS C   C1   sing N N 334 
TRS C   C2   sing N N 335 
TRS C   C3   sing N N 336 
TRS C   N    sing N N 337 
TRS C1  O1   sing N N 338 
TRS C1  H11  sing N N 339 
TRS C1  H12  sing N N 340 
TRS C2  O2   sing N N 341 
TRS C2  H21  sing N N 342 
TRS C2  H22  sing N N 343 
TRS C3  O3   sing N N 344 
TRS C3  H31  sing N N 345 
TRS C3  H32  sing N N 346 
TRS N   HN1  sing N N 347 
TRS N   HN2  sing N N 348 
TRS N   HN3  sing N N 349 
TRS O1  HO1  sing N N 350 
TRS O2  HO2  sing N N 351 
TRS O3  HO3  sing N N 352 
TYR N   CA   sing N N 353 
TYR N   H    sing N N 354 
TYR N   H2   sing N N 355 
TYR CA  C    sing N N 356 
TYR CA  CB   sing N N 357 
TYR CA  HA   sing N N 358 
TYR C   O    doub N N 359 
TYR C   OXT  sing N N 360 
TYR CB  CG   sing N N 361 
TYR CB  HB2  sing N N 362 
TYR CB  HB3  sing N N 363 
TYR CG  CD1  doub Y N 364 
TYR CG  CD2  sing Y N 365 
TYR CD1 CE1  sing Y N 366 
TYR CD1 HD1  sing N N 367 
TYR CD2 CE2  doub Y N 368 
TYR CD2 HD2  sing N N 369 
TYR CE1 CZ   doub Y N 370 
TYR CE1 HE1  sing N N 371 
TYR CE2 CZ   sing Y N 372 
TYR CE2 HE2  sing N N 373 
TYR CZ  OH   sing N N 374 
TYR OH  HH   sing N N 375 
TYR OXT HXT  sing N N 376 
VAL N   CA   sing N N 377 
VAL N   H    sing N N 378 
VAL N   H2   sing N N 379 
VAL CA  C    sing N N 380 
VAL CA  CB   sing N N 381 
VAL CA  HA   sing N N 382 
VAL C   O    doub N N 383 
VAL C   OXT  sing N N 384 
VAL CB  CG1  sing N N 385 
VAL CB  CG2  sing N N 386 
VAL CB  HB   sing N N 387 
VAL CG1 HG11 sing N N 388 
VAL CG1 HG12 sing N N 389 
VAL CG1 HG13 sing N N 390 
VAL CG2 HG21 sing N N 391 
VAL CG2 HG22 sing N N 392 
VAL CG2 HG23 sing N N 393 
VAL OXT HXT  sing N N 394 
# 
_atom_sites.entry_id                    3KJ0 
_atom_sites.fract_transf_matrix[1][1]   0.01543558 
_atom_sites.fract_transf_matrix[1][2]   0.00449071 
_atom_sites.fract_transf_matrix[1][3]   -0.01883699 
_atom_sites.fract_transf_matrix[2][1]   -0.01282173 
_atom_sites.fract_transf_matrix[2][2]   -0.00675038 
_atom_sites.fract_transf_matrix[2][3]   -0.01211578 
_atom_sites.fract_transf_matrix[3][1]   -0.00559552 
_atom_sites.fract_transf_matrix[3][2]   0.01320675 
_atom_sites.fract_transf_matrix[3][3]   -0.00143666 
_atom_sites.fract_transf_vector[1]      -0.215715 
_atom_sites.fract_transf_vector[2]      -0.041795 
_atom_sites.fract_transf_vector[3]      0.142891 
# 
loop_
_atom_type.symbol 
C 
N 
O 
S 
# 
loop_
_atom_site.group_PDB 
_atom_site.id 
_atom_site.type_symbol 
_atom_site.label_atom_id 
_atom_site.label_alt_id 
_atom_site.label_comp_id 
_atom_site.label_asym_id 
_atom_site.label_entity_id 
_atom_site.label_seq_id 
_atom_site.pdbx_PDB_ins_code 
_atom_site.Cartn_x 
_atom_site.Cartn_y 
_atom_site.Cartn_z 
_atom_site.occupancy 
_atom_site.B_iso_or_equiv 
_atom_site.pdbx_formal_charge 
_atom_site.auth_seq_id 
_atom_site.auth_comp_id 
_atom_site.auth_asym_id 
_atom_site.auth_atom_id 
_atom_site.pdbx_PDB_model_num 
ATOM   1    N N   . GLY A 1 1   ? -10.478 -13.372 -20.815 1.00 33.79 ? 170  GLY A N   1 
ATOM   2    C CA  . GLY A 1 1   ? -10.749 -12.077 -20.219 1.00 53.12 ? 170  GLY A CA  1 
ATOM   3    C C   . GLY A 1 1   ? -10.471 -12.018 -18.728 1.00 53.72 ? 170  GLY A C   1 
ATOM   4    O O   . GLY A 1 1   ? -11.389 -12.105 -17.910 1.00 57.72 ? 170  GLY A O   1 
ATOM   5    N N   . SER A 1 2   ? -9.199  -11.867 -18.371 1.00 43.58 ? 171  SER A N   1 
ATOM   6    C CA  . SER A 1 2   ? -8.808  -11.704 -16.975 1.00 35.43 ? 171  SER A CA  1 
ATOM   7    C C   . SER A 1 2   ? -8.396  -10.257 -16.702 1.00 33.90 ? 171  SER A C   1 
ATOM   8    O O   . SER A 1 2   ? -8.104  -9.508  -17.631 1.00 29.45 ? 171  SER A O   1 
ATOM   9    C CB  . SER A 1 2   ? -7.669  -12.657 -16.621 1.00 43.75 ? 171  SER A CB  1 
ATOM   10   O OG  . SER A 1 2   ? -6.547  -12.445 -17.459 1.00 49.22 ? 171  SER A OG  1 
ATOM   11   N N   . ASP A 1 3   ? -8.368  -9.874  -15.429 1.00 27.90 ? 172  ASP A N   1 
ATOM   12   C CA  . ASP A 1 3   ? -8.066  -8.497  -15.034 1.00 18.65 ? 172  ASP A CA  1 
ATOM   13   C C   . ASP A 1 3   ? -6.563  -8.291  -14.891 1.00 16.41 ? 172  ASP A C   1 
ATOM   14   O O   . ASP A 1 3   ? -5.989  -8.576  -13.844 1.00 19.10 ? 172  ASP A O   1 
ATOM   15   C CB  . ASP A 1 3   ? -8.771  -8.173  -13.714 1.00 18.38 ? 172  ASP A CB  1 
ATOM   16   C CG  . ASP A 1 3   ? -8.741  -6.691  -13.372 1.00 17.39 ? 172  ASP A CG  1 
ATOM   17   O OD1 . ASP A 1 3   ? -7.857  -5.965  -13.871 1.00 19.06 ? 172  ASP A OD1 1 
ATOM   18   O OD2 . ASP A 1 3   ? -9.608  -6.256  -12.588 1.00 22.83 ? 172  ASP A OD2 1 
ATOM   19   N N   . GLU A 1 4   ? -5.924  -7.790  -15.943 1.00 13.29 ? 173  GLU A N   1 
ATOM   20   C CA  . GLU A 1 4   ? -4.472  -7.671  -15.943 1.00 18.50 ? 173  GLU A CA  1 
ATOM   21   C C   . GLU A 1 4   ? -3.963  -6.603  -14.965 1.00 14.95 ? 173  GLU A C   1 
ATOM   22   O O   . GLU A 1 4   ? -2.891  -6.759  -14.366 1.00 13.43 ? 173  GLU A O   1 
ATOM   23   C CB  . GLU A 1 4   ? -3.949  -7.418  -17.361 1.00 21.45 ? 173  GLU A CB  1 
ATOM   24   C CG  . GLU A 1 4   ? -2.438  -7.416  -17.463 1.00 30.72 ? 173  GLU A CG  1 
ATOM   25   C CD  . GLU A 1 4   ? -1.808  -8.693  -16.932 1.00 49.35 ? 173  GLU A CD  1 
ATOM   26   O OE1 . GLU A 1 4   ? -2.405  -9.779  -17.112 1.00 36.71 ? 173  GLU A OE1 1 
ATOM   27   O OE2 . GLU A 1 4   ? -0.712  -8.604  -16.335 1.00 42.93 ? 173  GLU A OE2 1 
ATOM   28   N N   . LEU A 1 5   ? -4.729  -5.529  -14.795 1.00 12.12 ? 174  LEU A N   1 
ATOM   29   C CA  . LEU A 1 5   ? -4.328  -4.473  -13.870 1.00 14.02 ? 174  LEU A CA  1 
ATOM   30   C C   . LEU A 1 5   ? -4.382  -4.982  -12.436 1.00 13.03 ? 174  LEU A C   1 
ATOM   31   O O   . LEU A 1 5   ? -3.497  -4.694  -11.633 1.00 12.95 ? 174  LEU A O   1 
ATOM   32   C CB  . LEU A 1 5   ? -5.198  -3.225  -14.022 1.00 14.53 ? 174  LEU A CB  1 
ATOM   33   C CG  . LEU A 1 5   ? -4.819  -2.065  -13.093 1.00 13.31 ? 174  LEU A CG  1 
ATOM   34   C CD1 . LEU A 1 5   ? -3.357  -1.673  -13.274 1.00 15.83 ? 174  LEU A CD1 1 
ATOM   35   C CD2 . LEU A 1 5   ? -5.726  -0.861  -13.315 1.00 15.57 ? 174  LEU A CD2 1 
ATOM   36   N N   . TYR A 1 6   ? -5.427  -5.737  -12.116 1.00 11.55 ? 175  TYR A N   1 
ATOM   37   C CA  . TYR A 1 6   ? -5.519  -6.350  -10.791 1.00 12.21 ? 175  TYR A CA  1 
ATOM   38   C C   . TYR A 1 6   ? -4.355  -7.312  -10.558 1.00 12.69 ? 175  TYR A C   1 
ATOM   39   O O   . TYR A 1 6   ? -3.721  -7.289  -9.501  1.00 12.80 ? 175  TYR A O   1 
ATOM   40   C CB  . TYR A 1 6   ? -6.850  -7.078  -10.613 1.00 15.18 ? 175  TYR A CB  1 
ATOM   41   C CG  . TYR A 1 6   ? -6.994  -7.724  -9.251  1.00 11.12 ? 175  TYR A CG  1 
ATOM   42   C CD1 . TYR A 1 6   ? -7.484  -7.006  -8.172  1.00 23.87 ? 175  TYR A CD1 1 
ATOM   43   C CD2 . TYR A 1 6   ? -6.624  -9.045  -9.049  1.00 18.83 ? 175  TYR A CD2 1 
ATOM   44   C CE1 . TYR A 1 6   ? -7.608  -7.591  -6.925  1.00 25.26 ? 175  TYR A CE1 1 
ATOM   45   C CE2 . TYR A 1 6   ? -6.745  -9.637  -7.807  1.00 24.44 ? 175  TYR A CE2 1 
ATOM   46   C CZ  . TYR A 1 6   ? -7.235  -8.903  -6.751  1.00 23.25 ? 175  TYR A CZ  1 
ATOM   47   O OH  . TYR A 1 6   ? -7.361  -9.493  -5.511  1.00 36.12 ? 175  TYR A OH  1 
ATOM   48   N N   . ARG A 1 7   ? -4.065  -8.154  -11.546 1.00 12.90 ? 176  ARG A N   1 
ATOM   49   C CA  . ARG A 1 7   ? -2.988  -9.129  -11.405 1.00 12.73 ? 176  ARG A CA  1 
ATOM   50   C C   . ARG A 1 7   ? -1.650  -8.445  -11.120 1.00 13.36 ? 176  ARG A C   1 
ATOM   51   O O   . ARG A 1 7   ? -0.929  -8.823  -10.192 1.00 15.96 ? 176  ARG A O   1 
ATOM   52   C CB  . ARG A 1 7   ? -2.876  -9.996  -12.662 1.00 16.42 ? 176  ARG A CB  1 
ATOM   53   C CG  . ARG A 1 7   ? -1.905  -11.153 -12.521 1.00 23.46 ? 176  ARG A CG  1 
ATOM   54   C CD  . ARG A 1 7   ? -1.241  -11.493 -13.851 1.00 28.77 ? 176  ARG A CD  1 
ATOM   55   N NE  . ARG A 1 7   ? -0.462  -10.371 -14.364 1.00 37.81 ? 176  ARG A NE  1 
ATOM   56   C CZ  . ARG A 1 7   ? 0.705   -9.978  -13.858 1.00 34.07 ? 176  ARG A CZ  1 
ATOM   57   N NH1 . ARG A 1 7   ? 1.344   -8.944  -14.387 1.00 31.54 ? 176  ARG A NH1 1 
ATOM   58   N NH2 . ARG A 1 7   ? 1.227   -10.612 -12.817 1.00 38.61 ? 176  ARG A NH2 1 
ATOM   59   N N   . GLN A 1 8   ? -1.322  -7.441  -11.926 1.00 11.27 ? 177  GLN A N   1 
ATOM   60   C CA  . GLN A 1 8   ? -0.066  -6.717  -11.769 1.00 12.20 ? 177  GLN A CA  1 
ATOM   61   C C   . GLN A 1 8   ? 0.014   -6.023  -10.416 1.00 13.43 ? 177  GLN A C   1 
ATOM   62   O O   . GLN A 1 8   ? 1.044   -6.065  -9.746  1.00 13.88 ? 177  GLN A O   1 
ATOM   63   C CB  . GLN A 1 8   ? 0.099   -5.682  -12.876 1.00 12.70 ? 177  GLN A CB  1 
ATOM   64   C CG  . GLN A 1 8   ? 1.395   -4.905  -12.773 1.00 14.73 ? 177  GLN A CG  1 
ATOM   65   C CD  . GLN A 1 8   ? 1.525   -3.849  -13.844 1.00 23.77 ? 177  GLN A CD  1 
ATOM   66   O OE1 . GLN A 1 8   ? 0.567   -3.148  -14.151 1.00 17.10 ? 177  GLN A OE1 1 
ATOM   67   N NE2 . GLN A 1 8   ? 2.718   -3.723  -14.413 1.00 27.06 ? 177  GLN A NE2 1 
ATOM   68   N N   . SER A 1 9   ? -1.076  -5.369  -10.034 1.00 10.99 ? 178  SER A N   1 
ATOM   69   C CA  . SER A 1 9   ? -1.144  -4.654  -8.764  1.00 9.14  ? 178  SER A CA  1 
ATOM   70   C C   . SER A 1 9   ? -0.975  -5.603  -7.589  1.00 10.89 ? 178  SER A C   1 
ATOM   71   O O   . SER A 1 9   ? -0.247  -5.311  -6.635  1.00 11.08 ? 178  SER A O   1 
ATOM   72   C CB  . SER A 1 9   ? -2.480  -3.925  -8.638  1.00 9.93  ? 178  SER A CB  1 
ATOM   73   O OG  . SER A 1 9   ? -2.642  -2.988  -9.683  1.00 11.53 ? 178  SER A OG  1 
ATOM   74   N N   . LEU A 1 10  ? -1.662  -6.735  -7.655  1.00 10.43 ? 179  LEU A N   1 
ATOM   75   C CA  . LEU A 1 10  ? -1.583  -7.731  -6.594  1.00 12.43 ? 179  LEU A CA  1 
ATOM   76   C C   . LEU A 1 10  ? -0.172  -8.291  -6.463  1.00 12.31 ? 179  LEU A C   1 
ATOM   77   O O   . LEU A 1 10  ? 0.309   -8.510  -5.357  1.00 14.70 ? 179  LEU A O   1 
ATOM   78   C CB  . LEU A 1 10  ? -2.579  -8.862  -6.846  1.00 14.26 ? 179  LEU A CB  1 
ATOM   79   C CG  . LEU A 1 10  ? -2.569  -9.971  -5.794  1.00 16.15 ? 179  LEU A CG  1 
ATOM   80   C CD1 . LEU A 1 10  ? -2.899  -9.398  -4.424  1.00 15.14 ? 179  LEU A CD1 1 
ATOM   81   C CD2 . LEU A 1 10  ? -3.540  -11.072 -6.182  1.00 19.06 ? 179  LEU A CD2 1 
ATOM   82   N N   . GLU A 1 11  ? 0.500   -8.521  -7.586  1.00 12.35 ? 180  GLU A N   1 
ATOM   83   C CA  . GLU A 1 11  ? 1.866   -9.025  -7.527  1.00 13.40 ? 180  GLU A CA  1 
ATOM   84   C C   . GLU A 1 11  ? 2.778   -8.046  -6.784  1.00 12.00 ? 180  GLU A C   1 
ATOM   85   O O   . GLU A 1 11  ? 3.556   -8.440  -5.921  1.00 15.77 ? 180  GLU A O   1 
ATOM   86   C CB  . GLU A 1 11  ? 2.413   -9.313  -8.925  1.00 17.07 ? 180  GLU A CB  1 
ATOM   87   C CG  . GLU A 1 11  ? 3.787   -9.952  -8.895  1.00 22.17 ? 180  GLU A CG  1 
ATOM   88   C CD  . GLU A 1 11  ? 4.242   -10.452 -10.250 1.00 42.53 ? 180  GLU A CD  1 
ATOM   89   O OE1 . GLU A 1 11  ? 3.700   -9.994  -11.277 1.00 37.05 ? 180  GLU A OE1 1 
ATOM   90   O OE2 . GLU A 1 11  ? 5.150   -11.306 -10.283 1.00 48.07 ? 180  GLU A OE2 1 
ATOM   91   N N   . ILE A 1 12  ? 2.669   -6.765  -7.120  1.00 9.69  ? 181  ILE A N   1 
ATOM   92   C CA  . ILE A 1 12  ? 3.497   -5.745  -6.500  1.00 9.33  ? 181  ILE A CA  1 
ATOM   93   C C   . ILE A 1 12  ? 3.201   -5.642  -5.007  1.00 11.91 ? 181  ILE A C   1 
ATOM   94   O O   . ILE A 1 12  ? 4.104   -5.687  -4.172  1.00 11.91 ? 181  ILE A O   1 
ATOM   95   C CB  . ILE A 1 12  ? 3.257   -4.377  -7.167  1.00 9.20  ? 181  ILE A CB  1 
ATOM   96   C CG1 . ILE A 1 12  ? 3.771   -4.402  -8.611  1.00 10.31 ? 181  ILE A CG1 1 
ATOM   97   C CG2 . ILE A 1 12  ? 3.919   -3.258  -6.371  1.00 10.64 ? 181  ILE A CG2 1 
ATOM   98   C CD1 . ILE A 1 12  ? 3.203   -3.295  -9.489  1.00 12.67 ? 181  ILE A CD1 1 
ATOM   99   N N   . ILE A 1 13  ? 1.922   -5.518  -4.681  1.00 9.68  ? 182  ILE A N   1 
ATOM   100  C CA  . ILE A 1 13  ? 1.508   -5.292  -3.299  1.00 8.22  ? 182  ILE A CA  1 
ATOM   101  C C   . ILE A 1 13  ? 1.708   -6.530  -2.422  1.00 11.07 ? 182  ILE A C   1 
ATOM   102  O O   . ILE A 1 13  ? 2.185   -6.423  -1.288  1.00 12.30 ? 182  ILE A O   1 
ATOM   103  C CB  . ILE A 1 13  ? 0.060   -4.786  -3.241  1.00 10.00 ? 182  ILE A CB  1 
ATOM   104  C CG1 . ILE A 1 13  ? -0.025  -3.405  -3.910  1.00 11.31 ? 182  ILE A CG1 1 
ATOM   105  C CG2 . ILE A 1 13  ? -0.422  -4.717  -1.806  1.00 13.93 ? 182  ILE A CG2 1 
ATOM   106  C CD1 . ILE A 1 13  ? -1.432  -2.919  -4.165  1.00 10.51 ? 182  ILE A CD1 1 
ATOM   107  N N   . SER A 1 14  ? 1.358   -7.704  -2.945  1.00 9.97  ? 183  SER A N   1 
ATOM   108  C CA  . SER A 1 14  ? 1.582   -8.955  -2.212  1.00 14.27 ? 183  SER A CA  1 
ATOM   109  C C   . SER A 1 14  ? 3.060   -9.168  -1.905  1.00 12.90 ? 183  SER A C   1 
ATOM   110  O O   . SER A 1 14  ? 3.432   -9.514  -0.781  1.00 13.81 ? 183  SER A O   1 
ATOM   111  C CB  . SER A 1 14  ? 1.053   -10.159 -2.997  1.00 20.01 ? 183  SER A CB  1 
ATOM   112  O OG  . SER A 1 14  ? -0.357  -10.132 -3.084  1.00 35.96 ? 183  SER A OG  1 
ATOM   113  N N   . ARG A 1 15  ? 3.912   -8.976  -2.905  1.00 13.71 ? 184  ARG A N   1 
ATOM   114  C CA  . ARG A 1 15  ? 5.342   -9.154  -2.676  1.00 10.72 ? 184  ARG A CA  1 
ATOM   115  C C   . ARG A 1 15  ? 5.882   -8.193  -1.622  1.00 15.40 ? 184  ARG A C   1 
ATOM   116  O O   . ARG A 1 15  ? 6.644   -8.594  -0.740  1.00 14.27 ? 184  ARG A O   1 
ATOM   117  C CB  . ARG A 1 15  ? 6.133   -9.018  -3.974  1.00 15.17 ? 184  ARG A CB  1 
ATOM   118  C CG  . ARG A 1 15  ? 5.934   -10.182 -4.906  1.00 15.44 ? 184  ARG A CG  1 
ATOM   119  C CD  . ARG A 1 15  ? 7.080   -10.269 -5.886  1.00 17.91 ? 184  ARG A CD  1 
ATOM   120  N NE  . ARG A 1 15  ? 6.772   -11.169 -6.991  1.00 21.25 ? 184  ARG A NE  1 
ATOM   121  C CZ  . ARG A 1 15  ? 7.692   -11.846 -7.668  1.00 22.80 ? 184  ARG A CZ  1 
ATOM   122  N NH1 . ARG A 1 15  ? 8.969   -11.724 -7.341  1.00 21.78 ? 184  ARG A NH1 1 
ATOM   123  N NH2 . ARG A 1 15  ? 7.333   -12.644 -8.663  1.00 22.28 ? 184  ARG A NH2 1 
ATOM   124  N N   . TYR A 1 16  ? 5.478   -6.930  -1.702  1.00 10.72 ? 185  TYR A N   1 
ATOM   125  C CA  . TYR A 1 16  ? 5.960   -5.939  -0.750  1.00 11.81 ? 185  TYR A CA  1 
ATOM   126  C C   . TYR A 1 16  ? 5.531   -6.285  0.676   1.00 14.55 ? 185  TYR A C   1 
ATOM   127  O O   . TYR A 1 16  ? 6.345   -6.275  1.600   1.00 13.29 ? 185  TYR A O   1 
ATOM   128  C CB  . TYR A 1 16  ? 5.493   -4.527  -1.120  1.00 13.77 ? 185  TYR A CB  1 
ATOM   129  C CG  . TYR A 1 16  ? 6.061   -3.472  -0.198  1.00 11.73 ? 185  TYR A CG  1 
ATOM   130  C CD1 . TYR A 1 16  ? 7.431   -3.245  -0.140  1.00 13.26 ? 185  TYR A CD1 1 
ATOM   131  C CD2 . TYR A 1 16  ? 5.237   -2.722  0.629   1.00 14.53 ? 185  TYR A CD2 1 
ATOM   132  C CE1 . TYR A 1 16  ? 7.965   -2.297  0.716   1.00 14.71 ? 185  TYR A CE1 1 
ATOM   133  C CE2 . TYR A 1 16  ? 5.763   -1.765  1.481   1.00 13.40 ? 185  TYR A CE2 1 
ATOM   134  C CZ  . TYR A 1 16  ? 7.126   -1.558  1.518   1.00 14.52 ? 185  TYR A CZ  1 
ATOM   135  O OH  . TYR A 1 16  ? 7.653   -0.612  2.369   1.00 19.18 ? 185  TYR A OH  1 
ATOM   136  N N   . LEU A 1 17  ? 4.254   -6.590  0.858   1.00 11.60 ? 186  LEU A N   1 
ATOM   137  C CA  . LEU A 1 17  ? 3.764   -6.930  2.190   1.00 8.91  ? 186  LEU A CA  1 
ATOM   138  C C   . LEU A 1 17  ? 4.472   -8.159  2.747   1.00 14.67 ? 186  LEU A C   1 
ATOM   139  O O   . LEU A 1 17  ? 4.855   -8.190  3.914   1.00 13.91 ? 186  LEU A O   1 
ATOM   140  C CB  . LEU A 1 17  ? 2.253   -7.153  2.171   1.00 11.56 ? 186  LEU A CB  1 
ATOM   141  C CG  . LEU A 1 17  ? 1.389   -5.948  2.554   1.00 14.22 ? 186  LEU A CG  1 
ATOM   142  C CD1 . LEU A 1 17  ? 1.741   -4.731  1.720   1.00 13.14 ? 186  LEU A CD1 1 
ATOM   143  C CD2 . LEU A 1 17  ? -0.085  -6.295  2.404   1.00 13.16 ? 186  LEU A CD2 1 
ATOM   144  N N   A ARG A 1 18  ? 4.651   -9.166  1.902   0.50 14.80 ? 187  ARG A N   1 
ATOM   145  N N   B ARG A 1 18  ? 4.648   -9.172  1.906   0.50 14.81 ? 187  ARG A N   1 
ATOM   146  C CA  A ARG A 1 18  ? 5.268   -10.413 2.334   0.50 16.81 ? 187  ARG A CA  1 
ATOM   147  C CA  B ARG A 1 18  ? 5.268   -10.418 2.344   0.50 16.80 ? 187  ARG A CA  1 
ATOM   148  C C   A ARG A 1 18  ? 6.744   -10.232 2.673   0.50 17.17 ? 187  ARG A C   1 
ATOM   149  C C   B ARG A 1 18  ? 6.745   -10.229 2.679   0.50 17.18 ? 187  ARG A C   1 
ATOM   150  O O   A ARG A 1 18  ? 7.238   -10.796 3.654   0.50 16.23 ? 187  ARG A O   1 
ATOM   151  O O   B ARG A 1 18  ? 7.242   -10.782 3.664   0.50 16.22 ? 187  ARG A O   1 
ATOM   152  C CB  A ARG A 1 18  ? 5.095   -11.485 1.263   0.50 18.78 ? 187  ARG A CB  1 
ATOM   153  C CB  B ARG A 1 18  ? 5.100   -11.508 1.285   0.50 18.79 ? 187  ARG A CB  1 
ATOM   154  C CG  A ARG A 1 18  ? 5.644   -12.836 1.649   0.50 28.28 ? 187  ARG A CG  1 
ATOM   155  C CG  B ARG A 1 18  ? 5.573   -12.883 1.727   0.50 28.24 ? 187  ARG A CG  1 
ATOM   156  C CD  A ARG A 1 18  ? 5.148   -13.904 0.696   0.50 29.84 ? 187  ARG A CD  1 
ATOM   157  C CD  B ARG A 1 18  ? 4.648   -13.493 2.768   0.50 27.18 ? 187  ARG A CD  1 
ATOM   158  N NE  A ARG A 1 18  ? 3.706   -14.093 0.806   0.50 34.11 ? 187  ARG A NE  1 
ATOM   159  N NE  B ARG A 1 18  ? 3.306   -13.720 2.238   0.50 25.34 ? 187  ARG A NE  1 
ATOM   160  C CZ  A ARG A 1 18  ? 2.812   -13.554 -0.015  0.50 29.36 ? 187  ARG A CZ  1 
ATOM   161  C CZ  B ARG A 1 18  ? 2.375   -14.451 2.843   0.50 29.25 ? 187  ARG A CZ  1 
ATOM   162  N NH1 A ARG A 1 18  ? 3.208   -12.787 -1.022  0.50 29.39 ? 187  ARG A NH1 1 
ATOM   163  N NH1 B ARG A 1 18  ? 2.638   -15.036 4.003   0.50 22.22 ? 187  ARG A NH1 1 
ATOM   164  N NH2 A ARG A 1 18  ? 1.520   -13.784 0.172   0.50 31.61 ? 187  ARG A NH2 1 
ATOM   165  N NH2 B ARG A 1 18  ? 1.182   -14.602 2.283   0.50 27.64 ? 187  ARG A NH2 1 
ATOM   166  N N   . GLU A 1 19  ? 7.446   -9.447  1.863   1.00 15.27 ? 188  GLU A N   1 
ATOM   167  C CA  . GLU A 1 19  ? 8.863   -9.194  2.105   1.00 15.78 ? 188  GLU A CA  1 
ATOM   168  C C   . GLU A 1 19  ? 9.071   -8.297  3.322   1.00 15.45 ? 188  GLU A C   1 
ATOM   169  O O   . GLU A 1 19  ? 10.023  -8.477  4.072   1.00 17.56 ? 188  GLU A O   1 
ATOM   170  C CB  . GLU A 1 19  ? 9.577   -8.655  0.853   1.00 22.68 ? 188  GLU A CB  1 
ATOM   171  C CG  . GLU A 1 19  ? 9.177   -7.270  0.407   1.00 32.09 ? 188  GLU A CG  1 
ATOM   172  C CD  . GLU A 1 19  ? 9.906   -6.842  -0.859  1.00 32.04 ? 188  GLU A CD  1 
ATOM   173  O OE1 . GLU A 1 19  ? 10.495  -7.711  -1.541  1.00 32.27 ? 188  GLU A OE1 1 
ATOM   174  O OE2 . GLU A 1 19  ? 9.885   -5.634  -1.171  1.00 34.73 ? 188  GLU A OE2 1 
ATOM   175  N N   . GLN A 1 20  ? 8.170   -7.343  3.535   1.00 14.98 ? 189  GLN A N   1 
ATOM   176  C CA  . GLN A 1 20  ? 8.255   -6.505  4.724   1.00 12.49 ? 189  GLN A CA  1 
ATOM   177  C C   . GLN A 1 20  ? 8.054   -7.332  5.993   1.00 15.40 ? 189  GLN A C   1 
ATOM   178  O O   . GLN A 1 20  ? 8.746   -7.133  6.988   1.00 17.12 ? 189  GLN A O   1 
ATOM   179  C CB  . GLN A 1 20  ? 7.235   -5.365  4.655   1.00 15.43 ? 189  GLN A CB  1 
ATOM   180  C CG  . GLN A 1 20  ? 7.651   -4.230  3.736   1.00 15.16 ? 189  GLN A CG  1 
ATOM   181  C CD  . GLN A 1 20  ? 8.854   -3.475  4.266   1.00 22.29 ? 189  GLN A CD  1 
ATOM   182  O OE1 . GLN A 1 20  ? 9.945   -3.544  3.699   1.00 27.99 ? 189  GLN A OE1 1 
ATOM   183  N NE2 . GLN A 1 20  ? 8.664   -2.756  5.366   1.00 18.10 ? 189  GLN A NE2 1 
ATOM   184  N N   . ALA A 1 21  ? 7.115   -8.270  5.953   1.00 15.01 ? 190  ALA A N   1 
ATOM   185  C CA  . ALA A 1 21  ? 6.805   -9.062  7.141   1.00 14.57 ? 190  ALA A CA  1 
ATOM   186  C C   . ALA A 1 21  ? 7.895   -10.079 7.465   1.00 18.10 ? 190  ALA A C   1 
ATOM   187  O O   . ALA A 1 21  ? 8.077   -10.454 8.624   1.00 18.44 ? 190  ALA A O   1 
ATOM   188  C CB  . ALA A 1 21  ? 5.456   -9.760  6.989   1.00 16.49 ? 190  ALA A CB  1 
ATOM   189  N N   . THR A 1 22  ? 8.625   -10.517 6.446   1.00 14.74 ? 191  THR A N   1 
ATOM   190  C CA  . THR A 1 22  ? 9.567   -11.625 6.616   1.00 17.56 ? 191  THR A CA  1 
ATOM   191  C C   . THR A 1 22  ? 11.035  -11.250 6.425   1.00 20.05 ? 191  THR A C   1 
ATOM   192  O O   . THR A 1 22  ? 11.926  -11.924 6.953   1.00 20.47 ? 191  THR A O   1 
ATOM   193  C CB  . THR A 1 22  ? 9.235   -12.780 5.653   1.00 19.43 ? 191  THR A CB  1 
ATOM   194  O OG1 . THR A 1 22  ? 9.418   -12.338 4.303   1.00 16.67 ? 191  THR A OG1 1 
ATOM   195  C CG2 . THR A 1 22  ? 7.800   -13.235 5.844   1.00 17.70 ? 191  THR A CG2 1 
ATOM   196  N N   . GLY A 1 23  ? 11.290  -10.187 5.665   1.00 13.33 ? 192  GLY A N   1 
ATOM   197  C CA  . GLY A 1 23  ? 12.647  -9.791  5.341   1.00 15.88 ? 192  GLY A CA  1 
ATOM   198  C C   . GLY A 1 23  ? 13.219  -10.581 4.177   1.00 15.69 ? 192  GLY A C   1 
ATOM   199  O O   . GLY A 1 23  ? 14.371  -10.391 3.792   1.00 19.98 ? 192  GLY A O   1 
ATOM   200  N N   . ALA A 1 24  ? 12.413  -11.474 3.613   1.00 14.39 ? 193  ALA A N   1 
ATOM   201  C CA  . ALA A 1 24  ? 12.863  -12.286 2.486   1.00 15.03 ? 193  ALA A CA  1 
ATOM   202  C C   . ALA A 1 24  ? 12.483  -11.638 1.159   1.00 19.24 ? 193  ALA A C   1 
ATOM   203  O O   . ALA A 1 24  ? 11.395  -11.075 1.021   1.00 22.06 ? 193  ALA A O   1 
ATOM   204  C CB  . ALA A 1 24  ? 12.287  -13.692 2.577   1.00 20.33 ? 193  ALA A CB  1 
ATOM   205  N N   . LYS A 1 25  ? 13.385  -11.723 0.185   1.00 15.81 ? 194  LYS A N   1 
ATOM   206  C CA  . LYS A 1 25  ? 13.116  -11.201 -1.149  1.00 15.05 ? 194  LYS A CA  1 
ATOM   207  C C   . LYS A 1 25  ? 12.783  -12.344 -2.101  1.00 24.87 ? 194  LYS A C   1 
ATOM   208  O O   . LYS A 1 25  ? 13.655  -13.130 -2.469  1.00 25.37 ? 194  LYS A O   1 
ATOM   209  C CB  . LYS A 1 25  ? 14.307  -10.406 -1.680  1.00 23.25 ? 194  LYS A CB  1 
ATOM   210  C CG  . LYS A 1 25  ? 14.376  -8.969  -1.193  1.00 37.28 ? 194  LYS A CG  1 
ATOM   211  C CD  . LYS A 1 25  ? 15.453  -8.196  -1.948  1.00 36.42 ? 194  LYS A CD  1 
ATOM   212  C CE  . LYS A 1 25  ? 15.612  -6.782  -1.412  1.00 40.17 ? 194  LYS A CE  1 
ATOM   213  N NZ  . LYS A 1 25  ? 16.709  -6.043  -2.103  1.00 41.72 ? 194  LYS A NZ  1 
ATOM   214  N N   . ASP A 1 26  ? 11.514  -12.421 -2.487  1.00 25.84 ? 195  ASP A N   1 
ATOM   215  C CA  . ASP A 1 26  ? 11.009  -13.494 -3.338  1.00 25.02 ? 195  ASP A CA  1 
ATOM   216  C C   . ASP A 1 26  ? 11.866  -13.647 -4.584  1.00 30.39 ? 195  ASP A C   1 
ATOM   217  O O   . ASP A 1 26  ? 12.195  -12.665 -5.253  1.00 24.90 ? 195  ASP A O   1 
ATOM   218  C CB  . ASP A 1 26  ? 9.555   -13.201 -3.724  1.00 21.73 ? 195  ASP A CB  1 
ATOM   219  C CG  . ASP A 1 26  ? 8.843   -14.405 -4.328  1.00 36.04 ? 195  ASP A CG  1 
ATOM   220  O OD1 . ASP A 1 26  ? 9.515   -15.379 -4.718  1.00 25.56 ? 195  ASP A OD1 1 
ATOM   221  O OD2 . ASP A 1 26  ? 7.596   -14.364 -4.411  1.00 31.15 ? 195  ASP A OD2 1 
ATOM   222  N N   . THR A 1 27  ? 12.234  -14.886 -4.896  1.00 30.57 ? 196  THR A N   1 
ATOM   223  C CA  . THR A 1 27  ? 13.035  -15.152 -6.083  1.00 26.15 ? 196  THR A CA  1 
ATOM   224  C C   . THR A 1 27  ? 12.151  -15.504 -7.282  1.00 27.90 ? 196  THR A C   1 
ATOM   225  O O   . THR A 1 27  ? 12.643  -15.692 -8.392  1.00 34.39 ? 196  THR A O   1 
ATOM   226  C CB  . THR A 1 27  ? 14.073  -16.268 -5.834  1.00 33.74 ? 196  THR A CB  1 
ATOM   227  O OG1 . THR A 1 27  ? 13.403  -17.496 -5.525  1.00 31.66 ? 196  THR A OG1 1 
ATOM   228  C CG2 . THR A 1 27  ? 14.989  -15.892 -4.676  1.00 23.83 ? 196  THR A CG2 1 
ATOM   229  N N   . LYS A 1 28  ? 10.844  -15.587 -7.055  1.00 30.59 ? 197  LYS A N   1 
ATOM   230  C CA  . LYS A 1 28  ? 9.901   -15.861 -8.135  1.00 29.79 ? 197  LYS A CA  1 
ATOM   231  C C   . LYS A 1 28  ? 9.963   -14.777 -9.213  1.00 38.90 ? 197  LYS A C   1 
ATOM   232  O O   . LYS A 1 28  ? 10.096  -13.591 -8.906  1.00 29.32 ? 197  LYS A O   1 
ATOM   233  C CB  . LYS A 1 28  ? 8.475   -15.980 -7.584  1.00 31.09 ? 197  LYS A CB  1 
ATOM   234  C CG  . LYS A 1 28  ? 7.425   -16.325 -8.634  1.00 34.36 ? 197  LYS A CG  1 
ATOM   235  C CD  . LYS A 1 28  ? 6.035   -16.422 -8.022  1.00 35.64 ? 197  LYS A CD  1 
ATOM   236  C CE  . LYS A 1 28  ? 5.622   -15.105 -7.384  1.00 44.28 ? 197  LYS A CE  1 
ATOM   237  N NZ  . LYS A 1 28  ? 4.241   -15.153 -6.831  1.00 49.89 ? 197  LYS A NZ  1 
ATOM   238  N N   . PRO A 1 29  ? 9.880   -15.185 -10.488 1.00 41.35 ? 198  PRO A N   1 
ATOM   239  C CA  . PRO A 1 29  ? 9.879   -14.245 -11.616 1.00 36.14 ? 198  PRO A CA  1 
ATOM   240  C C   . PRO A 1 29  ? 8.624   -13.371 -11.629 1.00 23.14 ? 198  PRO A C   1 
ATOM   241  O O   . PRO A 1 29  ? 7.559   -13.844 -11.233 1.00 35.82 ? 198  PRO A O   1 
ATOM   242  C CB  . PRO A 1 29  ? 9.887   -15.167 -12.842 1.00 48.95 ? 198  PRO A CB  1 
ATOM   243  C CG  . PRO A 1 29  ? 10.419  -16.475 -12.343 1.00 46.45 ? 198  PRO A CG  1 
ATOM   244  C CD  . PRO A 1 29  ? 9.917   -16.588 -10.935 1.00 39.79 ? 198  PRO A CD  1 
ATOM   245  N N   . MET A 1 30  ? 8.750   -12.123 -12.080 1.00 38.20 ? 199  MET A N   1 
ATOM   246  C CA  . MET A 1 30  ? 7.613   -11.199 -12.114 1.00 34.46 ? 199  MET A CA  1 
ATOM   247  C C   . MET A 1 30  ? 6.557   -11.601 -13.147 1.00 41.32 ? 199  MET A C   1 
ATOM   248  O O   . MET A 1 30  ? 5.371   -11.686 -12.832 1.00 44.92 ? 199  MET A O   1 
ATOM   249  C CB  . MET A 1 30  ? 8.073   -9.762  -12.380 1.00 43.65 ? 199  MET A CB  1 
ATOM   250  C CG  . MET A 1 30  ? 8.985   -9.161  -11.315 1.00 37.09 ? 199  MET A CG  1 
ATOM   251  S SD  . MET A 1 30  ? 8.269   -9.079  -9.659  1.00 50.38 ? 199  MET A SD  1 
ATOM   252  C CE  . MET A 1 30  ? 6.759   -8.174  -9.949  1.00 34.79 ? 199  MET A CE  1 
ATOM   253  N N   . GLY A 1 31  ? 6.986   -11.835 -14.380 1.00 43.37 ? 200  GLY A N   1 
ATOM   254  C CA  . GLY A 1 31  ? 6.059   -12.212 -15.434 1.00 57.56 ? 200  GLY A CA  1 
ATOM   255  C C   . GLY A 1 31  ? 5.637   -11.048 -16.314 1.00 54.51 ? 200  GLY A C   1 
ATOM   256  O O   . GLY A 1 31  ? 6.399   -10.100 -16.506 1.00 55.00 ? 200  GLY A O   1 
ATOM   257  N N   . ARG A 1 32  ? 4.421   -11.122 -16.852 1.00 54.58 ? 201  ARG A N   1 
ATOM   258  C CA  . ARG A 1 32  ? 3.924   -10.100 -17.770 1.00 48.53 ? 201  ARG A CA  1 
ATOM   259  C C   . ARG A 1 32  ? 3.972   -8.711  -17.141 1.00 48.87 ? 201  ARG A C   1 
ATOM   260  O O   . ARG A 1 32  ? 3.585   -8.530  -15.986 1.00 49.81 ? 201  ARG A O   1 
ATOM   261  C CB  . ARG A 1 32  ? 2.498   -10.421 -18.229 1.00 43.66 ? 201  ARG A CB  1 
ATOM   262  C CG  . ARG A 1 32  ? 1.979   -9.472  -19.303 1.00 49.78 ? 201  ARG A CG  1 
ATOM   263  C CD  . ARG A 1 32  ? 0.522   -9.741  -19.659 1.00 45.56 ? 201  ARG A CD  1 
ATOM   264  N NE  . ARG A 1 32  ? 0.321   -11.067 -20.239 1.00 51.79 ? 201  ARG A NE  1 
ATOM   265  C CZ  . ARG A 1 32  ? -0.172  -12.107 -19.573 1.00 58.25 ? 201  ARG A CZ  1 
ATOM   266  N NH1 . ARG A 1 32  ? -0.521  -11.979 -18.299 1.00 51.56 ? 201  ARG A NH1 1 
ATOM   267  N NH2 . ARG A 1 32  ? -0.319  -13.275 -20.182 1.00 51.22 ? 201  ARG A NH2 1 
ATOM   268  N N   . SER A 1 33  ? 4.446   -7.734  -17.911 1.00 48.15 ? 202  SER A N   1 
ATOM   269  C CA  . SER A 1 33  ? 4.652   -6.377  -17.408 1.00 51.40 ? 202  SER A CA  1 
ATOM   270  C C   . SER A 1 33  ? 5.643   -6.384  -16.248 1.00 46.87 ? 202  SER A C   1 
ATOM   271  O O   . SER A 1 33  ? 5.639   -5.485  -15.403 1.00 28.75 ? 202  SER A O   1 
ATOM   272  C CB  . SER A 1 33  ? 3.326   -5.746  -16.977 1.00 45.69 ? 202  SER A CB  1 
ATOM   273  O OG  . SER A 1 33  ? 2.435   -5.644  -18.074 1.00 57.11 ? 202  SER A OG  1 
ATOM   274  N N   . GLY A 1 34  ? 6.492   -7.407  -16.226 1.00 42.96 ? 203  GLY A N   1 
ATOM   275  C CA  . GLY A 1 34  ? 7.475   -7.581  -15.176 1.00 34.57 ? 203  GLY A CA  1 
ATOM   276  C C   . GLY A 1 34  ? 8.394   -6.389  -15.005 1.00 27.62 ? 203  GLY A C   1 
ATOM   277  O O   . GLY A 1 34  ? 8.802   -6.085  -13.888 1.00 22.83 ? 203  GLY A O   1 
ATOM   278  N N   . ALA A 1 35  ? 8.723   -5.724  -16.112 1.00 31.40 ? 204  ALA A N   1 
ATOM   279  C CA  . ALA A 1 35  ? 9.591   -4.544  -16.090 1.00 35.07 ? 204  ALA A CA  1 
ATOM   280  C C   . ALA A 1 35  ? 9.010   -3.408  -15.248 1.00 25.56 ? 204  ALA A C   1 
ATOM   281  O O   . ALA A 1 35  ? 9.678   -2.863  -14.365 1.00 20.93 ? 204  ALA A O   1 
ATOM   282  C CB  . ALA A 1 35  ? 9.848   -4.061  -17.503 1.00 34.34 ? 204  ALA A CB  1 
ATOM   283  N N   . THR A 1 36  ? 7.769   -3.037  -15.540 1.00 23.33 ? 205  THR A N   1 
ATOM   284  C CA  . THR A 1 36  ? 7.090   -2.006  -14.766 1.00 17.46 ? 205  THR A CA  1 
ATOM   285  C C   . THR A 1 36  ? 6.960   -2.466  -13.321 1.00 18.68 ? 205  THR A C   1 
ATOM   286  O O   . THR A 1 36  ? 7.242   -1.711  -12.388 1.00 13.79 ? 205  THR A O   1 
ATOM   287  C CB  . THR A 1 36  ? 5.689   -1.704  -15.327 1.00 21.90 ? 205  THR A CB  1 
ATOM   288  O OG1 . THR A 1 36  ? 5.805   -1.198  -16.663 1.00 24.71 ? 205  THR A OG1 1 
ATOM   289  C CG2 . THR A 1 36  ? 4.982   -0.670  -14.466 1.00 15.95 ? 205  THR A CG2 1 
ATOM   290  N N   . SER A 1 37  ? 6.539   -3.715  -13.146 1.00 16.21 ? 206  SER A N   1 
ATOM   291  C CA  . SER A 1 37  ? 6.325   -4.272  -11.816 1.00 15.77 ? 206  SER A CA  1 
ATOM   292  C C   . SER A 1 37  ? 7.597   -4.262  -10.978 1.00 15.34 ? 206  SER A C   1 
ATOM   293  O O   . SER A 1 37  ? 7.561   -3.943  -9.790  1.00 15.63 ? 206  SER A O   1 
ATOM   294  C CB  . SER A 1 37  ? 5.764   -5.694  -11.915 1.00 20.76 ? 206  SER A CB  1 
ATOM   295  O OG  . SER A 1 37  ? 4.512   -5.697  -12.577 1.00 25.38 ? 206  SER A OG  1 
ATOM   296  N N   . ARG A 1 38  ? 8.724   -4.616  -11.590 1.00 13.96 ? 207  ARG A N   1 
ATOM   297  C CA  . ARG A 1 38  ? 9.995   -4.583  -10.877 1.00 14.35 ? 207  ARG A CA  1 
ATOM   298  C C   . ARG A 1 38  ? 10.329  -3.167  -10.402 1.00 14.11 ? 207  ARG A C   1 
ATOM   299  O O   . ARG A 1 38  ? 10.680  -2.965  -9.243  1.00 14.31 ? 207  ARG A O   1 
ATOM   300  C CB  . ARG A 1 38  ? 11.135  -5.126  -11.741 1.00 18.49 ? 207  ARG A CB  1 
ATOM   301  C CG  . ARG A 1 38  ? 12.505  -4.929  -11.113 1.00 27.96 ? 207  ARG A CG  1 
ATOM   302  C CD  . ARG A 1 38  ? 13.611  -5.488  -11.986 1.00 30.94 ? 207  ARG A CD  1 
ATOM   303  N NE  . ARG A 1 38  ? 13.502  -5.018  -13.362 1.00 39.35 ? 207  ARG A NE  1 
ATOM   304  C CZ  . ARG A 1 38  ? 13.961  -3.848  -13.792 1.00 38.30 ? 207  ARG A CZ  1 
ATOM   305  N NH1 . ARG A 1 38  ? 14.562  -3.017  -12.950 1.00 36.67 ? 207  ARG A NH1 1 
ATOM   306  N NH2 . ARG A 1 38  ? 13.815  -3.509  -15.064 1.00 41.59 ? 207  ARG A NH2 1 
ATOM   307  N N   . LYS A 1 39  ? 10.223  -2.188  -11.294 1.00 12.98 ? 208  LYS A N   1 
ATOM   308  C CA  . LYS A 1 39  ? 10.516  -0.811  -10.899 1.00 11.62 ? 208  LYS A CA  1 
ATOM   309  C C   . LYS A 1 39  ? 9.535   -0.297  -9.849  1.00 13.01 ? 208  LYS A C   1 
ATOM   310  O O   . LYS A 1 39  ? 9.913   0.466   -8.962  1.00 12.81 ? 208  LYS A O   1 
ATOM   311  C CB  . LYS A 1 39  ? 10.550  0.119   -12.115 1.00 14.03 ? 208  LYS A CB  1 
ATOM   312  C CG  . LYS A 1 39  ? 11.709  -0.168  -13.056 1.00 20.17 ? 208  LYS A CG  1 
ATOM   313  C CD  . LYS A 1 39  ? 11.807  0.878   -14.150 1.00 23.42 ? 208  LYS A CD  1 
ATOM   314  C CE  . LYS A 1 39  ? 13.058  0.677   -14.987 1.00 38.78 ? 208  LYS A CE  1 
ATOM   315  N NZ  . LYS A 1 39  ? 13.169  1.695   -16.070 1.00 52.40 ? 208  LYS A NZ  1 
ATOM   316  N N   . ALA A 1 40  ? 8.279   -0.721  -9.942  1.00 11.65 ? 209  ALA A N   1 
ATOM   317  C CA  . ALA A 1 40  ? 7.277   -0.314  -8.959  1.00 13.50 ? 209  ALA A CA  1 
ATOM   318  C C   . ALA A 1 40  ? 7.614   -0.876  -7.580  1.00 16.63 ? 209  ALA A C   1 
ATOM   319  O O   . ALA A 1 40  ? 7.545   -0.170  -6.572  1.00 11.06 ? 209  ALA A O   1 
ATOM   320  C CB  . ALA A 1 40  ? 5.890   -0.757  -9.394  1.00 12.75 ? 209  ALA A CB  1 
ATOM   321  N N   . LEU A 1 41  ? 7.979   -2.152  -7.535  1.00 13.31 ? 210  LEU A N   1 
ATOM   322  C CA  . LEU A 1 41  ? 8.333   -2.770  -6.270  1.00 11.17 ? 210  LEU A CA  1 
ATOM   323  C C   . LEU A 1 41  ? 9.566   -2.095  -5.678  1.00 12.78 ? 210  LEU A C   1 
ATOM   324  O O   . LEU A 1 41  ? 9.600   -1.792  -4.489  1.00 14.98 ? 210  LEU A O   1 
ATOM   325  C CB  . LEU A 1 41  ? 8.561   -4.274  -6.441  1.00 13.90 ? 210  LEU A CB  1 
ATOM   326  C CG  . LEU A 1 41  ? 8.821   -5.042  -5.146  1.00 14.52 ? 210  LEU A CG  1 
ATOM   327  C CD1 . LEU A 1 41  ? 7.742   -4.725  -4.123  1.00 14.04 ? 210  LEU A CD1 1 
ATOM   328  C CD2 . LEU A 1 41  ? 8.896   -6.539  -5.422  1.00 18.50 ? 210  LEU A CD2 1 
ATOM   329  N N   . GLU A 1 42  ? 10.568  -1.840  -6.514  1.00 14.72 ? 211  GLU A N   1 
ATOM   330  C CA  . GLU A 1 42  ? 11.772  -1.156  -6.051  1.00 14.66 ? 211  GLU A CA  1 
ATOM   331  C C   . GLU A 1 42  ? 11.436  0.230   -5.496  1.00 13.73 ? 211  GLU A C   1 
ATOM   332  O O   . GLU A 1 42  ? 11.922  0.615   -4.432  1.00 15.02 ? 211  GLU A O   1 
ATOM   333  C CB  . GLU A 1 42  ? 12.826  -1.112  -7.160  1.00 17.71 ? 211  GLU A CB  1 
ATOM   334  C CG  . GLU A 1 42  ? 13.220  -2.507  -7.644  1.00 25.22 ? 211  GLU A CG  1 
ATOM   335  C CD  . GLU A 1 42  ? 14.243  -2.497  -8.762  1.00 44.56 ? 211  GLU A CD  1 
ATOM   336  O OE1 . GLU A 1 42  ? 14.144  -1.647  -9.683  1.00 56.40 ? 211  GLU A OE1 1 
ATOM   337  O OE2 . GLU A 1 42  ? 15.152  -3.363  -8.740  1.00 39.09 ? 211  GLU A OE2 1 
ATOM   338  N N   . THR A 1 43  ? 10.553  0.945   -6.181  1.00 11.65 ? 212  THR A N   1 
ATOM   339  C CA  . THR A 1 43  ? 10.111  2.255   -5.709  1.00 13.68 ? 212  THR A CA  1 
ATOM   340  C C   . THR A 1 43  ? 9.397   2.141   -4.361  1.00 15.13 ? 212  THR A C   1 
ATOM   341  O O   . THR A 1 43  ? 9.643   2.921   -3.436  1.00 13.49 ? 212  THR A O   1 
ATOM   342  C CB  . THR A 1 43  ? 9.183   2.923   -6.726  1.00 10.89 ? 212  THR A CB  1 
ATOM   343  O OG1 . THR A 1 43  ? 9.881   3.096   -7.964  1.00 16.13 ? 212  THR A OG1 1 
ATOM   344  C CG2 . THR A 1 43  ? 8.686   4.266   -6.216  1.00 15.74 ? 212  THR A CG2 1 
ATOM   345  N N   . LEU A 1 44  ? 8.508   1.160   -4.265  1.00 14.05 ? 213  LEU A N   1 
ATOM   346  C CA  . LEU A 1 44  ? 7.766   0.905   -3.041  1.00 15.88 ? 213  LEU A CA  1 
ATOM   347  C C   . LEU A 1 44  ? 8.723   0.581   -1.897  1.00 17.33 ? 213  LEU A C   1 
ATOM   348  O O   . LEU A 1 44  ? 8.498   0.991   -0.755  1.00 18.66 ? 213  LEU A O   1 
ATOM   349  C CB  . LEU A 1 44  ? 6.770   -0.234  -3.274  1.00 14.72 ? 213  LEU A CB  1 
ATOM   350  C CG  . LEU A 1 44  ? 5.602   -0.444  -2.317  1.00 27.53 ? 213  LEU A CG  1 
ATOM   351  C CD1 . LEU A 1 44  ? 4.848   0.858   -2.074  1.00 15.09 ? 213  LEU A CD1 1 
ATOM   352  C CD2 . LEU A 1 44  ? 4.681   -1.510  -2.891  1.00 19.47 ? 213  LEU A CD2 1 
ATOM   353  N N   . ARG A 1 45  ? 9.801   -0.136  -2.207  1.00 15.15 ? 214  ARG A N   1 
ATOM   354  C CA  . ARG A 1 45  ? 10.819  -0.441  -1.206  1.00 19.25 ? 214  ARG A CA  1 
ATOM   355  C C   . ARG A 1 45  ? 11.453  0.827   -0.639  1.00 20.66 ? 214  ARG A C   1 
ATOM   356  O O   . ARG A 1 45  ? 11.601  0.965   0.574   1.00 24.95 ? 214  ARG A O   1 
ATOM   357  C CB  . ARG A 1 45  ? 11.900  -1.361  -1.781  1.00 20.50 ? 214  ARG A CB  1 
ATOM   358  C CG  . ARG A 1 45  ? 11.471  -2.814  -1.909  1.00 19.00 ? 214  ARG A CG  1 
ATOM   359  C CD  . ARG A 1 45  ? 12.549  -3.666  -2.560  1.00 20.25 ? 214  ARG A CD  1 
ATOM   360  N NE  . ARG A 1 45  ? 12.085  -5.032  -2.789  1.00 27.07 ? 214  ARG A NE  1 
ATOM   361  C CZ  . ARG A 1 45  ? 12.391  -5.758  -3.859  1.00 23.98 ? 214  ARG A CZ  1 
ATOM   362  N NH1 . ARG A 1 45  ? 13.163  -5.248  -4.810  1.00 27.92 ? 214  ARG A NH1 1 
ATOM   363  N NH2 . ARG A 1 45  ? 11.919  -6.991  -3.980  1.00 21.80 ? 214  ARG A NH2 1 
ATOM   364  N N   . ARG A 1 46  ? 11.823  1.755   -1.516  1.00 18.53 ? 215  ARG A N   1 
ATOM   365  C CA  . ARG A 1 46  ? 12.456  2.989   -1.069  1.00 18.40 ? 215  ARG A CA  1 
ATOM   366  C C   . ARG A 1 46  ? 11.501  3.881   -0.282  1.00 20.93 ? 215  ARG A C   1 
ATOM   367  O O   . ARG A 1 46  ? 11.791  4.273   0.848   1.00 23.98 ? 215  ARG A O   1 
ATOM   368  C CB  . ARG A 1 46  ? 13.045  3.776   -2.246  1.00 20.60 ? 215  ARG A CB  1 
ATOM   369  C CG  . ARG A 1 46  ? 13.553  5.157   -1.833  1.00 37.94 ? 215  ARG A CG  1 
ATOM   370  C CD  . ARG A 1 46  ? 14.275  5.900   -2.953  1.00 40.28 ? 215  ARG A CD  1 
ATOM   371  N NE  . ARG A 1 46  ? 13.377  6.360   -4.010  1.00 30.80 ? 215  ARG A NE  1 
ATOM   372  C CZ  . ARG A 1 46  ? 13.147  5.685   -5.131  1.00 41.09 ? 215  ARG A CZ  1 
ATOM   373  N NH1 . ARG A 1 46  ? 13.751  4.521   -5.330  1.00 38.72 ? 215  ARG A NH1 1 
ATOM   374  N NH2 . ARG A 1 46  ? 12.321  6.169   -6.053  1.00 27.00 ? 215  ARG A NH2 1 
ATOM   375  N N   . VAL A 1 47  ? 10.360  4.201   -0.879  1.00 15.41 ? 216  VAL A N   1 
ATOM   376  C CA  . VAL A 1 47  ? 9.453   5.174   -0.278  1.00 16.58 ? 216  VAL A CA  1 
ATOM   377  C C   . VAL A 1 47  ? 8.642   4.601   0.881   1.00 16.92 ? 216  VAL A C   1 
ATOM   378  O O   . VAL A 1 47  ? 8.413   5.287   1.873   1.00 21.55 ? 216  VAL A O   1 
ATOM   379  C CB  . VAL A 1 47  ? 8.503   5.802   -1.326  1.00 19.81 ? 216  VAL A CB  1 
ATOM   380  C CG1 . VAL A 1 47  ? 9.306   6.530   -2.391  1.00 20.08 ? 216  VAL A CG1 1 
ATOM   381  C CG2 . VAL A 1 47  ? 7.616   4.743   -1.956  1.00 21.75 ? 216  VAL A CG2 1 
ATOM   382  N N   . GLY A 1 48  ? 8.208   3.349   0.753   1.00 14.30 ? 217  GLY A N   1 
ATOM   383  C CA  . GLY A 1 48  ? 7.403   2.716   1.787   1.00 18.05 ? 217  GLY A CA  1 
ATOM   384  C C   . GLY A 1 48  ? 8.150   2.571   3.098   1.00 19.35 ? 217  GLY A C   1 
ATOM   385  O O   . GLY A 1 48  ? 7.587   2.725   4.186   1.00 15.07 ? 217  GLY A O   1 
ATOM   386  N N   . ASP A 1 49  ? 9.436   2.276   3.009   1.00 17.33 ? 218  ASP A N   1 
ATOM   387  C CA  . ASP A 1 49  ? 10.217  2.125   4.222   1.00 19.56 ? 218  ASP A CA  1 
ATOM   388  C C   . ASP A 1 49  ? 10.323  3.463   4.959   1.00 18.71 ? 218  ASP A C   1 
ATOM   389  O O   . ASP A 1 49  ? 10.333  3.508   6.188   1.00 19.87 ? 218  ASP A O   1 
ATOM   390  C CB  . ASP A 1 49  ? 11.576  1.495   3.912   1.00 24.92 ? 218  ASP A CB  1 
ATOM   391  C CG  . ASP A 1 49  ? 11.456  0.023   3.516   1.00 37.95 ? 218  ASP A CG  1 
ATOM   392  O OD1 . ASP A 1 49  ? 10.604  -0.303  2.657   1.00 30.60 ? 218  ASP A OD1 1 
ATOM   393  O OD2 . ASP A 1 49  ? 12.204  -0.815  4.069   1.00 39.93 ? 218  ASP A OD2 1 
ATOM   394  N N   . GLY A 1 50  ? 10.358  4.554   4.202   1.00 18.82 ? 219  GLY A N   1 
ATOM   395  C CA  . GLY A 1 50  ? 10.379  5.884   4.782   1.00 23.63 ? 219  GLY A CA  1 
ATOM   396  C C   . GLY A 1 50  ? 9.071   6.231   5.471   1.00 16.94 ? 219  GLY A C   1 
ATOM   397  O O   . GLY A 1 50  ? 9.069   6.798   6.564   1.00 16.71 ? 219  GLY A O   1 
ATOM   398  N N   . VAL A 1 51  ? 7.957   5.890   4.834   1.00 13.82 ? 220  VAL A N   1 
ATOM   399  C CA  . VAL A 1 51  ? 6.645   6.183   5.405   1.00 11.81 ? 220  VAL A CA  1 
ATOM   400  C C   . VAL A 1 51  ? 6.473   5.469   6.741   1.00 12.21 ? 220  VAL A C   1 
ATOM   401  O O   . VAL A 1 51  ? 6.033   6.071   7.724   1.00 14.20 ? 220  VAL A O   1 
ATOM   402  C CB  . VAL A 1 51  ? 5.502   5.776   4.457   1.00 13.23 ? 220  VAL A CB  1 
ATOM   403  C CG1 . VAL A 1 51  ? 4.151   5.922   5.150   1.00 14.68 ? 220  VAL A CG1 1 
ATOM   404  C CG2 . VAL A 1 51  ? 5.550   6.613   3.188   1.00 19.27 ? 220  VAL A CG2 1 
ATOM   405  N N   . GLN A 1 52  ? 6.826   4.188   6.775   1.00 13.25 ? 221  GLN A N   1 
ATOM   406  C CA  . GLN A 1 52  ? 6.702   3.408   7.998   1.00 13.42 ? 221  GLN A CA  1 
ATOM   407  C C   . GLN A 1 52  ? 7.571   3.958   9.123   1.00 15.85 ? 221  GLN A C   1 
ATOM   408  O O   . GLN A 1 52  ? 7.133   4.029   10.267  1.00 18.61 ? 221  GLN A O   1 
ATOM   409  C CB  . GLN A 1 52  ? 7.035   1.938   7.743   1.00 15.71 ? 221  GLN A CB  1 
ATOM   410  C CG  . GLN A 1 52  ? 6.087   1.267   6.774   1.00 16.47 ? 221  GLN A CG  1 
ATOM   411  C CD  . GLN A 1 52  ? 6.441   -0.185  6.537   1.00 17.92 ? 221  GLN A CD  1 
ATOM   412  O OE1 . GLN A 1 52  ? 6.835   -0.567  5.437   1.00 22.60 ? 221  GLN A OE1 1 
ATOM   413  N NE2 . GLN A 1 52  ? 6.313   -1.001  7.574   1.00 17.14 ? 221  GLN A NE2 1 
ATOM   414  N N   A ARG A 1 53  ? 8.802   4.341   8.791   0.50 16.36 ? 222  ARG A N   1 
ATOM   415  N N   B ARG A 1 53  ? 8.798   4.350   8.799   0.50 16.37 ? 222  ARG A N   1 
ATOM   416  C CA  A ARG A 1 53  ? 9.722   4.909   9.776   0.50 14.80 ? 222  ARG A CA  1 
ATOM   417  C CA  B ARG A 1 53  ? 9.699   4.899   9.808   0.50 14.77 ? 222  ARG A CA  1 
ATOM   418  C C   A ARG A 1 53  ? 9.262   6.290   10.236  0.50 17.30 ? 222  ARG A C   1 
ATOM   419  C C   B ARG A 1 53  ? 9.274   6.303   10.244  0.50 17.30 ? 222  ARG A C   1 
ATOM   420  O O   A ARG A 1 53  ? 9.183   6.562   11.434  0.50 20.38 ? 222  ARG A O   1 
ATOM   421  O O   B ARG A 1 53  ? 9.225   6.599   11.439  0.50 20.37 ? 222  ARG A O   1 
ATOM   422  C CB  A ARG A 1 53  ? 11.144  5.001   9.208   0.50 18.56 ? 222  ARG A CB  1 
ATOM   423  C CB  B ARG A 1 53  ? 11.143  4.913   9.301   0.50 18.58 ? 222  ARG A CB  1 
ATOM   424  C CG  A ARG A 1 53  ? 11.755  3.665   8.804   0.50 24.05 ? 222  ARG A CG  1 
ATOM   425  C CG  B ARG A 1 53  ? 11.747  3.528   9.100   0.50 24.21 ? 222  ARG A CG  1 
ATOM   426  C CD  A ARG A 1 53  ? 13.245  3.789   8.486   0.50 22.72 ? 222  ARG A CD  1 
ATOM   427  C CD  B ARG A 1 53  ? 13.247  3.615   8.859   0.50 23.37 ? 222  ARG A CD  1 
ATOM   428  N NE  A ARG A 1 53  ? 13.517  4.703   7.378   0.50 16.77 ? 222  ARG A NE  1 
ATOM   429  N NE  B ARG A 1 53  ? 13.889  2.304   8.907   0.50 20.69 ? 222  ARG A NE  1 
ATOM   430  C CZ  A ARG A 1 53  ? 13.655  4.325   6.111   0.50 19.00 ? 222  ARG A CZ  1 
ATOM   431  C CZ  B ARG A 1 53  ? 14.098  1.615   10.026  0.50 26.90 ? 222  ARG A CZ  1 
ATOM   432  N NH1 A ARG A 1 53  ? 13.543  3.047   5.779   0.50 16.52 ? 222  ARG A NH1 1 
ATOM   433  N NH1 B ARG A 1 53  ? 13.701  2.100   11.195  0.50 23.32 ? 222  ARG A NH1 1 
ATOM   434  N NH2 A ARG A 1 53  ? 13.904  5.226   5.172   0.50 17.64 ? 222  ARG A NH2 1 
ATOM   435  N NH2 B ARG A 1 53  ? 14.694  0.434   9.978   0.50 28.71 ? 222  ARG A NH2 1 
ATOM   436  N N   . ASN A 1 54  ? 8.960   7.157   9.276   1.00 17.06 ? 223  ASN A N   1 
ATOM   437  C CA  . ASN A 1 54  ? 8.549   8.529   9.567   1.00 15.07 ? 223  ASN A CA  1 
ATOM   438  C C   . ASN A 1 54  ? 7.310   8.574   10.457  1.00 18.91 ? 223  ASN A C   1 
ATOM   439  O O   . ASN A 1 54  ? 7.136   9.496   11.248  1.00 19.97 ? 223  ASN A O   1 
ATOM   440  C CB  . ASN A 1 54  ? 8.258   9.303   8.274   1.00 17.07 ? 223  ASN A CB  1 
ATOM   441  C CG  . ASN A 1 54  ? 9.516   9.642   7.481   1.00 22.26 ? 223  ASN A CG  1 
ATOM   442  O OD1 . ASN A 1 54  ? 10.634  9.347   7.898   1.00 22.56 ? 223  ASN A OD1 1 
ATOM   443  N ND2 . ASN A 1 54  ? 9.328   10.275  6.326   1.00 27.02 ? 223  ASN A ND2 1 
ATOM   444  N N   . HIS A 1 55  ? 6.451   7.567   10.324  1.00 13.48 ? 224  HIS A N   1 
ATOM   445  C CA  . HIS A 1 55  ? 5.164   7.571   11.010  1.00 13.52 ? 224  HIS A CA  1 
ATOM   446  C C   . HIS A 1 55  ? 4.947   6.320   11.858  1.00 15.39 ? 224  HIS A C   1 
ATOM   447  O O   . HIS A 1 55  ? 3.820   5.837   12.014  1.00 14.03 ? 224  HIS A O   1 
ATOM   448  C CB  . HIS A 1 55  ? 4.040   7.749   9.989   1.00 12.49 ? 224  HIS A CB  1 
ATOM   449  C CG  . HIS A 1 55  ? 4.112   9.047   9.248   1.00 16.46 ? 224  HIS A CG  1 
ATOM   450  N ND1 . HIS A 1 55  ? 4.742   9.176   8.028   1.00 19.03 ? 224  HIS A ND1 1 
ATOM   451  C CD2 . HIS A 1 55  ? 3.645   10.278  9.562   1.00 15.00 ? 224  HIS A CD2 1 
ATOM   452  C CE1 . HIS A 1 55  ? 4.651   10.429  7.620   1.00 17.12 ? 224  HIS A CE1 1 
ATOM   453  N NE2 . HIS A 1 55  ? 3.992   11.120  8.532   1.00 21.43 ? 224  HIS A NE2 1 
ATOM   454  N N   . GLU A 1 56  ? 6.033   5.812   12.424  1.00 15.93 ? 225  GLU A N   1 
ATOM   455  C CA  . GLU A 1 56  ? 5.987   4.586   13.206  1.00 15.65 ? 225  GLU A CA  1 
ATOM   456  C C   . GLU A 1 56  ? 5.030   4.696   14.394  1.00 15.61 ? 225  GLU A C   1 
ATOM   457  O O   . GLU A 1 56  ? 4.262   3.774   14.673  1.00 19.02 ? 225  GLU A O   1 
ATOM   458  C CB  . GLU A 1 56  ? 7.386   4.214   13.702  1.00 20.65 ? 225  GLU A CB  1 
ATOM   459  C CG  . GLU A 1 56  ? 7.436   2.860   14.392  1.00 28.55 ? 225  GLU A CG  1 
ATOM   460  C CD  . GLU A 1 56  ? 8.764   2.591   15.066  1.00 47.21 ? 225  GLU A CD  1 
ATOM   461  O OE1 . GLU A 1 56  ? 9.676   3.437   14.944  1.00 45.08 ? 225  GLU A OE1 1 
ATOM   462  O OE2 . GLU A 1 56  ? 8.895   1.534   15.718  1.00 51.11 ? 225  GLU A OE2 1 
ATOM   463  N N   . THR A 1 57  ? 5.085   5.824   15.096  1.00 21.46 ? 226  THR A N   1 
ATOM   464  C CA  . THR A 1 57  ? 4.252   6.022   16.279  1.00 20.57 ? 226  THR A CA  1 
ATOM   465  C C   . THR A 1 57  ? 2.772   6.054   15.919  1.00 19.54 ? 226  THR A C   1 
ATOM   466  O O   . THR A 1 57  ? 1.944   5.441   16.597  1.00 18.32 ? 226  THR A O   1 
ATOM   467  C CB  . THR A 1 57  ? 4.631   7.314   17.022  1.00 25.71 ? 226  THR A CB  1 
ATOM   468  O OG1 . THR A 1 57  ? 5.954   7.185   17.556  1.00 27.69 ? 226  THR A OG1 1 
ATOM   469  C CG2 . THR A 1 57  ? 3.655   7.585   18.160  1.00 30.68 ? 226  THR A CG2 1 
ATOM   470  N N   . ALA A 1 58  ? 2.441   6.772   14.849  1.00 14.72 ? 227  ALA A N   1 
ATOM   471  C CA  . ALA A 1 58  ? 1.070   6.824   14.362  1.00 19.61 ? 227  ALA A CA  1 
ATOM   472  C C   . ALA A 1 58  ? 0.583   5.420   13.998  1.00 17.61 ? 227  ALA A C   1 
ATOM   473  O O   . ALA A 1 58  ? -0.483  4.985   14.431  1.00 14.29 ? 227  ALA A O   1 
ATOM   474  C CB  . ALA A 1 58  ? 0.967   7.754   13.162  1.00 17.27 ? 227  ALA A CB  1 
ATOM   475  N N   . PHE A 1 59  ? 1.381   4.711   13.208  1.00 14.04 ? 228  PHE A N   1 
ATOM   476  C CA  . PHE A 1 59  ? 1.027   3.358   12.784  1.00 10.99 ? 228  PHE A CA  1 
ATOM   477  C C   . PHE A 1 59  ? 0.877   2.398   13.962  1.00 14.11 ? 228  PHE A C   1 
ATOM   478  O O   . PHE A 1 59  ? -0.043  1.581   13.991  1.00 12.66 ? 228  PHE A O   1 
ATOM   479  C CB  . PHE A 1 59  ? 2.063   2.823   11.792  1.00 11.07 ? 228  PHE A CB  1 
ATOM   480  C CG  . PHE A 1 59  ? 1.918   3.372   10.399  1.00 13.78 ? 228  PHE A CG  1 
ATOM   481  C CD1 . PHE A 1 59  ? 1.048   4.415   10.127  1.00 14.13 ? 228  PHE A CD1 1 
ATOM   482  C CD2 . PHE A 1 59  ? 2.654   2.838   9.355   1.00 12.52 ? 228  PHE A CD2 1 
ATOM   483  C CE1 . PHE A 1 59  ? 0.911   4.909   8.838   1.00 14.86 ? 228  PHE A CE1 1 
ATOM   484  C CE2 . PHE A 1 59  ? 2.524   3.330   8.069   1.00 15.42 ? 228  PHE A CE2 1 
ATOM   485  C CZ  . PHE A 1 59  ? 1.652   4.365   7.809   1.00 16.21 ? 228  PHE A CZ  1 
ATOM   486  N N   . GLN A 1 60  ? 1.778   2.504   14.935  1.00 11.62 ? 229  GLN A N   1 
ATOM   487  C CA  . GLN A 1 60  ? 1.718   1.655   16.120  1.00 14.59 ? 229  GLN A CA  1 
ATOM   488  C C   . GLN A 1 60  ? 0.438   1.905   16.913  1.00 15.21 ? 229  GLN A C   1 
ATOM   489  O O   . GLN A 1 60  ? -0.221  0.965   17.358  1.00 17.33 ? 229  GLN A O   1 
ATOM   490  C CB  . GLN A 1 60  ? 2.933   1.893   17.017  1.00 19.77 ? 229  GLN A CB  1 
ATOM   491  C CG  . GLN A 1 60  ? 2.938   1.037   18.266  1.00 22.76 ? 229  GLN A CG  1 
ATOM   492  C CD  . GLN A 1 60  ? 3.068   -0.436  17.951  1.00 25.88 ? 229  GLN A CD  1 
ATOM   493  O OE1 . GLN A 1 60  ? 3.763   -0.820  17.009  1.00 25.21 ? 229  GLN A OE1 1 
ATOM   494  N NE2 . GLN A 1 60  ? 2.400   -1.274  18.736  1.00 27.30 ? 229  GLN A NE2 1 
ATOM   495  N N   . GLY A 1 61  ? 0.101   3.178   17.099  1.00 14.03 ? 230  GLY A N   1 
ATOM   496  C CA  . GLY A 1 61  ? -1.103  3.549   17.819  1.00 16.69 ? 230  GLY A CA  1 
ATOM   497  C C   . GLY A 1 61  ? -2.342  2.990   17.154  1.00 17.48 ? 230  GLY A C   1 
ATOM   498  O O   . GLY A 1 61  ? -3.237  2.471   17.823  1.00 16.06 ? 230  GLY A O   1 
ATOM   499  N N   . MET A 1 62  ? -2.397  3.095   15.830  1.00 14.53 ? 231  MET A N   1 
ATOM   500  C CA  . MET A 1 62  ? -3.516  2.547   15.074  1.00 14.38 ? 231  MET A CA  1 
ATOM   501  C C   . MET A 1 62  ? -3.601  1.034   15.236  1.00 18.97 ? 231  MET A C   1 
ATOM   502  O O   . MET A 1 62  ? -4.643  0.492   15.604  1.00 21.03 ? 231  MET A O   1 
ATOM   503  C CB  . MET A 1 62  ? -3.405  2.922   13.595  1.00 11.85 ? 231  MET A CB  1 
ATOM   504  C CG  . MET A 1 62  ? -3.639  4.394   13.332  1.00 19.41 ? 231  MET A CG  1 
ATOM   505  S SD  . MET A 1 62  ? -3.812  4.784   11.583  1.00 33.20 ? 231  MET A SD  1 
ATOM   506  C CE  . MET A 1 62  ? -2.103  4.778   11.077  1.00 31.59 ? 231  MET A CE  1 
ATOM   507  N N   . LEU A 1 63  ? -2.489  0.355   14.974  1.00 16.18 ? 232  LEU A N   1 
ATOM   508  C CA  . LEU A 1 63  ? -2.441  -1.100  15.061  1.00 18.17 ? 232  LEU A CA  1 
ATOM   509  C C   . LEU A 1 63  ? -2.899  -1.588  16.427  1.00 18.80 ? 232  LEU A C   1 
ATOM   510  O O   . LEU A 1 63  ? -3.693  -2.527  16.537  1.00 19.78 ? 232  LEU A O   1 
ATOM   511  C CB  . LEU A 1 63  ? -1.017  -1.590  14.799  1.00 23.08 ? 232  LEU A CB  1 
ATOM   512  C CG  . LEU A 1 63  ? -0.806  -3.099  14.855  1.00 25.57 ? 232  LEU A CG  1 
ATOM   513  C CD1 . LEU A 1 63  ? -1.580  -3.767  13.729  1.00 19.78 ? 232  LEU A CD1 1 
ATOM   514  C CD2 . LEU A 1 63  ? 0.679   -3.435  14.779  1.00 25.96 ? 232  LEU A CD2 1 
ATOM   515  N N   . ARG A 1 64  ? -2.386  -0.934  17.463  1.00 17.06 ? 233  ARG A N   1 
ATOM   516  C CA  . ARG A 1 64  ? -2.652  -1.301  18.847  1.00 16.65 ? 233  ARG A CA  1 
ATOM   517  C C   . ARG A 1 64  ? -4.143  -1.408  19.153  1.00 18.89 ? 233  ARG A C   1 
ATOM   518  O O   . ARG A 1 64  ? -4.591  -2.375  19.771  1.00 18.79 ? 233  ARG A O   1 
ATOM   519  C CB  . ARG A 1 64  ? -1.996  -0.280  19.778  1.00 16.97 ? 233  ARG A CB  1 
ATOM   520  C CG  . ARG A 1 64  ? -2.296  -0.460  21.252  1.00 25.54 ? 233  ARG A CG  1 
ATOM   521  C CD  . ARG A 1 64  ? -1.845  0.757   22.054  1.00 24.22 ? 233  ARG A CD  1 
ATOM   522  N NE  . ARG A 1 64  ? -2.206  0.632   23.462  1.00 28.85 ? 233  ARG A NE  1 
ATOM   523  C CZ  . ARG A 1 64  ? -2.352  1.655   24.297  1.00 31.54 ? 233  ARG A CZ  1 
ATOM   524  N NH1 . ARG A 1 64  ? -2.171  2.898   23.870  1.00 27.92 ? 233  ARG A NH1 1 
ATOM   525  N NH2 . ARG A 1 64  ? -2.684  1.432   25.562  1.00 40.61 ? 233  ARG A NH2 1 
ATOM   526  N N   . LYS A 1 65  ? -4.911  -0.419  18.714  1.00 19.79 ? 234  LYS A N   1 
ATOM   527  C CA  . LYS A 1 65  ? -6.328  -0.357  19.062  1.00 17.15 ? 234  LYS A CA  1 
ATOM   528  C C   . LYS A 1 65  ? -7.224  -1.097  18.070  1.00 23.46 ? 234  LYS A C   1 
ATOM   529  O O   . LYS A 1 65  ? -8.333  -1.504  18.416  1.00 17.20 ? 234  LYS A O   1 
ATOM   530  C CB  . LYS A 1 65  ? -6.785  1.094   19.243  1.00 17.58 ? 234  LYS A CB  1 
ATOM   531  C CG  . LYS A 1 65  ? -6.226  1.760   20.499  1.00 17.91 ? 234  LYS A CG  1 
ATOM   532  C CD  . LYS A 1 65  ? -6.386  0.856   21.712  1.00 26.02 ? 234  LYS A CD  1 
ATOM   533  C CE  . LYS A 1 65  ? -5.869  1.516   22.982  1.00 38.10 ? 234  LYS A CE  1 
ATOM   534  N NZ  . LYS A 1 65  ? -6.796  2.566   23.482  1.00 31.31 ? 234  LYS A NZ  1 
ATOM   535  N N   . LEU A 1 66  ? -6.742  -1.285  16.847  1.00 19.05 ? 235  LEU A N   1 
ATOM   536  C CA  . LEU A 1 66  ? -7.483  -2.058  15.857  1.00 18.21 ? 235  LEU A CA  1 
ATOM   537  C C   . LEU A 1 66  ? -7.566  -3.523  16.271  1.00 25.38 ? 235  LEU A C   1 
ATOM   538  O O   . LEU A 1 66  ? -8.458  -4.250  15.836  1.00 25.58 ? 235  LEU A O   1 
ATOM   539  C CB  . LEU A 1 66  ? -6.841  -1.931  14.474  1.00 21.47 ? 235  LEU A CB  1 
ATOM   540  C CG  . LEU A 1 66  ? -7.090  -0.602  13.761  1.00 22.03 ? 235  LEU A CG  1 
ATOM   541  C CD1 . LEU A 1 66  ? -6.183  -0.451  12.548  1.00 22.40 ? 235  LEU A CD1 1 
ATOM   542  C CD2 . LEU A 1 66  ? -8.557  -0.482  13.371  1.00 26.28 ? 235  LEU A CD2 1 
ATOM   543  N N   . ASP A 1 67  ? -6.627  -3.939  17.117  1.00 22.48 ? 236  ASP A N   1 
ATOM   544  C CA  . ASP A 1 67  ? -6.591  -5.295  17.670  1.00 24.31 ? 236  ASP A CA  1 
ATOM   545  C C   . ASP A 1 67  ? -6.869  -6.373  16.624  1.00 32.11 ? 236  ASP A C   1 
ATOM   546  O O   . ASP A 1 67  ? -7.836  -7.128  16.731  1.00 33.25 ? 236  ASP A O   1 
ATOM   547  C CB  . ASP A 1 67  ? -7.572  -5.427  18.835  1.00 36.57 ? 236  ASP A CB  1 
ATOM   548  C CG  . ASP A 1 67  ? -7.377  -6.711  19.614  1.00 41.11 ? 236  ASP A CG  1 
ATOM   549  O OD1 . ASP A 1 67  ? -6.224  -7.002  19.996  1.00 46.48 ? 236  ASP A OD1 1 
ATOM   550  O OD2 . ASP A 1 67  ? -8.374  -7.428  19.845  1.00 49.44 ? 236  ASP A OD2 1 
ATOM   551  N N   . ILE A 1 68  ? -6.006  -6.442  15.617  1.00 21.39 ? 237  ILE A N   1 
ATOM   552  C CA  . ILE A 1 68  ? -6.161  -7.405  14.537  1.00 23.57 ? 237  ILE A CA  1 
ATOM   553  C C   . ILE A 1 68  ? -5.652  -8.769  14.988  1.00 27.22 ? 237  ILE A C   1 
ATOM   554  O O   . ILE A 1 68  ? -4.497  -8.904  15.386  1.00 25.96 ? 237  ILE A O   1 
ATOM   555  C CB  . ILE A 1 68  ? -5.386  -6.944  13.295  1.00 23.63 ? 237  ILE A CB  1 
ATOM   556  C CG1 . ILE A 1 68  ? -5.795  -5.513  12.929  1.00 24.52 ? 237  ILE A CG1 1 
ATOM   557  C CG2 . ILE A 1 68  ? -5.618  -7.901  12.136  1.00 25.36 ? 237  ILE A CG2 1 
ATOM   558  C CD1 . ILE A 1 68  ? -4.887  -4.845  11.917  1.00 28.54 ? 237  ILE A CD1 1 
ATOM   559  N N   . LYS A 1 69  ? -6.517  -9.778  14.939  1.00 20.78 ? 238  LYS A N   1 
ATOM   560  C CA  . LYS A 1 69  ? -6.146  -11.101 15.433  1.00 20.71 ? 238  LYS A CA  1 
ATOM   561  C C   . LYS A 1 69  ? -6.262  -12.212 14.393  1.00 29.93 ? 238  LYS A C   1 
ATOM   562  O O   . LYS A 1 69  ? -5.565  -13.225 14.485  1.00 23.05 ? 238  LYS A O   1 
ATOM   563  C CB  . LYS A 1 69  ? -6.937  -11.449 16.697  1.00 23.83 ? 238  LYS A CB  1 
ATOM   564  C CG  . LYS A 1 69  ? -6.480  -10.659 17.905  1.00 25.47 ? 238  LYS A CG  1 
ATOM   565  C CD  . LYS A 1 69  ? -7.326  -10.914 19.134  1.00 39.93 ? 238  LYS A CD  1 
ATOM   566  C CE  . LYS A 1 69  ? -6.770  -10.125 20.311  1.00 44.64 ? 238  LYS A CE  1 
ATOM   567  N NZ  . LYS A 1 69  ? -7.587  -10.254 21.544  1.00 59.83 ? 238  LYS A NZ  1 
ATOM   568  N N   . ASN A 1 70  ? -7.134  -12.025 13.409  1.00 21.71 ? 239  ASN A N   1 
ATOM   569  C CA  . ASN A 1 70  ? -7.315  -13.026 12.363  1.00 26.47 ? 239  ASN A CA  1 
ATOM   570  C C   . ASN A 1 70  ? -7.885  -12.453 11.067  1.00 21.89 ? 239  ASN A C   1 
ATOM   571  O O   . ASN A 1 70  ? -8.012  -11.237 10.913  1.00 19.47 ? 239  ASN A O   1 
ATOM   572  C CB  . ASN A 1 70  ? -8.185  -14.179 12.867  1.00 35.60 ? 239  ASN A CB  1 
ATOM   573  C CG  . ASN A 1 70  ? -9.568  -13.728 13.279  1.00 27.98 ? 239  ASN A CG  1 
ATOM   574  O OD1 . ASN A 1 70  ? -10.091 -12.740 12.770  1.00 29.83 ? 239  ASN A OD1 1 
ATOM   575  N ND2 . ASN A 1 70  ? -10.172 -14.459 14.207  1.00 32.81 ? 239  ASN A ND2 1 
ATOM   576  N N   . GLU A 1 71  ? -8.231  -13.335 10.136  1.00 21.95 ? 240  GLU A N   1 
ATOM   577  C CA  . GLU A 1 71  ? -8.634  -12.901 8.803   1.00 17.51 ? 240  GLU A CA  1 
ATOM   578  C C   . GLU A 1 71  ? -9.914  -12.066 8.822   1.00 21.46 ? 240  GLU A C   1 
ATOM   579  O O   . GLU A 1 71  ? -10.116 -11.204 7.965   1.00 22.72 ? 240  GLU A O   1 
ATOM   580  C CB  . GLU A 1 71  ? -8.761  -14.101 7.858   1.00 22.04 ? 240  GLU A CB  1 
ATOM   581  C CG  . GLU A 1 71  ? -8.978  -13.717 6.399   1.00 35.39 ? 240  GLU A CG  1 
ATOM   582  C CD  . GLU A 1 71  ? -8.925  -14.911 5.460   1.00 44.06 ? 240  GLU A CD  1 
ATOM   583  O OE1 . GLU A 1 71  ? -8.228  -15.895 5.785   1.00 35.10 ? 240  GLU A OE1 1 
ATOM   584  O OE2 . GLU A 1 71  ? -9.577  -14.861 4.393   1.00 37.69 ? 240  GLU A OE2 1 
ATOM   585  N N   . ASP A 1 72  ? -10.769 -12.315 9.810   1.00 20.00 ? 241  ASP A N   1 
ATOM   586  C CA  . ASP A 1 72  ? -12.002 -11.554 9.965   1.00 25.36 ? 241  ASP A CA  1 
ATOM   587  C C   . ASP A 1 72  ? -11.701 -10.078 10.198  1.00 23.21 ? 241  ASP A C   1 
ATOM   588  O O   . ASP A 1 72  ? -12.443 -9.203  9.756   1.00 31.16 ? 241  ASP A O   1 
ATOM   589  C CB  . ASP A 1 72  ? -12.817 -12.096 11.143  1.00 26.13 ? 241  ASP A CB  1 
ATOM   590  C CG  . ASP A 1 72  ? -13.342 -13.497 10.897  1.00 37.68 ? 241  ASP A CG  1 
ATOM   591  O OD1 . ASP A 1 72  ? -13.840 -13.763 9.782   1.00 36.78 ? 241  ASP A OD1 1 
ATOM   592  O OD2 . ASP A 1 72  ? -13.267 -14.329 11.827  1.00 44.01 ? 241  ASP A OD2 1 
ATOM   593  N N   . ASP A 1 73  ? -10.609 -9.806  10.901  1.00 19.75 ? 242  ASP A N   1 
ATOM   594  C CA  . ASP A 1 73  ? -10.240 -8.437  11.223  1.00 25.25 ? 242  ASP A CA  1 
ATOM   595  C C   . ASP A 1 73  ? -9.641  -7.753  10.005  1.00 29.52 ? 242  ASP A C   1 
ATOM   596  O O   . ASP A 1 73  ? -9.858  -6.564  9.776   1.00 24.53 ? 242  ASP A O   1 
ATOM   597  C CB  . ASP A 1 73  ? -9.258  -8.413  12.389  1.00 28.00 ? 242  ASP A CB  1 
ATOM   598  C CG  . ASP A 1 73  ? -9.831  -9.052  13.634  1.00 32.84 ? 242  ASP A CG  1 
ATOM   599  O OD1 . ASP A 1 73  ? -11.049 -8.906  13.867  1.00 32.14 ? 242  ASP A OD1 1 
ATOM   600  O OD2 . ASP A 1 73  ? -9.071  -9.704  14.375  1.00 28.32 ? 242  ASP A OD2 1 
ATOM   601  N N   . VAL A 1 74  ? -8.883  -8.515  9.229   1.00 31.06 ? 243  VAL A N   1 
ATOM   602  C CA  . VAL A 1 74  ? -8.315  -8.013  7.989   1.00 29.69 ? 243  VAL A CA  1 
ATOM   603  C C   . VAL A 1 74  ? -9.439  -7.553  7.074   1.00 27.96 ? 243  VAL A C   1 
ATOM   604  O O   . VAL A 1 74  ? -9.416  -6.438  6.556   1.00 31.63 ? 243  VAL A O   1 
ATOM   605  C CB  . VAL A 1 74  ? -7.490  -9.097  7.286   1.00 27.49 ? 243  VAL A CB  1 
ATOM   606  C CG1 . VAL A 1 74  ? -7.062  -8.626  5.909   1.00 31.70 ? 243  VAL A CG1 1 
ATOM   607  C CG2 . VAL A 1 74  ? -6.285  -9.465  8.134   1.00 27.62 ? 243  VAL A CG2 1 
ATOM   608  N N   . LYS A 1 75  ? -10.429 -8.419  6.890   1.00 35.00 ? 244  LYS A N   1 
ATOM   609  C CA  . LYS A 1 75  ? -11.616 -8.082  6.112   1.00 34.48 ? 244  LYS A CA  1 
ATOM   610  C C   . LYS A 1 75  ? -12.211 -6.752  6.554   1.00 38.10 ? 244  LYS A C   1 
ATOM   611  O O   . LYS A 1 75  ? -12.681 -5.967  5.731   1.00 45.19 ? 244  LYS A O   1 
ATOM   612  C CB  . LYS A 1 75  ? -12.669 -9.184  6.242   1.00 45.10 ? 244  LYS A CB  1 
ATOM   613  C CG  . LYS A 1 75  ? -12.408 -10.397 5.369   1.00 51.18 ? 244  LYS A CG  1 
ATOM   614  C CD  . LYS A 1 75  ? -12.486 -10.046 3.887   1.00 63.86 ? 244  LYS A CD  1 
ATOM   615  C CE  . LYS A 1 75  ? -13.907 -9.686  3.455   1.00 65.57 ? 244  LYS A CE  1 
ATOM   616  N NZ  . LYS A 1 75  ? -14.360 -8.358  3.963   1.00 60.93 ? 244  LYS A NZ  1 
ATOM   617  N N   . SER A 1 76  ? -12.188 -6.507  7.859   1.00 34.60 ? 245  SER A N   1 
ATOM   618  C CA  . SER A 1 76  ? -12.767 -5.293  8.424   1.00 30.23 ? 245  SER A CA  1 
ATOM   619  C C   . SER A 1 76  ? -11.959 -4.043  8.082   1.00 30.83 ? 245  SER A C   1 
ATOM   620  O O   . SER A 1 76  ? -12.492 -2.936  8.086   1.00 33.08 ? 245  SER A O   1 
ATOM   621  C CB  . SER A 1 76  ? -12.903 -5.426  9.942   1.00 36.93 ? 245  SER A CB  1 
ATOM   622  O OG  . SER A 1 76  ? -13.691 -6.553  10.283  1.00 40.61 ? 245  SER A OG  1 
ATOM   623  N N   . LEU A 1 77  ? -10.673 -4.220  7.795   1.00 28.48 ? 246  LEU A N   1 
ATOM   624  C CA  . LEU A 1 77  ? -9.801  -3.090  7.478   1.00 27.91 ? 246  LEU A CA  1 
ATOM   625  C C   . LEU A 1 77  ? -10.165 -2.423  6.155   1.00 19.18 ? 246  LEU A C   1 
ATOM   626  O O   . LEU A 1 77  ? -9.770  -1.285  5.898   1.00 21.71 ? 246  LEU A O   1 
ATOM   627  C CB  . LEU A 1 77  ? -8.337  -3.522  7.440   1.00 22.52 ? 246  LEU A CB  1 
ATOM   628  C CG  . LEU A 1 77  ? -7.697  -3.913  8.770   1.00 32.95 ? 246  LEU A CG  1 
ATOM   629  C CD1 . LEU A 1 77  ? -6.335  -4.546  8.537   1.00 32.63 ? 246  LEU A CD1 1 
ATOM   630  C CD2 . LEU A 1 77  ? -7.586  -2.700  9.681   1.00 36.21 ? 246  LEU A CD2 1 
ATOM   631  N N   . SER A 1 78  ? -10.905 -3.133  5.311   1.00 17.07 ? 247  SER A N   1 
ATOM   632  C CA  . SER A 1 78  ? -11.305 -2.572  4.028   1.00 20.22 ? 247  SER A CA  1 
ATOM   633  C C   . SER A 1 78  ? -12.152 -1.327  4.251   1.00 19.08 ? 247  SER A C   1 
ATOM   634  O O   . SER A 1 78  ? -12.128 -0.399  3.446   1.00 21.60 ? 247  SER A O   1 
ATOM   635  C CB  . SER A 1 78  ? -12.066 -3.603  3.189   1.00 27.29 ? 247  SER A CB  1 
ATOM   636  O OG  . SER A 1 78  ? -13.289 -3.964  3.808   1.00 40.99 ? 247  SER A OG  1 
ATOM   637  N N   . ARG A 1 79  ? -12.889 -1.307  5.358   1.00 16.35 ? 248  ARG A N   1 
ATOM   638  C CA  . ARG A 1 79  ? -13.718 -0.153  5.695   1.00 25.10 ? 248  ARG A CA  1 
ATOM   639  C C   . ARG A 1 79  ? -12.880 1.105   5.885   1.00 23.15 ? 248  ARG A C   1 
ATOM   640  O O   . ARG A 1 79  ? -13.234 2.177   5.393   1.00 20.55 ? 248  ARG A O   1 
ATOM   641  C CB  . ARG A 1 79  ? -14.546 -0.425  6.952   1.00 24.93 ? 248  ARG A CB  1 
ATOM   642  C CG  . ARG A 1 79  ? -15.714 -1.369  6.726   1.00 43.43 ? 248  ARG A CG  1 
ATOM   643  C CD  . ARG A 1 79  ? -16.769 -0.736  5.830   1.00 49.31 ? 248  ARG A CD  1 
ATOM   644  N NE  . ARG A 1 79  ? -17.521 0.313   6.514   1.00 46.01 ? 248  ARG A NE  1 
ATOM   645  C CZ  . ARG A 1 79  ? -18.396 1.115   5.914   1.00 48.83 ? 248  ARG A CZ  1 
ATOM   646  N NH1 . ARG A 1 79  ? -18.626 0.992   4.615   1.00 47.68 ? 248  ARG A NH1 1 
ATOM   647  N NH2 . ARG A 1 79  ? -19.039 2.043   6.609   1.00 40.32 ? 248  ARG A NH2 1 
ATOM   648  N N   . VAL A 1 80  ? -11.766 0.974   6.596   1.00 13.87 ? 249  VAL A N   1 
ATOM   649  C CA  . VAL A 1 80  ? -10.877 2.111   6.789   1.00 17.00 ? 249  VAL A CA  1 
ATOM   650  C C   . VAL A 1 80  ? -10.322 2.559   5.440   1.00 17.35 ? 249  VAL A C   1 
ATOM   651  O O   . VAL A 1 80  ? -10.284 3.755   5.128   1.00 17.00 ? 249  VAL A O   1 
ATOM   652  C CB  . VAL A 1 80  ? -9.718  1.767   7.746   1.00 16.79 ? 249  VAL A CB  1 
ATOM   653  C CG1 . VAL A 1 80  ? -8.705  2.902   7.783   1.00 17.94 ? 249  VAL A CG1 1 
ATOM   654  C CG2 . VAL A 1 80  ? -10.257 1.479   9.147   1.00 17.06 ? 249  VAL A CG2 1 
ATOM   655  N N   . MET A 1 81  ? -9.909  1.589   4.634   1.00 15.29 ? 250  MET A N   1 
ATOM   656  C CA  . MET A 1 81  ? -9.329  1.872   3.330   1.00 18.66 ? 250  MET A CA  1 
ATOM   657  C C   . MET A 1 81  ? -10.302 2.628   2.428   1.00 24.41 ? 250  MET A C   1 
ATOM   658  O O   . MET A 1 81  ? -9.913  3.573   1.752   1.00 20.09 ? 250  MET A O   1 
ATOM   659  C CB  . MET A 1 81  ? -8.844  0.579   2.673   1.00 20.78 ? 250  MET A CB  1 
ATOM   660  C CG  . MET A 1 81  ? -7.921  -0.216  3.580   1.00 25.71 ? 250  MET A CG  1 
ATOM   661  S SD  . MET A 1 81  ? -7.029  -1.551  2.766   1.00 41.84 ? 250  MET A SD  1 
ATOM   662  C CE  . MET A 1 81  ? -8.349  -2.678  2.382   1.00 16.78 ? 250  MET A CE  1 
ATOM   663  N N   . ILE A 1 82  ? -11.570 2.225   2.435   1.00 20.47 ? 251  ILE A N   1 
ATOM   664  C CA  . ILE A 1 82  ? -12.580 2.924   1.648   1.00 19.16 ? 251  ILE A CA  1 
ATOM   665  C C   . ILE A 1 82  ? -12.659 4.393   2.045   1.00 22.94 ? 251  ILE A C   1 
ATOM   666  O O   . ILE A 1 82  ? -12.710 5.275   1.186   1.00 21.91 ? 251  ILE A O   1 
ATOM   667  C CB  . ILE A 1 82  ? -13.977 2.285   1.799   1.00 21.66 ? 251  ILE A CB  1 
ATOM   668  C CG1 . ILE A 1 82  ? -13.950 0.828   1.332   1.00 26.74 ? 251  ILE A CG1 1 
ATOM   669  C CG2 . ILE A 1 82  ? -15.014 3.072   1.014   1.00 31.61 ? 251  ILE A CG2 1 
ATOM   670  C CD1 . ILE A 1 82  ? -13.479 0.651   -0.088  1.00 46.34 ? 251  ILE A CD1 1 
ATOM   671  N N   . HIS A 1 83  ? -12.650 4.651   3.349   1.00 16.19 ? 252  HIS A N   1 
ATOM   672  C CA  . HIS A 1 83  ? -12.818 6.006   3.871   1.00 16.15 ? 252  HIS A CA  1 
ATOM   673  C C   . HIS A 1 83  ? -11.616 6.924   3.642   1.00 14.69 ? 252  HIS A C   1 
ATOM   674  O O   . HIS A 1 83  ? -11.744 8.142   3.714   1.00 18.91 ? 252  HIS A O   1 
ATOM   675  C CB  . HIS A 1 83  ? -13.162 5.970   5.361   1.00 15.23 ? 252  HIS A CB  1 
ATOM   676  C CG  . HIS A 1 83  ? -14.569 5.552   5.645   1.00 24.92 ? 252  HIS A CG  1 
ATOM   677  N ND1 . HIS A 1 83  ? -15.637 6.417   5.534   1.00 29.31 ? 252  HIS A ND1 1 
ATOM   678  C CD2 . HIS A 1 83  ? -15.085 4.364   6.041   1.00 24.41 ? 252  HIS A CD2 1 
ATOM   679  C CE1 . HIS A 1 83  ? -16.750 5.780   5.848   1.00 28.29 ? 252  HIS A CE1 1 
ATOM   680  N NE2 . HIS A 1 83  ? -16.444 4.533   6.159   1.00 27.18 ? 252  HIS A NE2 1 
ATOM   681  N N   . VAL A 1 84  ? -10.454 6.344   3.378   1.00 14.15 ? 253  VAL A N   1 
ATOM   682  C CA  . VAL A 1 84  ? -9.279  7.154   3.071   1.00 16.40 ? 253  VAL A CA  1 
ATOM   683  C C   . VAL A 1 84  ? -9.502  7.932   1.776   1.00 23.87 ? 253  VAL A C   1 
ATOM   684  O O   . VAL A 1 84  ? -8.920  8.998   1.567   1.00 25.57 ? 253  VAL A O   1 
ATOM   685  C CB  . VAL A 1 84  ? -8.011  6.294   2.953   1.00 19.34 ? 253  VAL A CB  1 
ATOM   686  C CG1 . VAL A 1 84  ? -6.862  7.105   2.366   1.00 22.77 ? 253  VAL A CG1 1 
ATOM   687  C CG2 . VAL A 1 84  ? -7.636  5.731   4.316   1.00 16.62 ? 253  VAL A CG2 1 
ATOM   688  N N   . PHE A 1 85  ? -10.368 7.400   0.917   1.00 15.65 ? 254  PHE A N   1 
ATOM   689  C CA  . PHE A 1 85  ? -10.617 8.006   -0.386  1.00 15.71 ? 254  PHE A CA  1 
ATOM   690  C C   . PHE A 1 85  ? -12.035 8.555   -0.512  1.00 16.57 ? 254  PHE A C   1 
ATOM   691  O O   . PHE A 1 85  ? -12.455 8.952   -1.600  1.00 18.66 ? 254  PHE A O   1 
ATOM   692  C CB  . PHE A 1 85  ? -10.380 6.982   -1.498  1.00 17.71 ? 254  PHE A CB  1 
ATOM   693  C CG  . PHE A 1 85  ? -8.985  6.426   -1.525  1.00 16.08 ? 254  PHE A CG  1 
ATOM   694  C CD1 . PHE A 1 85  ? -7.939  7.173   -2.039  1.00 16.76 ? 254  PHE A CD1 1 
ATOM   695  C CD2 . PHE A 1 85  ? -8.723  5.150   -1.051  1.00 20.09 ? 254  PHE A CD2 1 
ATOM   696  C CE1 . PHE A 1 85  ? -6.651  6.663   -2.072  1.00 19.01 ? 254  PHE A CE1 1 
ATOM   697  C CE2 . PHE A 1 85  ? -7.440  4.633   -1.078  1.00 19.94 ? 254  PHE A CE2 1 
ATOM   698  C CZ  . PHE A 1 85  ? -6.402  5.392   -1.590  1.00 14.57 ? 254  PHE A CZ  1 
ATOM   699  N N   . SER A 1 86  ? -12.767 8.585   0.595   1.00 14.21 ? 255  SER A N   1 
ATOM   700  C CA  . SER A 1 86  ? -14.189 8.908   0.556   1.00 15.46 ? 255  SER A CA  1 
ATOM   701  C C   . SER A 1 86  ? -14.436 10.384  0.285   1.00 23.50 ? 255  SER A C   1 
ATOM   702  O O   . SER A 1 86  ? -15.559 10.788  -0.016  1.00 19.98 ? 255  SER A O   1 
ATOM   703  C CB  . SER A 1 86  ? -14.869 8.509   1.869   1.00 23.39 ? 255  SER A CB  1 
ATOM   704  O OG  . SER A 1 86  ? -14.686 9.521   2.842   1.00 22.05 ? 255  SER A OG  1 
ATOM   705  N N   . ASP A 1 87  ? -13.385 11.189  0.397   1.00 19.10 ? 256  ASP A N   1 
ATOM   706  C CA  . ASP A 1 87  ? -13.496 12.622  0.167   1.00 31.42 ? 256  ASP A CA  1 
ATOM   707  C C   . ASP A 1 87  ? -13.458 12.949  -1.320  1.00 25.13 ? 256  ASP A C   1 
ATOM   708  O O   . ASP A 1 87  ? -13.702 14.085  -1.714  1.00 40.07 ? 256  ASP A O   1 
ATOM   709  C CB  . ASP A 1 87  ? -12.371 13.370  0.880   1.00 26.70 ? 256  ASP A CB  1 
ATOM   710  C CG  . ASP A 1 87  ? -11.013 13.093  0.270   1.00 37.54 ? 256  ASP A CG  1 
ATOM   711  O OD1 . ASP A 1 87  ? -10.857 12.044  -0.392  1.00 32.81 ? 256  ASP A OD1 1 
ATOM   712  O OD2 . ASP A 1 87  ? -10.101 13.927  0.450   1.00 40.79 ? 256  ASP A OD2 1 
ATOM   713  N N   . GLY A 1 88  ? -13.145 11.953  -2.143  1.00 23.73 ? 257  GLY A N   1 
ATOM   714  C CA  . GLY A 1 88  ? -13.069 12.140  -3.578  1.00 30.31 ? 257  GLY A CA  1 
ATOM   715  C C   . GLY A 1 88  ? -11.643 12.230  -4.094  1.00 24.78 ? 257  GLY A C   1 
ATOM   716  O O   . GLY A 1 88  ? -11.400 12.083  -5.289  1.00 33.82 ? 257  GLY A O   1 
ATOM   717  N N   . VAL A 1 89  ? -10.702 12.464  -3.184  1.00 27.04 ? 258  VAL A N   1 
ATOM   718  C CA  . VAL A 1 89  ? -9.297  12.625  -3.553  1.00 28.75 ? 258  VAL A CA  1 
ATOM   719  C C   . VAL A 1 89  ? -8.590  11.288  -3.741  1.00 26.14 ? 258  VAL A C   1 
ATOM   720  O O   . VAL A 1 89  ? -8.733  10.379  -2.929  1.00 19.25 ? 258  VAL A O   1 
ATOM   721  C CB  . VAL A 1 89  ? -8.523  13.410  -2.477  1.00 32.38 ? 258  VAL A CB  1 
ATOM   722  C CG1 . VAL A 1 89  ? -7.026  13.413  -2.783  1.00 30.53 ? 258  VAL A CG1 1 
ATOM   723  C CG2 . VAL A 1 89  ? -9.048  14.825  -2.367  1.00 36.01 ? 258  VAL A CG2 1 
ATOM   724  N N   . THR A 1 90  ? -7.825  11.181  -4.820  1.00 24.39 ? 259  THR A N   1 
ATOM   725  C CA  . THR A 1 90  ? -6.885  10.083  -4.982  1.00 15.35 ? 259  THR A CA  1 
ATOM   726  C C   . THR A 1 90  ? -5.532  10.688  -5.323  1.00 15.76 ? 259  THR A C   1 
ATOM   727  O O   . THR A 1 90  ? -5.445  11.604  -6.144  1.00 14.36 ? 259  THR A O   1 
ATOM   728  C CB  . THR A 1 90  ? -7.294  9.127   -6.120  1.00 25.55 ? 259  THR A CB  1 
ATOM   729  O OG1 . THR A 1 90  ? -8.663  8.743   -5.965  1.00 27.93 ? 259  THR A OG1 1 
ATOM   730  C CG2 . THR A 1 90  ? -6.425  7.890   -6.109  1.00 17.58 ? 259  THR A CG2 1 
ATOM   731  N N   . ASN A 1 91  ? -4.483  10.199  -4.678  1.00 14.14 ? 260  ASN A N   1 
ATOM   732  C CA  . ASN A 1 91  ? -3.126  10.572  -5.062  1.00 12.16 ? 260  ASN A CA  1 
ATOM   733  C C   . ASN A 1 91  ? -2.145  9.484   -4.659  1.00 11.47 ? 260  ASN A C   1 
ATOM   734  O O   . ASN A 1 91  ? -2.499  8.577   -3.913  1.00 9.10  ? 260  ASN A O   1 
ATOM   735  C CB  . ASN A 1 91  ? -2.726  11.957  -4.521  1.00 12.99 ? 260  ASN A CB  1 
ATOM   736  C CG  . ASN A 1 91  ? -2.718  12.028  -3.001  1.00 11.90 ? 260  ASN A CG  1 
ATOM   737  O OD1 . ASN A 1 91  ? -2.224  11.133  -2.326  1.00 11.84 ? 260  ASN A OD1 1 
ATOM   738  N ND2 . ASN A 1 91  ? -3.256  13.116  -2.460  1.00 13.21 ? 260  ASN A ND2 1 
ATOM   739  N N   . TRP A 1 92  ? -0.922  9.549   -5.170  1.00 10.11 ? 261  TRP A N   1 
ATOM   740  C CA  . TRP A 1 92  ? 0.020   8.465   -4.930  1.00 11.85 ? 261  TRP A CA  1 
ATOM   741  C C   . TRP A 1 92  ? 0.463   8.417   -3.472  1.00 10.34 ? 261  TRP A C   1 
ATOM   742  O O   . TRP A 1 92  ? 0.764   7.350   -2.941  1.00 12.90 ? 261  TRP A O   1 
ATOM   743  C CB  . TRP A 1 92  ? 1.233   8.570   -5.858  1.00 11.28 ? 261  TRP A CB  1 
ATOM   744  C CG  . TRP A 1 92  ? 0.957   8.162   -7.285  1.00 9.00  ? 261  TRP A CG  1 
ATOM   745  C CD1 . TRP A 1 92  ? 1.082   8.947   -8.397  1.00 15.55 ? 261  TRP A CD1 1 
ATOM   746  C CD2 . TRP A 1 92  ? 0.514   6.877   -7.750  1.00 11.58 ? 261  TRP A CD2 1 
ATOM   747  N NE1 . TRP A 1 92  ? 0.752   8.232   -9.523  1.00 11.88 ? 261  TRP A NE1 1 
ATOM   748  C CE2 . TRP A 1 92  ? 0.401   6.960   -9.155  1.00 10.27 ? 261  TRP A CE2 1 
ATOM   749  C CE3 . TRP A 1 92  ? 0.207   5.666   -7.120  1.00 10.09 ? 261  TRP A CE3 1 
ATOM   750  C CZ2 . TRP A 1 92  ? -0.009  5.879   -9.938  1.00 9.78  ? 261  TRP A CZ2 1 
ATOM   751  C CZ3 . TRP A 1 92  ? -0.205  4.590   -7.904  1.00 9.95  ? 261  TRP A CZ3 1 
ATOM   752  C CH2 . TRP A 1 92  ? -0.307  4.707   -9.297  1.00 9.11  ? 261  TRP A CH2 1 
ATOM   753  N N   . GLY A 1 93  ? 0.491   9.575   -2.823  1.00 8.67  ? 262  GLY A N   1 
ATOM   754  C CA  . GLY A 1 93  ? 0.847   9.636   -1.421  1.00 9.14  ? 262  GLY A CA  1 
ATOM   755  C C   . GLY A 1 93  ? -0.088  8.790   -0.576  1.00 8.52  ? 262  GLY A C   1 
ATOM   756  O O   . GLY A 1 93  ? 0.358   8.018   0.272   1.00 12.83 ? 262  GLY A O   1 
ATOM   757  N N   . ARG A 1 94  ? -1.389  8.939   -0.805  1.00 9.79  ? 263  ARG A N   1 
ATOM   758  C CA  . ARG A 1 94  ? -2.383  8.158   -0.072  1.00 10.90 ? 263  ARG A CA  1 
ATOM   759  C C   . ARG A 1 94  ? -2.246  6.675   -0.380  1.00 10.91 ? 263  ARG A C   1 
ATOM   760  O O   . ARG A 1 94  ? -2.361  5.831   0.508   1.00 10.42 ? 263  ARG A O   1 
ATOM   761  C CB  . ARG A 1 94  ? -3.797  8.627   -0.401  1.00 11.23 ? 263  ARG A CB  1 
ATOM   762  C CG  . ARG A 1 94  ? -4.129  10.009  0.128   1.00 14.08 ? 263  ARG A CG  1 
ATOM   763  C CD  . ARG A 1 94  ? -5.586  10.331  -0.128  1.00 19.18 ? 263  ARG A CD  1 
ATOM   764  N NE  . ARG A 1 94  ? -5.917  11.707  0.231   1.00 21.81 ? 263  ARG A NE  1 
ATOM   765  C CZ  . ARG A 1 94  ? -7.156  12.182  0.282   1.00 31.70 ? 263  ARG A CZ  1 
ATOM   766  N NH1 . ARG A 1 94  ? -8.179  11.387  0.001   1.00 31.58 ? 263  ARG A NH1 1 
ATOM   767  N NH2 . ARG A 1 94  ? -7.373  13.447  0.615   1.00 25.57 ? 263  ARG A NH2 1 
ATOM   768  N N   . ILE A 1 95  ? -2.002  6.360   -1.646  1.00 10.43 ? 264  ILE A N   1 
ATOM   769  C CA  . ILE A 1 95  ? -1.827  4.973   -2.058  1.00 8.91  ? 264  ILE A CA  1 
ATOM   770  C C   . ILE A 1 95  ? -0.607  4.330   -1.394  1.00 10.94 ? 264  ILE A C   1 
ATOM   771  O O   . ILE A 1 95  ? -0.698  3.231   -0.852  1.00 11.82 ? 264  ILE A O   1 
ATOM   772  C CB  . ILE A 1 95  ? -1.787  4.850   -3.592  1.00 10.23 ? 264  ILE A CB  1 
ATOM   773  C CG1 . ILE A 1 95  ? -3.178  5.169   -4.155  1.00 13.25 ? 264  ILE A CG1 1 
ATOM   774  C CG2 . ILE A 1 95  ? -1.305  3.467   -4.010  1.00 10.50 ? 264  ILE A CG2 1 
ATOM   775  C CD1 . ILE A 1 95  ? -3.241  5.306   -5.668  1.00 10.95 ? 264  ILE A CD1 1 
ATOM   776  N N   . VAL A 1 96  ? 0.524   5.020   -1.400  1.00 9.69  ? 265  VAL A N   1 
ATOM   777  C CA  . VAL A 1 96  ? 1.716   4.485   -0.746  1.00 12.05 ? 265  VAL A CA  1 
ATOM   778  C C   . VAL A 1 96  ? 1.515   4.356   0.756   1.00 14.62 ? 265  VAL A C   1 
ATOM   779  O O   . VAL A 1 96  ? 1.964   3.391   1.373   1.00 12.90 ? 265  VAL A O   1 
ATOM   780  C CB  . VAL A 1 96  ? 2.953   5.352   -1.014  1.00 16.06 ? 265  VAL A CB  1 
ATOM   781  C CG1 . VAL A 1 96  ? 4.103   4.918   -0.114  1.00 23.41 ? 265  VAL A CG1 1 
ATOM   782  C CG2 . VAL A 1 96  ? 3.349   5.249   -2.462  1.00 17.18 ? 265  VAL A CG2 1 
ATOM   783  N N   . THR A 1 97  ? 0.836   5.333   1.345   1.00 13.01 ? 266  THR A N   1 
ATOM   784  C CA  . THR A 1 97  ? 0.574   5.309   2.779   1.00 9.54  ? 266  THR A CA  1 
ATOM   785  C C   . THR A 1 97  ? -0.286  4.108   3.157   1.00 11.28 ? 266  THR A C   1 
ATOM   786  O O   . THR A 1 97  ? -0.020  3.431   4.151   1.00 13.52 ? 266  THR A O   1 
ATOM   787  C CB  . THR A 1 97  ? -0.074  6.629   3.249   1.00 11.49 ? 266  THR A CB  1 
ATOM   788  O OG1 . THR A 1 97  ? 0.866   7.695   3.079   1.00 14.19 ? 266  THR A OG1 1 
ATOM   789  C CG2 . THR A 1 97  ? -0.473  6.546   4.716   1.00 12.08 ? 266  THR A CG2 1 
ATOM   790  N N   . LEU A 1 98  ? -1.312  3.836   2.357   1.00 10.57 ? 267  LEU A N   1 
ATOM   791  C CA  . LEU A 1 98  ? -2.179  2.693   2.608   1.00 11.82 ? 267  LEU A CA  1 
ATOM   792  C C   . LEU A 1 98  ? -1.402  1.387   2.483   1.00 12.31 ? 267  LEU A C   1 
ATOM   793  O O   . LEU A 1 98  ? -1.535  0.486   3.314   1.00 12.85 ? 267  LEU A O   1 
ATOM   794  C CB  . LEU A 1 98  ? -3.354  2.696   1.635   1.00 13.16 ? 267  LEU A CB  1 
ATOM   795  C CG  . LEU A 1 98  ? -4.250  1.462   1.660   1.00 21.32 ? 267  LEU A CG  1 
ATOM   796  C CD1 . LEU A 1 98  ? -4.813  1.232   3.057   1.00 26.95 ? 267  LEU A CD1 1 
ATOM   797  C CD2 . LEU A 1 98  ? -5.373  1.606   0.641   1.00 23.66 ? 267  LEU A CD2 1 
ATOM   798  N N   . ILE A 1 99  ? -0.588  1.279   1.440   1.00 10.06 ? 268  ILE A N   1 
ATOM   799  C CA  . ILE A 1 99  ? 0.202   0.071   1.248   1.00 9.85  ? 268  ILE A CA  1 
ATOM   800  C C   . ILE A 1 99  ? 1.210   -0.091  2.382   1.00 12.18 ? 268  ILE A C   1 
ATOM   801  O O   . ILE A 1 99  ? 1.442   -1.201  2.869   1.00 12.74 ? 268  ILE A O   1 
ATOM   802  C CB  . ILE A 1 99  ? 0.930   0.095   -0.100  1.00 9.97  ? 268  ILE A CB  1 
ATOM   803  C CG1 . ILE A 1 99  ? -0.089  0.017   -1.238  1.00 12.74 ? 268  ILE A CG1 1 
ATOM   804  C CG2 . ILE A 1 99  ? 1.924   -1.055  -0.190  1.00 15.94 ? 268  ILE A CG2 1 
ATOM   805  C CD1 . ILE A 1 99  ? 0.503   0.322   -2.620  1.00 12.70 ? 268  ILE A CD1 1 
ATOM   806  N N   . SER A 1 100 ? 1.793   1.027   2.807   1.00 15.13 ? 269  SER A N   1 
ATOM   807  C CA  . SER A 1 100 ? 2.787   1.030   3.874   1.00 13.09 ? 269  SER A CA  1 
ATOM   808  C C   . SER A 1 100 ? 2.184   0.617   5.212   1.00 14.10 ? 269  SER A C   1 
ATOM   809  O O   . SER A 1 100 ? 2.820   -0.095  5.992   1.00 14.66 ? 269  SER A O   1 
ATOM   810  C CB  . SER A 1 100 ? 3.447   2.405   4.002   1.00 13.25 ? 269  SER A CB  1 
ATOM   811  O OG  . SER A 1 100 ? 4.164   2.732   2.829   1.00 18.49 ? 269  SER A OG  1 
ATOM   812  N N   . PHE A 1 101 ? 0.959   1.060   5.486   1.00 13.41 ? 270  PHE A N   1 
ATOM   813  C CA  . PHE A 1 101 ? 0.287   0.621   6.698   1.00 11.47 ? 270  PHE A CA  1 
ATOM   814  C C   . PHE A 1 101 ? -0.026  -0.867  6.587   1.00 13.71 ? 270  PHE A C   1 
ATOM   815  O O   . PHE A 1 101 ? 0.025   -1.594  7.576   1.00 12.78 ? 270  PHE A O   1 
ATOM   816  C CB  . PHE A 1 101 ? -0.986  1.424   6.971   1.00 13.03 ? 270  PHE A CB  1 
ATOM   817  C CG  . PHE A 1 101 ? -1.647  1.068   8.267   1.00 14.59 ? 270  PHE A CG  1 
ATOM   818  C CD1 . PHE A 1 101 ? -1.022  1.338   9.475   1.00 15.29 ? 270  PHE A CD1 1 
ATOM   819  C CD2 . PHE A 1 101 ? -2.883  0.448   8.283   1.00 12.81 ? 270  PHE A CD2 1 
ATOM   820  C CE1 . PHE A 1 101 ? -1.623  1.004   10.673  1.00 19.82 ? 270  PHE A CE1 1 
ATOM   821  C CE2 . PHE A 1 101 ? -3.492  0.116   9.476   1.00 15.23 ? 270  PHE A CE2 1 
ATOM   822  C CZ  . PHE A 1 101 ? -2.861  0.389   10.673  1.00 18.22 ? 270  PHE A CZ  1 
ATOM   823  N N   . GLY A 1 102 ? -0.330  -1.316  5.373   1.00 15.07 ? 271  GLY A N   1 
ATOM   824  C CA  . GLY A 1 102 ? -0.553  -2.728  5.122   1.00 12.04 ? 271  GLY A CA  1 
ATOM   825  C C   . GLY A 1 102 ? 0.676   -3.553  5.466   1.00 13.46 ? 271  GLY A C   1 
ATOM   826  O O   . GLY A 1 102 ? 0.570   -4.611  6.085   1.00 14.07 ? 271  GLY A O   1 
ATOM   827  N N   . ALA A 1 103 ? 1.847   -3.070  5.060   1.00 12.32 ? 272  ALA A N   1 
ATOM   828  C CA  . ALA A 1 103 ? 3.109   -3.731  5.382   1.00 10.11 ? 272  ALA A CA  1 
ATOM   829  C C   . ALA A 1 103 ? 3.328   -3.777  6.897   1.00 13.76 ? 272  ALA A C   1 
ATOM   830  O O   . ALA A 1 103 ? 3.782   -4.783  7.446   1.00 14.62 ? 272  ALA A O   1 
ATOM   831  C CB  . ALA A 1 103 ? 4.268   -3.015  4.704   1.00 12.25 ? 272  ALA A CB  1 
ATOM   832  N N   . PHE A 1 104 ? 2.997   -2.678  7.565   1.00 12.79 ? 273  PHE A N   1 
ATOM   833  C CA  . PHE A 1 104 ? 3.124   -2.572  9.017   1.00 15.80 ? 273  PHE A CA  1 
ATOM   834  C C   . PHE A 1 104 ? 2.245   -3.622  9.702   1.00 13.73 ? 273  PHE A C   1 
ATOM   835  O O   . PHE A 1 104 ? 2.683   -4.311  10.635  1.00 17.61 ? 273  PHE A O   1 
ATOM   836  C CB  . PHE A 1 104 ? 2.741   -1.153  9.452   1.00 14.91 ? 273  PHE A CB  1 
ATOM   837  C CG  . PHE A 1 104 ? 3.125   -0.813  10.865  1.00 16.35 ? 273  PHE A CG  1 
ATOM   838  C CD1 . PHE A 1 104 ? 4.394   -0.332  11.157  1.00 18.76 ? 273  PHE A CD1 1 
ATOM   839  C CD2 . PHE A 1 104 ? 2.208   -0.944  11.896  1.00 14.65 ? 273  PHE A CD2 1 
ATOM   840  C CE1 . PHE A 1 104 ? 4.747   -0.005  12.462  1.00 19.35 ? 273  PHE A CE1 1 
ATOM   841  C CE2 . PHE A 1 104 ? 2.556   -0.622  13.199  1.00 14.61 ? 273  PHE A CE2 1 
ATOM   842  C CZ  . PHE A 1 104 ? 3.825   -0.152  13.482  1.00 21.59 ? 273  PHE A CZ  1 
ATOM   843  N N   . VAL A 1 105 ? 1.013   -3.757  9.220   1.00 12.32 ? 274  VAL A N   1 
ATOM   844  C CA  . VAL A 1 105 ? 0.095   -4.790  9.698   1.00 14.88 ? 274  VAL A CA  1 
ATOM   845  C C   . VAL A 1 105 ? 0.586   -6.201  9.363   1.00 16.84 ? 274  VAL A C   1 
ATOM   846  O O   . VAL A 1 105 ? 0.483   -7.111  10.188  1.00 13.96 ? 274  VAL A O   1 
ATOM   847  C CB  . VAL A 1 105 ? -1.326  -4.596  9.127   1.00 12.33 ? 274  VAL A CB  1 
ATOM   848  C CG1 . VAL A 1 105 ? -2.223  -5.761  9.523   1.00 17.02 ? 274  VAL A CG1 1 
ATOM   849  C CG2 . VAL A 1 105 ? -1.912  -3.277  9.615   1.00 12.87 ? 274  VAL A CG2 1 
ATOM   850  N N   . ALA A 1 106 ? 1.116   -6.382  8.156   1.00 13.44 ? 275  ALA A N   1 
ATOM   851  C CA  . ALA A 1 106 ? 1.691   -7.669  7.773   1.00 13.02 ? 275  ALA A CA  1 
ATOM   852  C C   . ALA A 1 106 ? 2.778   -8.112  8.753   1.00 18.16 ? 275  ALA A C   1 
ATOM   853  O O   . ALA A 1 106 ? 2.808   -9.269  9.169   1.00 18.16 ? 275  ALA A O   1 
ATOM   854  C CB  . ALA A 1 106 ? 2.246   -7.618  6.343   1.00 13.26 ? 275  ALA A CB  1 
ATOM   855  N N   . LYS A 1 107 ? 3.677   -7.197  9.108   1.00 13.57 ? 276  LYS A N   1 
ATOM   856  C CA  . LYS A 1 107 ? 4.695   -7.483  10.120  1.00 15.32 ? 276  LYS A CA  1 
ATOM   857  C C   . LYS A 1 107 ? 4.052   -8.011  11.398  1.00 17.72 ? 276  LYS A C   1 
ATOM   858  O O   . LYS A 1 107 ? 4.507   -9.005  11.972  1.00 17.73 ? 276  LYS A O   1 
ATOM   859  C CB  . LYS A 1 107 ? 5.527   -6.231  10.427  1.00 12.77 ? 276  LYS A CB  1 
ATOM   860  C CG  . LYS A 1 107 ? 6.500   -5.828  9.322   1.00 15.82 ? 276  LYS A CG  1 
ATOM   861  C CD  . LYS A 1 107 ? 7.155   -4.481  9.622   1.00 26.29 ? 276  LYS A CD  1 
ATOM   862  C CE  . LYS A 1 107 ? 8.070   -4.037  8.489   1.00 24.78 ? 276  LYS A CE  1 
ATOM   863  N NZ  . LYS A 1 107 ? 8.583   -2.646  8.673   1.00 27.64 ? 276  LYS A NZ  1 
ATOM   864  N N   . HIS A 1 108 ? 2.995   -7.339  11.844  1.00 17.05 ? 277  HIS A N   1 
ATOM   865  C CA  . HIS A 1 108 ? 2.270   -7.751  13.043  1.00 16.72 ? 277  HIS A CA  1 
ATOM   866  C C   . HIS A 1 108 ? 1.652   -9.134  12.879  1.00 16.59 ? 277  HIS A C   1 
ATOM   867  O O   . HIS A 1 108 ? 1.708   -9.961  13.787  1.00 18.09 ? 277  HIS A O   1 
ATOM   868  C CB  . HIS A 1 108 ? 1.179   -6.734  13.387  1.00 13.33 ? 277  HIS A CB  1 
ATOM   869  C CG  . HIS A 1 108 ? 0.144   -7.252  14.337  1.00 19.07 ? 277  HIS A CG  1 
ATOM   870  N ND1 . HIS A 1 108 ? 0.367   -7.373  15.693  1.00 23.48 ? 277  HIS A ND1 1 
ATOM   871  C CD2 . HIS A 1 108 ? -1.128  -7.670  14.129  1.00 19.08 ? 277  HIS A CD2 1 
ATOM   872  C CE1 . HIS A 1 108 ? -0.718  -7.851  16.275  1.00 19.98 ? 277  HIS A CE1 1 
ATOM   873  N NE2 . HIS A 1 108 ? -1.641  -8.036  15.350  1.00 19.51 ? 277  HIS A NE2 1 
ATOM   874  N N   . LEU A 1 109 ? 1.062   -9.385  11.716  1.00 13.11 ? 278  LEU A N   1 
ATOM   875  C CA  . LEU A 1 109 ? 0.427   -10.676 11.458  1.00 13.58 ? 278  LEU A CA  1 
ATOM   876  C C   . LEU A 1 109 ? 1.442   -11.805 11.555  1.00 15.77 ? 278  LEU A C   1 
ATOM   877  O O   . LEU A 1 109 ? 1.134   -12.879 12.067  1.00 17.09 ? 278  LEU A O   1 
ATOM   878  C CB  . LEU A 1 109 ? -0.264  -10.683 10.093  1.00 15.80 ? 278  LEU A CB  1 
ATOM   879  C CG  . LEU A 1 109 ? -1.552  -9.857  10.033  1.00 17.17 ? 278  LEU A CG  1 
ATOM   880  C CD1 . LEU A 1 109 ? -2.016  -9.669  8.602   1.00 13.70 ? 278  LEU A CD1 1 
ATOM   881  C CD2 . LEU A 1 109 ? -2.645  -10.509 10.873  1.00 16.04 ? 278  LEU A CD2 1 
ATOM   882  N N   . LYS A 1 110 ? 2.652   -11.551 11.062  1.00 13.73 ? 279  LYS A N   1 
ATOM   883  C CA  . LYS A 1 110 ? 3.734   -12.525 11.138  1.00 16.89 ? 279  LYS A CA  1 
ATOM   884  C C   . LYS A 1 110 ? 4.047   -12.866 12.594  1.00 20.42 ? 279  LYS A C   1 
ATOM   885  O O   . LYS A 1 110 ? 4.194   -14.035 12.944  1.00 22.55 ? 279  LYS A O   1 
ATOM   886  C CB  . LYS A 1 110 ? 4.985   -11.986 10.434  1.00 20.31 ? 279  LYS A CB  1 
ATOM   887  C CG  . LYS A 1 110 ? 6.250   -12.808 10.653  1.00 30.16 ? 279  LYS A CG  1 
ATOM   888  C CD  . LYS A 1 110 ? 6.195   -14.131 9.912   1.00 43.36 ? 279  LYS A CD  1 
ATOM   889  C CE  . LYS A 1 110 ? 7.484   -14.919 10.096  1.00 43.13 ? 279  LYS A CE  1 
ATOM   890  N NZ  . LYS A 1 110 ? 7.445   -16.228 9.389   1.00 47.00 ? 279  LYS A NZ  1 
ATOM   891  N N   . THR A 1 111 ? 4.129   -11.844 13.441  1.00 16.57 ? 280  THR A N   1 
ATOM   892  C CA  . THR A 1 111 ? 4.506   -12.046 14.840  1.00 16.97 ? 280  THR A CA  1 
ATOM   893  C C   . THR A 1 111 ? 3.482   -12.853 15.635  1.00 23.40 ? 280  THR A C   1 
ATOM   894  O O   . THR A 1 111 ? 3.845   -13.552 16.578  1.00 25.93 ? 280  THR A O   1 
ATOM   895  C CB  . THR A 1 111 ? 4.778   -10.711 15.573  1.00 21.76 ? 280  THR A CB  1 
ATOM   896  O OG1 . THR A 1 111 ? 3.560   -9.967  15.699  1.00 30.23 ? 280  THR A OG1 1 
ATOM   897  C CG2 . THR A 1 111 ? 5.803   -9.881  14.813  1.00 17.12 ? 280  THR A CG2 1 
ATOM   898  N N   . ILE A 1 112 ? 2.209   -12.766 15.259  1.00 17.47 ? 281  ILE A N   1 
ATOM   899  C CA  . ILE A 1 112 ? 1.170   -13.486 15.993  1.00 15.39 ? 281  ILE A CA  1 
ATOM   900  C C   . ILE A 1 112 ? 0.753   -14.805 15.335  1.00 14.42 ? 281  ILE A C   1 
ATOM   901  O O   . ILE A 1 112 ? -0.330  -15.326 15.607  1.00 17.10 ? 281  ILE A O   1 
ATOM   902  C CB  . ILE A 1 112 ? -0.079  -12.612 16.254  1.00 16.04 ? 281  ILE A CB  1 
ATOM   903  C CG1 . ILE A 1 112 ? -0.795  -12.275 14.943  1.00 18.67 ? 281  ILE A CG1 1 
ATOM   904  C CG2 . ILE A 1 112 ? 0.308   -11.348 17.003  1.00 23.02 ? 281  ILE A CG2 1 
ATOM   905  C CD1 . ILE A 1 112 ? -2.197  -11.737 15.145  1.00 18.98 ? 281  ILE A CD1 1 
ATOM   906  N N   . ASN A 1 113 ? 1.630   -15.339 14.487  1.00 13.88 ? 282  ASN A N   1 
ATOM   907  C CA  . ASN A 1 113 ? 1.390   -16.603 13.791  1.00 15.56 ? 282  ASN A CA  1 
ATOM   908  C C   . ASN A 1 113 ? 0.190   -16.566 12.847  1.00 16.67 ? 282  ASN A C   1 
ATOM   909  O O   . ASN A 1 113 ? -0.506  -17.563 12.671  1.00 19.33 ? 282  ASN A O   1 
ATOM   910  C CB  . ASN A 1 113 ? 1.252   -17.774 14.776  1.00 14.00 ? 282  ASN A CB  1 
ATOM   911  C CG  . ASN A 1 113 ? 1.505   -19.120 14.113  1.00 14.27 ? 282  ASN A CG  1 
ATOM   912  O OD1 . ASN A 1 113 ? 2.237   -19.207 13.129  1.00 15.10 ? 282  ASN A OD1 1 
ATOM   913  N ND2 . ASN A 1 113 ? 0.904   -20.174 14.651  1.00 16.38 ? 282  ASN A ND2 1 
ATOM   914  N N   . GLN A 1 114 ? -0.045  -15.411 12.237  1.00 14.92 ? 283  GLN A N   1 
ATOM   915  C CA  . GLN A 1 114 ? -1.154  -15.258 11.307  1.00 15.26 ? 283  GLN A CA  1 
ATOM   916  C C   . GLN A 1 114 ? -0.658  -14.918 9.905   1.00 20.77 ? 283  GLN A C   1 
ATOM   917  O O   . GLN A 1 114 ? -1.250  -14.095 9.212   1.00 15.46 ? 283  GLN A O   1 
ATOM   918  C CB  . GLN A 1 114 ? -2.118  -14.173 11.801  1.00 13.64 ? 283  GLN A CB  1 
ATOM   919  C CG  . GLN A 1 114 ? -2.987  -14.608 12.978  1.00 17.86 ? 283  GLN A CG  1 
ATOM   920  C CD  . GLN A 1 114 ? -3.879  -15.781 12.624  1.00 22.24 ? 283  GLN A CD  1 
ATOM   921  O OE1 . GLN A 1 114 ? -4.274  -15.944 11.471  1.00 29.73 ? 283  GLN A OE1 1 
ATOM   922  N NE2 . GLN A 1 114 ? -4.193  -16.610 13.613  1.00 28.08 ? 283  GLN A NE2 1 
ATOM   923  N N   . GLU A 1 115 ? 0.430   -15.556 9.487   1.00 14.18 ? 284  GLU A N   1 
ATOM   924  C CA  . GLU A 1 115 ? 0.977   -15.309 8.159   1.00 18.61 ? 284  GLU A CA  1 
ATOM   925  C C   . GLU A 1 115 ? -0.034  -15.612 7.057   1.00 20.29 ? 284  GLU A C   1 
ATOM   926  O O   . GLU A 1 115 ? 0.051   -15.056 5.964   1.00 19.99 ? 284  GLU A O   1 
ATOM   927  C CB  . GLU A 1 115 ? 2.250   -16.124 7.939   1.00 21.92 ? 284  GLU A CB  1 
ATOM   928  C CG  . GLU A 1 115 ? 3.387   -15.726 8.844   1.00 20.18 ? 284  GLU A CG  1 
ATOM   929  C CD  . GLU A 1 115 ? 3.615   -16.720 9.968   1.00 48.34 ? 284  GLU A CD  1 
ATOM   930  O OE1 . GLU A 1 115 ? 2.623   -17.212 10.558  1.00 31.57 ? 284  GLU A OE1 1 
ATOM   931  O OE2 . GLU A 1 115 ? 4.796   -17.009 10.258  1.00 40.68 ? 284  GLU A OE2 1 
ATOM   932  N N   . SER A 1 116 ? -0.985  -16.494 7.349   1.00 19.05 ? 285  SER A N   1 
ATOM   933  C CA  . SER A 1 116 ? -2.015  -16.866 6.379   1.00 17.54 ? 285  SER A CA  1 
ATOM   934  C C   . SER A 1 116 ? -2.951  -15.700 6.061   1.00 20.98 ? 285  SER A C   1 
ATOM   935  O O   . SER A 1 116 ? -3.743  -15.772 5.121   1.00 22.42 ? 285  SER A O   1 
ATOM   936  C CB  . SER A 1 116 ? -2.838  -18.050 6.893   1.00 22.94 ? 285  SER A CB  1 
ATOM   937  O OG  . SER A 1 116 ? -3.606  -17.688 8.029   1.00 23.88 ? 285  SER A OG  1 
ATOM   938  N N   . CYS A 1 117 ? -2.863  -14.634 6.849   1.00 16.99 ? 286  CYS A N   1 
ATOM   939  C CA  . CYS A 1 117 ? -3.722  -13.466 6.664   1.00 16.89 ? 286  CYS A CA  1 
ATOM   940  C C   . CYS A 1 117 ? -3.090  -12.411 5.764   1.00 18.67 ? 286  CYS A C   1 
ATOM   941  O O   . CYS A 1 117 ? -3.759  -11.475 5.327   1.00 16.28 ? 286  CYS A O   1 
ATOM   942  C CB  . CYS A 1 117 ? -4.059  -12.828 8.013   1.00 18.08 ? 286  CYS A CB  1 
ATOM   943  S SG  . CYS A 1 117 ? -5.199  -13.786 9.026   1.00 24.18 ? 286  CYS A SG  1 
ATOM   944  N N   . ILE A 1 118 ? -1.796  -12.552 5.507   1.00 14.32 ? 287  ILE A N   1 
ATOM   945  C CA  . ILE A 1 118 ? -1.067  -11.556 4.729   1.00 13.12 ? 287  ILE A CA  1 
ATOM   946  C C   . ILE A 1 118 ? -1.568  -11.467 3.283   1.00 18.09 ? 287  ILE A C   1 
ATOM   947  O O   . ILE A 1 118 ? -1.720  -10.371 2.738   1.00 15.74 ? 287  ILE A O   1 
ATOM   948  C CB  . ILE A 1 118 ? 0.450   -11.818 4.772   1.00 16.90 ? 287  ILE A CB  1 
ATOM   949  C CG1 . ILE A 1 118 ? 0.957   -11.662 6.209   1.00 17.42 ? 287  ILE A CG1 1 
ATOM   950  C CG2 . ILE A 1 118 ? 1.193   -10.877 3.830   1.00 17.19 ? 287  ILE A CG2 1 
ATOM   951  C CD1 . ILE A 1 118 ? 2.411   -12.025 6.398   1.00 16.69 ? 287  ILE A CD1 1 
ATOM   952  N N   . GLU A 1 119 ? -1.837  -12.614 2.666   1.00 15.00 ? 288  GLU A N   1 
ATOM   953  C CA  . GLU A 1 119 ? -2.335  -12.614 1.291   1.00 17.83 ? 288  GLU A CA  1 
ATOM   954  C C   . GLU A 1 119 ? -3.750  -12.032 1.184   1.00 17.68 ? 288  GLU A C   1 
ATOM   955  O O   . GLU A 1 119 ? -4.031  -11.245 0.282   1.00 16.23 ? 288  GLU A O   1 
ATOM   956  C CB  . GLU A 1 119 ? -2.252  -14.010 0.661   1.00 17.79 ? 288  GLU A CB  1 
ATOM   957  C CG  . GLU A 1 119 ? -2.596  -14.045 -0.823  1.00 24.91 ? 288  GLU A CG  1 
ATOM   958  C CD  . GLU A 1 119 ? -1.604  -13.277 -1.684  1.00 33.20 ? 288  GLU A CD  1 
ATOM   959  O OE1 . GLU A 1 119 ? -0.511  -12.936 -1.186  1.00 32.80 ? 288  GLU A OE1 1 
ATOM   960  O OE2 . GLU A 1 119 ? -1.914  -13.016 -2.866  1.00 29.70 ? 288  GLU A OE2 1 
ATOM   961  N N   . PRO A 1 120 ? -4.650  -12.413 2.105   1.00 17.55 ? 289  PRO A N   1 
ATOM   962  C CA  . PRO A 1 120 ? -5.971  -11.773 2.125   1.00 18.18 ? 289  PRO A CA  1 
ATOM   963  C C   . PRO A 1 120 ? -5.893  -10.260 2.359   1.00 14.95 ? 289  PRO A C   1 
ATOM   964  O O   . PRO A 1 120 ? -6.709  -9.510  1.818   1.00 13.56 ? 289  PRO A O   1 
ATOM   965  C CB  . PRO A 1 120 ? -6.671  -12.465 3.297   1.00 23.84 ? 289  PRO A CB  1 
ATOM   966  C CG  . PRO A 1 120 ? -6.028  -13.798 3.373   1.00 25.26 ? 289  PRO A CG  1 
ATOM   967  C CD  . PRO A 1 120 ? -4.589  -13.579 3.003   1.00 18.32 ? 289  PRO A CD  1 
ATOM   968  N N   . LEU A 1 121 ? -4.928  -9.818  3.158   1.00 12.06 ? 290  LEU A N   1 
ATOM   969  C CA  . LEU A 1 121 ? -4.723  -8.388  3.377   1.00 11.78 ? 290  LEU A CA  1 
ATOM   970  C C   . LEU A 1 121 ? -4.292  -7.703  2.080   1.00 11.98 ? 290  LEU A C   1 
ATOM   971  O O   . LEU A 1 121 ? -4.840  -6.672  1.699   1.00 14.13 ? 290  LEU A O   1 
ATOM   972  C CB  . LEU A 1 121 ? -3.673  -8.147  4.464   1.00 11.87 ? 290  LEU A CB  1 
ATOM   973  C CG  . LEU A 1 121 ? -3.275  -6.690  4.707   1.00 16.12 ? 290  LEU A CG  1 
ATOM   974  C CD1 . LEU A 1 121 ? -4.464  -5.880  5.203   1.00 15.31 ? 290  LEU A CD1 1 
ATOM   975  C CD2 . LEU A 1 121 ? -2.127  -6.616  5.700   1.00 16.81 ? 290  LEU A CD2 1 
ATOM   976  N N   . ALA A 1 122 ? -3.305  -8.282  1.404   1.00 9.94  ? 291  ALA A N   1 
ATOM   977  C CA  . ALA A 1 122 ? -2.854  -7.754  0.118   1.00 12.90 ? 291  ALA A CA  1 
ATOM   978  C C   . ALA A 1 122 ? -3.988  -7.723  -0.901  1.00 14.27 ? 291  ALA A C   1 
ATOM   979  O O   . ALA A 1 122 ? -4.123  -6.772  -1.668  1.00 13.58 ? 291  ALA A O   1 
ATOM   980  C CB  . ALA A 1 122 ? -1.699  -8.581  -0.416  1.00 10.94 ? 291  ALA A CB  1 
ATOM   981  N N   . GLU A 1 123 ? -4.792  -8.778  -0.922  1.00 14.97 ? 292  GLU A N   1 
ATOM   982  C CA  . GLU A 1 123 ? -5.902  -8.853  -1.867  1.00 16.35 ? 292  GLU A CA  1 
ATOM   983  C C   . GLU A 1 123 ? -6.925  -7.757  -1.594  1.00 16.56 ? 292  GLU A C   1 
ATOM   984  O O   . GLU A 1 123 ? -7.458  -7.143  -2.521  1.00 16.73 ? 292  GLU A O   1 
ATOM   985  C CB  . GLU A 1 123 ? -6.564  -10.230 -1.809  1.00 17.57 ? 292  GLU A CB  1 
ATOM   986  C CG  . GLU A 1 123 ? -5.682  -11.351 -2.331  1.00 24.09 ? 292  GLU A CG  1 
ATOM   987  C CD  . GLU A 1 123 ? -6.296  -12.725 -2.129  1.00 39.16 ? 292  GLU A CD  1 
ATOM   988  O OE1 . GLU A 1 123 ? -7.055  -12.906 -1.154  1.00 37.03 ? 292  GLU A OE1 1 
ATOM   989  O OE2 . GLU A 1 123 ? -6.015  -13.627 -2.946  1.00 30.78 ? 292  GLU A OE2 1 
ATOM   990  N N   . SER A 1 124 ? -7.184  -7.512  -0.314  1.00 14.39 ? 293  SER A N   1 
ATOM   991  C CA  . SER A 1 124 ? -8.139  -6.495  0.103   1.00 16.70 ? 293  SER A CA  1 
ATOM   992  C C   . SER A 1 124 ? -7.683  -5.102  -0.312  1.00 15.94 ? 293  SER A C   1 
ATOM   993  O O   . SER A 1 124 ? -8.473  -4.303  -0.818  1.00 15.39 ? 293  SER A O   1 
ATOM   994  C CB  . SER A 1 124 ? -8.349  -6.552  1.617   1.00 23.24 ? 293  SER A CB  1 
ATOM   995  O OG  . SER A 1 124 ? -9.307  -5.599  2.031   1.00 33.78 ? 293  SER A OG  1 
ATOM   996  N N   . ILE A 1 125 ? -6.404  -4.812  -0.091  1.00 11.27 ? 294  ILE A N   1 
ATOM   997  C CA  . ILE A 1 125 ? -5.841  -3.529  -0.483  1.00 10.97 ? 294  ILE A CA  1 
ATOM   998  C C   . ILE A 1 125 ? -5.910  -3.360  -1.997  1.00 11.10 ? 294  ILE A C   1 
ATOM   999  O O   . ILE A 1 125 ? -6.307  -2.309  -2.498  1.00 13.49 ? 294  ILE A O   1 
ATOM   1000 C CB  . ILE A 1 125 ? -4.378  -3.384  -0.013  1.00 12.18 ? 294  ILE A CB  1 
ATOM   1001 C CG1 . ILE A 1 125 ? -4.312  -3.360  1.516   1.00 11.70 ? 294  ILE A CG1 1 
ATOM   1002 C CG2 . ILE A 1 125 ? -3.748  -2.126  -0.598  1.00 14.15 ? 294  ILE A CG2 1 
ATOM   1003 C CD1 . ILE A 1 125 ? -2.898  -3.392  2.072   1.00 14.74 ? 294  ILE A CD1 1 
ATOM   1004 N N   . THR A 1 126 ? -5.530  -4.408  -2.719  1.00 12.63 ? 295  THR A N   1 
ATOM   1005 C CA  . THR A 1 126 ? -5.509  -4.363  -4.175  1.00 13.32 ? 295  THR A CA  1 
ATOM   1006 C C   . THR A 1 126 ? -6.925  -4.214  -4.708  1.00 14.20 ? 295  THR A C   1 
ATOM   1007 O O   . THR A 1 126 ? -7.175  -3.464  -5.648  1.00 15.24 ? 295  THR A O   1 
ATOM   1008 C CB  . THR A 1 126 ? -4.864  -5.636  -4.762  1.00 12.26 ? 295  THR A CB  1 
ATOM   1009 O OG1 . THR A 1 126 ? -3.543  -5.794  -4.229  1.00 13.71 ? 295  THR A OG1 1 
ATOM   1010 C CG2 . THR A 1 126 ? -4.781  -5.548  -6.283  1.00 12.93 ? 295  THR A CG2 1 
ATOM   1011 N N   . ASP A 1 127 ? -7.854  -4.930  -4.090  1.00 16.13 ? 296  ASP A N   1 
ATOM   1012 C CA  . ASP A 1 127 ? -9.259  -4.855  -4.461  1.00 18.47 ? 296  ASP A CA  1 
ATOM   1013 C C   . ASP A 1 127 ? -9.761  -3.413  -4.421  1.00 20.63 ? 296  ASP A C   1 
ATOM   1014 O O   . ASP A 1 127 ? -10.267 -2.896  -5.420  1.00 21.54 ? 296  ASP A O   1 
ATOM   1015 C CB  . ASP A 1 127 ? -10.088 -5.729  -3.519  1.00 25.37 ? 296  ASP A CB  1 
ATOM   1016 C CG  . ASP A 1 127 ? -11.345 -6.263  -4.173  1.00 40.78 ? 296  ASP A CG  1 
ATOM   1017 O OD1 . ASP A 1 127 ? -11.451 -6.203  -5.417  1.00 39.55 ? 296  ASP A OD1 1 
ATOM   1018 O OD2 . ASP A 1 127 ? -12.225 -6.755  -3.437  1.00 50.70 ? 296  ASP A OD2 1 
ATOM   1019 N N   . VAL A 1 128 ? -9.622  -2.767  -3.265  1.00 17.37 ? 297  VAL A N   1 
ATOM   1020 C CA  . VAL A 1 128 ? -10.055 -1.381  -3.108  1.00 18.35 ? 297  VAL A CA  1 
ATOM   1021 C C   . VAL A 1 128 ? -9.421  -0.459  -4.146  1.00 20.12 ? 297  VAL A C   1 
ATOM   1022 O O   . VAL A 1 128 ? -10.109 0.334   -4.789  1.00 19.15 ? 297  VAL A O   1 
ATOM   1023 C CB  . VAL A 1 128 ? -9.736  -0.840  -1.698  1.00 26.52 ? 297  VAL A CB  1 
ATOM   1024 C CG1 . VAL A 1 128 ? -10.087 0.639   -1.602  1.00 30.55 ? 297  VAL A CG1 1 
ATOM   1025 C CG2 . VAL A 1 128 ? -10.485 -1.637  -0.643  1.00 29.66 ? 297  VAL A CG2 1 
ATOM   1026 N N   . LEU A 1 129 ? -8.108  -0.566  -4.314  1.00 14.89 ? 298  LEU A N   1 
ATOM   1027 C CA  . LEU A 1 129 ? -7.399  0.333   -5.220  1.00 13.68 ? 298  LEU A CA  1 
ATOM   1028 C C   . LEU A 1 129 ? -7.781  0.123   -6.680  1.00 17.22 ? 298  LEU A C   1 
ATOM   1029 O O   . LEU A 1 129 ? -8.161  1.064   -7.377  1.00 15.87 ? 298  LEU A O   1 
ATOM   1030 C CB  . LEU A 1 129 ? -5.885  0.184   -5.054  1.00 22.11 ? 298  LEU A CB  1 
ATOM   1031 C CG  . LEU A 1 129 ? -5.295  0.670   -3.729  1.00 23.17 ? 298  LEU A CG  1 
ATOM   1032 C CD1 . LEU A 1 129 ? -3.788  0.466   -3.715  1.00 20.04 ? 298  LEU A CD1 1 
ATOM   1033 C CD2 . LEU A 1 129 ? -5.633  2.130   -3.502  1.00 23.68 ? 298  LEU A CD2 1 
ATOM   1034 N N   . VAL A 1 130 ? -7.678  -1.117  -7.143  1.00 15.35 ? 299  VAL A N   1 
ATOM   1035 C CA  . VAL A 1 130 ? -7.889  -1.402  -8.553  1.00 15.43 ? 299  VAL A CA  1 
ATOM   1036 C C   . VAL A 1 130 ? -9.360  -1.316  -8.942  1.00 18.18 ? 299  VAL A C   1 
ATOM   1037 O O   . VAL A 1 130 ? -9.711  -0.690  -9.938  1.00 20.15 ? 299  VAL A O   1 
ATOM   1038 C CB  . VAL A 1 130 ? -7.325  -2.775  -8.940  1.00 15.79 ? 299  VAL A CB  1 
ATOM   1039 C CG1 . VAL A 1 130 ? -7.759  -3.150  -10.350 1.00 16.30 ? 299  VAL A CG1 1 
ATOM   1040 C CG2 . VAL A 1 130 ? -5.806  -2.766  -8.826  1.00 13.12 ? 299  VAL A CG2 1 
ATOM   1041 N N   . ARG A 1 131 ? -10.222 -1.931  -8.145  1.00 14.49 ? 300  ARG A N   1 
ATOM   1042 C CA  . ARG A 1 131 ? -11.635 -1.971  -8.485  1.00 20.47 ? 300  ARG A CA  1 
ATOM   1043 C C   . ARG A 1 131 ? -12.312 -0.597  -8.388  1.00 25.01 ? 300  ARG A C   1 
ATOM   1044 O O   . ARG A 1 131 ? -13.131 -0.251  -9.241  1.00 23.55 ? 300  ARG A O   1 
ATOM   1045 C CB  . ARG A 1 131 ? -12.355 -3.012  -7.628  1.00 20.04 ? 300  ARG A CB  1 
ATOM   1046 C CG  . ARG A 1 131 ? -13.686 -3.473  -8.193  1.00 35.37 ? 300  ARG A CG  1 
ATOM   1047 C CD  . ARG A 1 131 ? -14.195 -4.698  -7.455  1.00 31.19 ? 300  ARG A CD  1 
ATOM   1048 N NE  . ARG A 1 131 ? -14.018 -4.554  -6.015  1.00 33.12 ? 300  ARG A NE  1 
ATOM   1049 C CZ  . ARG A 1 131 ? -14.794 -3.804  -5.239  1.00 33.13 ? 300  ARG A CZ  1 
ATOM   1050 N NH1 . ARG A 1 131 ? -15.805 -3.127  -5.767  1.00 35.48 ? 300  ARG A NH1 1 
ATOM   1051 N NH2 . ARG A 1 131 ? -14.555 -3.728  -3.938  1.00 39.96 ? 300  ARG A NH2 1 
ATOM   1052 N N   . THR A 1 132 ? -11.963 0.196   -7.377  1.00 14.40 ? 301  THR A N   1 
ATOM   1053 C CA  . THR A 1 132 ? -12.665 1.464   -7.159  1.00 12.23 ? 301  THR A CA  1 
ATOM   1054 C C   . THR A 1 132 ? -11.906 2.719   -7.606  1.00 14.12 ? 301  THR A C   1 
ATOM   1055 O O   . THR A 1 132 ? -12.487 3.800   -7.661  1.00 15.52 ? 301  THR A O   1 
ATOM   1056 C CB  . THR A 1 132 ? -13.138 1.636   -5.686  1.00 16.74 ? 301  THR A CB  1 
ATOM   1057 O OG1 . THR A 1 132 ? -12.034 1.997   -4.851  1.00 16.11 ? 301  THR A OG1 1 
ATOM   1058 C CG2 . THR A 1 132 ? -13.770 0.354   -5.176  1.00 17.15 ? 301  THR A CG2 1 
ATOM   1059 N N   . LYS A 1 133 ? -10.620 2.578   -7.921  1.00 11.18 ? 302  LYS A N   1 
ATOM   1060 C CA  . LYS A 1 133 ? -9.825  3.715   -8.378  1.00 13.59 ? 302  LYS A CA  1 
ATOM   1061 C C   . LYS A 1 133 ? -9.246  3.476   -9.770  1.00 12.85 ? 302  LYS A C   1 
ATOM   1062 O O   . LYS A 1 133 ? -8.316  4.163   -10.181 1.00 11.84 ? 302  LYS A O   1 
ATOM   1063 C CB  . LYS A 1 133 ? -8.690  4.023   -7.395  1.00 15.77 ? 302  LYS A CB  1 
ATOM   1064 C CG  . LYS A 1 133 ? -9.164  4.314   -5.980  1.00 13.77 ? 302  LYS A CG  1 
ATOM   1065 C CD  . LYS A 1 133 ? -10.058 5.540   -5.961  1.00 23.13 ? 302  LYS A CD  1 
ATOM   1066 C CE  . LYS A 1 133 ? -10.820 5.650   -4.652  1.00 28.84 ? 302  LYS A CE  1 
ATOM   1067 N NZ  . LYS A 1 133 ? -11.847 6.729   -4.706  1.00 47.03 ? 302  LYS A NZ  1 
ATOM   1068 N N   . ARG A 1 134 ? -9.806  2.507   -10.492 1.00 14.70 ? 303  ARG A N   1 
ATOM   1069 C CA  . ARG A 1 134 ? -9.256  2.102   -11.786 1.00 13.24 ? 303  ARG A CA  1 
ATOM   1070 C C   . ARG A 1 134 ? -9.120  3.262   -12.775 1.00 15.86 ? 303  ARG A C   1 
ATOM   1071 O O   . ARG A 1 134 ? -8.130  3.351   -13.503 1.00 15.06 ? 303  ARG A O   1 
ATOM   1072 C CB  . ARG A 1 134 ? -10.104 0.985   -12.412 1.00 15.38 ? 303  ARG A CB  1 
ATOM   1073 C CG  . ARG A 1 134 ? -9.513  0.401   -13.688 1.00 17.94 ? 303  ARG A CG  1 
ATOM   1074 C CD  . ARG A 1 134 ? -10.473 -0.568  -14.362 1.00 18.63 ? 303  ARG A CD  1 
ATOM   1075 N NE  . ARG A 1 134 ? -10.919 -1.626  -13.456 1.00 19.25 ? 303  ARG A NE  1 
ATOM   1076 C CZ  . ARG A 1 134 ? -10.287 -2.783  -13.290 1.00 15.87 ? 303  ARG A CZ  1 
ATOM   1077 N NH1 . ARG A 1 134 ? -9.174  -3.037  -13.963 1.00 16.66 ? 303  ARG A NH1 1 
ATOM   1078 N NH2 . ARG A 1 134 ? -10.769 -3.686  -12.447 1.00 19.09 ? 303  ARG A NH2 1 
ATOM   1079 N N   . ASP A 1 135 ? -10.113 4.144   -12.816 1.00 15.00 ? 304  ASP A N   1 
ATOM   1080 C CA  . ASP A 1 135 ? -10.063 5.256   -13.766 1.00 17.87 ? 304  ASP A CA  1 
ATOM   1081 C C   . ASP A 1 135 ? -8.926  6.226   -13.446 1.00 17.44 ? 304  ASP A C   1 
ATOM   1082 O O   . ASP A 1 135 ? -8.238  6.707   -14.346 1.00 14.24 ? 304  ASP A O   1 
ATOM   1083 C CB  . ASP A 1 135 ? -11.405 5.986   -13.862 1.00 21.48 ? 304  ASP A CB  1 
ATOM   1084 C CG  . ASP A 1 135 ? -11.923 6.441   -12.515 1.00 32.42 ? 304  ASP A CG  1 
ATOM   1085 O OD1 . ASP A 1 135 ? -11.615 5.778   -11.499 1.00 35.12 ? 304  ASP A OD1 1 
ATOM   1086 O OD2 . ASP A 1 135 ? -12.649 7.457   -12.475 1.00 43.01 ? 304  ASP A OD2 1 
ATOM   1087 N N   . TRP A 1 136 ? -8.715  6.503   -12.163 1.00 16.53 ? 305  TRP A N   1 
ATOM   1088 C CA  . TRP A 1 136 ? -7.613  7.375   -11.775 1.00 12.76 ? 305  TRP A CA  1 
ATOM   1089 C C   . TRP A 1 136 ? -6.277  6.721   -12.106 1.00 10.82 ? 305  TRP A C   1 
ATOM   1090 O O   . TRP A 1 136 ? -5.379  7.360   -12.648 1.00 14.45 ? 305  TRP A O   1 
ATOM   1091 C CB  . TRP A 1 136 ? -7.674  7.724   -10.285 1.00 13.61 ? 305  TRP A CB  1 
ATOM   1092 C CG  . TRP A 1 136 ? -6.629  8.724   -9.871  1.00 10.80 ? 305  TRP A CG  1 
ATOM   1093 C CD1 . TRP A 1 136 ? -6.740  10.080  -9.889  1.00 13.02 ? 305  TRP A CD1 1 
ATOM   1094 C CD2 . TRP A 1 136 ? -5.310  8.436   -9.380  1.00 13.29 ? 305  TRP A CD2 1 
ATOM   1095 N NE1 . TRP A 1 136 ? -5.578  10.659  -9.436  1.00 15.16 ? 305  TRP A NE1 1 
ATOM   1096 C CE2 . TRP A 1 136 ? -4.683  9.671   -9.120  1.00 14.41 ? 305  TRP A CE2 1 
ATOM   1097 C CE3 . TRP A 1 136 ? -4.601  7.256   -9.142  1.00 11.31 ? 305  TRP A CE3 1 
ATOM   1098 C CZ2 . TRP A 1 136 ? -3.380  9.760   -8.629  1.00 11.00 ? 305  TRP A CZ2 1 
ATOM   1099 C CZ3 . TRP A 1 136 ? -3.309  7.344   -8.647  1.00 10.90 ? 305  TRP A CZ3 1 
ATOM   1100 C CH2 . TRP A 1 136 ? -2.712  8.589   -8.397  1.00 12.30 ? 305  TRP A CH2 1 
ATOM   1101 N N   . LEU A 1 137 ? -6.156  5.442   -11.777 1.00 9.76  ? 306  LEU A N   1 
ATOM   1102 C CA  . LEU A 1 137 ? -4.929  4.707   -12.036 1.00 13.73 ? 306  LEU A CA  1 
ATOM   1103 C C   . LEU A 1 137 ? -4.564  4.741   -13.513 1.00 11.80 ? 306  LEU A C   1 
ATOM   1104 O O   . LEU A 1 137 ? -3.418  4.987   -13.863 1.00 10.42 ? 306  LEU A O   1 
ATOM   1105 C CB  . LEU A 1 137 ? -5.055  3.265   -11.554 1.00 12.18 ? 306  LEU A CB  1 
ATOM   1106 C CG  . LEU A 1 137 ? -5.111  3.099   -10.038 1.00 11.61 ? 306  LEU A CG  1 
ATOM   1107 C CD1 . LEU A 1 137 ? -5.530  1.681   -9.681  1.00 11.25 ? 306  LEU A CD1 1 
ATOM   1108 C CD2 . LEU A 1 137 ? -3.765  3.450   -9.409  1.00 15.64 ? 306  LEU A CD2 1 
ATOM   1109 N N   . VAL A 1 138 ? -5.545  4.496   -14.376 1.00 9.84  ? 307  VAL A N   1 
ATOM   1110 C CA  . VAL A 1 138 ? -5.301  4.484   -15.814 1.00 11.94 ? 307  VAL A CA  1 
ATOM   1111 C C   . VAL A 1 138 ? -4.867  5.864   -16.306 1.00 12.48 ? 307  VAL A C   1 
ATOM   1112 O O   . VAL A 1 138 ? -4.039  5.977   -17.206 1.00 13.63 ? 307  VAL A O   1 
ATOM   1113 C CB  . VAL A 1 138 ? -6.549  4.029   -16.592 1.00 11.91 ? 307  VAL A CB  1 
ATOM   1114 C CG1 . VAL A 1 138 ? -6.347  4.234   -18.087 1.00 11.68 ? 307  VAL A CG1 1 
ATOM   1115 C CG2 . VAL A 1 138 ? -6.868  2.567   -16.280 1.00 13.76 ? 307  VAL A CG2 1 
ATOM   1116 N N   . LYS A 1 139 ? -5.426  6.911   -15.706 1.00 11.92 ? 308  LYS A N   1 
ATOM   1117 C CA  . LYS A 1 139 ? -5.073  8.282   -16.069 1.00 13.62 ? 308  LYS A CA  1 
ATOM   1118 C C   . LYS A 1 139 ? -3.628  8.642   -15.706 1.00 17.44 ? 308  LYS A C   1 
ATOM   1119 O O   . LYS A 1 139 ? -3.088  9.632   -16.205 1.00 14.78 ? 308  LYS A O   1 
ATOM   1120 C CB  . LYS A 1 139 ? -6.056  9.279   -15.448 1.00 18.83 ? 308  LYS A CB  1 
ATOM   1121 C CG  . LYS A 1 139 ? -7.463  9.182   -16.025 1.00 24.79 ? 308  LYS A CG  1 
ATOM   1122 C CD  . LYS A 1 139 ? -8.457  10.024  -15.238 1.00 25.18 ? 308  LYS A CD  1 
ATOM   1123 C CE  . LYS A 1 139 ? -8.256  11.505  -15.503 1.00 29.80 ? 308  LYS A CE  1 
ATOM   1124 N NZ  . LYS A 1 139 ? -9.336  12.329  -14.886 1.00 36.26 ? 308  LYS A NZ  1 
ATOM   1125 N N   . GLN A 1 140 ? -3.000  7.834   -14.853 1.00 12.15 ? 309  GLN A N   1 
ATOM   1126 C CA  . GLN A 1 140 ? -1.592  8.040   -14.504 1.00 12.54 ? 309  GLN A CA  1 
ATOM   1127 C C   . GLN A 1 140 ? -0.682  7.080   -15.258 1.00 17.30 ? 309  GLN A C   1 
ATOM   1128 O O   . GLN A 1 140 ? 0.522   7.045   -15.017 1.00 16.36 ? 309  GLN A O   1 
ATOM   1129 C CB  . GLN A 1 140 ? -1.356  7.842   -13.000 1.00 13.82 ? 309  GLN A CB  1 
ATOM   1130 C CG  . GLN A 1 140 ? -2.454  8.374   -12.111 1.00 10.91 ? 309  GLN A CG  1 
ATOM   1131 C CD  . GLN A 1 140 ? -2.832  9.796   -12.439 1.00 14.13 ? 309  GLN A CD  1 
ATOM   1132 O OE1 . GLN A 1 140 ? -1.976  10.629  -12.745 1.00 14.24 ? 309  GLN A OE1 1 
ATOM   1133 N NE2 . GLN A 1 140 ? -4.125  10.086  -12.374 1.00 15.16 ? 309  GLN A NE2 1 
ATOM   1134 N N   . ARG A 1 141 ? -1.260  6.301   -16.164 1.00 14.33 ? 310  ARG A N   1 
ATOM   1135 C CA  . ARG A 1 141 ? -0.533  5.218   -16.817 1.00 11.39 ? 310  ARG A CA  1 
ATOM   1136 C C   . ARG A 1 141 ? -0.142  4.142   -15.806 1.00 14.12 ? 310  ARG A C   1 
ATOM   1137 O O   . ARG A 1 141 ? 0.954   3.578   -15.855 1.00 13.78 ? 310  ARG A O   1 
ATOM   1138 C CB  . ARG A 1 141 ? 0.678   5.747   -17.594 1.00 15.57 ? 310  ARG A CB  1 
ATOM   1139 C CG  . ARG A 1 141 ? 0.276   6.456   -18.880 1.00 24.35 ? 310  ARG A CG  1 
ATOM   1140 C CD  . ARG A 1 141 ? 1.464   7.073   -19.590 1.00 32.69 ? 310  ARG A CD  1 
ATOM   1141 N NE  . ARG A 1 141 ? 1.952   8.249   -18.882 1.00 39.51 ? 310  ARG A NE  1 
ATOM   1142 C CZ  . ARG A 1 141 ? 3.020   8.253   -18.092 1.00 41.48 ? 310  ARG A CZ  1 
ATOM   1143 N NH1 . ARG A 1 141 ? 3.723   7.142   -17.921 1.00 38.06 ? 310  ARG A NH1 1 
ATOM   1144 N NH2 . ARG A 1 141 ? 3.388   9.372   -17.484 1.00 51.43 ? 310  ARG A NH2 1 
ATOM   1145 N N   . GLY A 1 142 ? -1.063  3.872   -14.886 1.00 13.49 ? 311  GLY A N   1 
ATOM   1146 C CA  . GLY A 1 142 ? -0.903  2.801   -13.921 1.00 13.96 ? 311  GLY A CA  1 
ATOM   1147 C C   . GLY A 1 142 ? 0.370   2.898   -13.107 1.00 11.09 ? 311  GLY A C   1 
ATOM   1148 O O   . GLY A 1 142 ? 0.734   3.966   -12.614 1.00 10.55 ? 311  GLY A O   1 
ATOM   1149 N N   . TRP A 1 143 ? 1.054   1.769   -12.967 1.00 11.05 ? 312  TRP A N   1 
ATOM   1150 C CA  . TRP A 1 143 ? 2.243   1.707   -12.133 1.00 10.94 ? 312  TRP A CA  1 
ATOM   1151 C C   . TRP A 1 143 ? 3.432   2.430   -12.755 1.00 12.06 ? 312  TRP A C   1 
ATOM   1152 O O   . TRP A 1 143 ? 4.396   2.751   -12.067 1.00 14.24 ? 312  TRP A O   1 
ATOM   1153 C CB  . TRP A 1 143 ? 2.580   0.257   -11.782 1.00 11.13 ? 312  TRP A CB  1 
ATOM   1154 C CG  . TRP A 1 143 ? 1.567   -0.334  -10.839 1.00 10.95 ? 312  TRP A CG  1 
ATOM   1155 C CD1 . TRP A 1 143 ? 0.510   -1.134  -11.161 1.00 12.74 ? 312  TRP A CD1 1 
ATOM   1156 C CD2 . TRP A 1 143 ? 1.503   -0.135  -9.422  1.00 11.26 ? 312  TRP A CD2 1 
ATOM   1157 N NE1 . TRP A 1 143 ? -0.204  -1.457  -10.027 1.00 12.30 ? 312  TRP A NE1 1 
ATOM   1158 C CE2 . TRP A 1 143 ? 0.388   -0.854  -8.947  1.00 13.42 ? 312  TRP A CE2 1 
ATOM   1159 C CE3 . TRP A 1 143 ? 2.283   0.580   -8.509  1.00 12.19 ? 312  TRP A CE3 1 
ATOM   1160 C CZ2 . TRP A 1 143 ? 0.042   -0.885  -7.600  1.00 15.80 ? 312  TRP A CZ2 1 
ATOM   1161 C CZ3 . TRP A 1 143 ? 1.938   0.551   -7.173  1.00 13.85 ? 312  TRP A CZ3 1 
ATOM   1162 C CH2 . TRP A 1 143 ? 0.825   -0.176  -6.731  1.00 16.27 ? 312  TRP A CH2 1 
ATOM   1163 N N   . ASP A 1 144 ? 3.357   2.699   -14.052 1.00 12.05 ? 313  ASP A N   1 
ATOM   1164 C CA  . ASP A 1 144 ? 4.354   3.550   -14.692 1.00 14.16 ? 313  ASP A CA  1 
ATOM   1165 C C   . ASP A 1 144 ? 4.292   4.959   -14.112 1.00 15.06 ? 313  ASP A C   1 
ATOM   1166 O O   . ASP A 1 144 ? 5.323   5.575   -13.855 1.00 13.23 ? 313  ASP A O   1 
ATOM   1167 C CB  . ASP A 1 144 ? 4.150   3.586   -16.209 1.00 13.51 ? 313  ASP A CB  1 
ATOM   1168 C CG  . ASP A 1 144 ? 4.561   2.294   -16.878 1.00 23.84 ? 313  ASP A CG  1 
ATOM   1169 O OD1 . ASP A 1 144 ? 5.609   1.739   -16.492 1.00 22.80 ? 313  ASP A OD1 1 
ATOM   1170 O OD2 . ASP A 1 144 ? 3.836   1.833   -17.786 1.00 33.63 ? 313  ASP A OD2 1 
ATOM   1171 N N   . GLY A 1 145 ? 3.079   5.462   -13.908 1.00 11.76 ? 314  GLY A N   1 
ATOM   1172 C CA  . GLY A 1 145 ? 2.883   6.761   -13.288 1.00 12.69 ? 314  GLY A CA  1 
ATOM   1173 C C   . GLY A 1 145 ? 3.408   6.797   -11.866 1.00 12.13 ? 314  GLY A C   1 
ATOM   1174 O O   . GLY A 1 145 ? 3.947   7.812   -11.415 1.00 10.58 ? 314  GLY A O   1 
ATOM   1175 N N   . PHE A 1 146 ? 3.240   5.679   -11.166 1.00 11.51 ? 315  PHE A N   1 
ATOM   1176 C CA  . PHE A 1 146 ? 3.719   5.518   -9.796  1.00 11.46 ? 315  PHE A CA  1 
ATOM   1177 C C   . PHE A 1 146 ? 5.235   5.649   -9.750  1.00 11.32 ? 315  PHE A C   1 
ATOM   1178 O O   . PHE A 1 146 ? 5.788   6.394   -8.941  1.00 12.59 ? 315  PHE A O   1 
ATOM   1179 C CB  . PHE A 1 146 ? 3.279   4.149   -9.270  1.00 10.74 ? 315  PHE A CB  1 
ATOM   1180 C CG  . PHE A 1 146 ? 3.844   3.788   -7.922  1.00 9.74  ? 315  PHE A CG  1 
ATOM   1181 C CD1 . PHE A 1 146 ? 3.315   4.326   -6.764  1.00 11.99 ? 315  PHE A CD1 1 
ATOM   1182 C CD2 . PHE A 1 146 ? 4.881   2.880   -7.816  1.00 12.10 ? 315  PHE A CD2 1 
ATOM   1183 C CE1 . PHE A 1 146 ? 3.827   3.978   -5.521  1.00 10.91 ? 315  PHE A CE1 1 
ATOM   1184 C CE2 . PHE A 1 146 ? 5.395   2.526   -6.576  1.00 10.53 ? 315  PHE A CE2 1 
ATOM   1185 C CZ  . PHE A 1 146 ? 4.867   3.076   -5.430  1.00 13.46 ? 315  PHE A CZ  1 
ATOM   1186 N N   . VAL A 1 147 ? 5.907   4.929   -10.638 1.00 9.47  ? 316  VAL A N   1 
ATOM   1187 C CA  . VAL A 1 147 ? 7.362   4.988   -10.716 1.00 8.16  ? 316  VAL A CA  1 
ATOM   1188 C C   . VAL A 1 147 ? 7.836   6.404   -11.041 1.00 11.96 ? 316  VAL A C   1 
ATOM   1189 O O   . VAL A 1 147 ? 8.776   6.914   -10.431 1.00 14.91 ? 316  VAL A O   1 
ATOM   1190 C CB  . VAL A 1 147 ? 7.899   3.999   -11.770 1.00 10.88 ? 316  VAL A CB  1 
ATOM   1191 C CG1 . VAL A 1 147 ? 9.403   4.168   -11.947 1.00 13.98 ? 316  VAL A CG1 1 
ATOM   1192 C CG2 . VAL A 1 147 ? 7.558   2.568   -11.374 1.00 12.95 ? 316  VAL A CG2 1 
ATOM   1193 N N   . GLU A 1 148 ? 7.175   7.039   -11.996 1.00 11.20 ? 317  GLU A N   1 
ATOM   1194 C CA  . GLU A 1 148 ? 7.562   8.380   -12.420 1.00 11.33 ? 317  GLU A CA  1 
ATOM   1195 C C   . GLU A 1 148 ? 7.322   9.428   -11.339 1.00 12.40 ? 317  GLU A C   1 
ATOM   1196 O O   . GLU A 1 148 ? 8.136   10.335  -11.149 1.00 12.15 ? 317  GLU A O   1 
ATOM   1197 C CB  . GLU A 1 148 ? 6.825   8.752   -13.705 1.00 11.60 ? 317  GLU A CB  1 
ATOM   1198 C CG  . GLU A 1 148 ? 7.172   7.841   -14.876 1.00 17.37 ? 317  GLU A CG  1 
ATOM   1199 C CD  . GLU A 1 148 ? 6.421   8.199   -16.137 1.00 33.75 ? 317  GLU A CD  1 
ATOM   1200 O OE1 . GLU A 1 148 ? 5.574   9.113   -16.080 1.00 37.05 ? 317  GLU A OE1 1 
ATOM   1201 O OE2 . GLU A 1 148 ? 6.679   7.568   -17.184 1.00 32.93 ? 317  GLU A OE2 1 
ATOM   1202 N N   . PHE A 1 149 ? 6.210   9.297   -10.623 1.00 10.93 ? 318  PHE A N   1 
ATOM   1203 C CA  . PHE A 1 149 ? 5.862   10.261  -9.577  1.00 11.14 ? 318  PHE A CA  1 
ATOM   1204 C C   . PHE A 1 149 ? 6.945   10.345  -8.505  1.00 13.54 ? 318  PHE A C   1 
ATOM   1205 O O   . PHE A 1 149 ? 7.272   11.434  -8.017  1.00 14.37 ? 318  PHE A O   1 
ATOM   1206 C CB  . PHE A 1 149 ? 4.513   9.903   -8.941  1.00 12.27 ? 318  PHE A CB  1 
ATOM   1207 C CG  . PHE A 1 149 ? 4.046   10.892  -7.904  1.00 11.94 ? 318  PHE A CG  1 
ATOM   1208 C CD1 . PHE A 1 149 ? 3.396   12.059  -8.279  1.00 16.02 ? 318  PHE A CD1 1 
ATOM   1209 C CD2 . PHE A 1 149 ? 4.258   10.655  -6.557  1.00 13.68 ? 318  PHE A CD2 1 
ATOM   1210 C CE1 . PHE A 1 149 ? 2.968   12.968  -7.326  1.00 11.89 ? 318  PHE A CE1 1 
ATOM   1211 C CE2 . PHE A 1 149 ? 3.829   11.558  -5.599  1.00 10.88 ? 318  PHE A CE2 1 
ATOM   1212 C CZ  . PHE A 1 149 ? 3.183   12.714  -5.982  1.00 14.25 ? 318  PHE A CZ  1 
ATOM   1213 N N   . PHE A 1 150 ? 7.496   9.193   -8.132  1.00 9.31  ? 319  PHE A N   1 
ATOM   1214 C CA  . PHE A 1 150 ? 8.483   9.149   -7.059  1.00 11.86 ? 319  PHE A CA  1 
ATOM   1215 C C   . PHE A 1 150 ? 9.919   9.163   -7.576  1.00 10.89 ? 319  PHE A C   1 
ATOM   1216 O O   . PHE A 1 150 ? 10.864  9.027   -6.802  1.00 13.94 ? 319  PHE A O   1 
ATOM   1217 C CB  . PHE A 1 150 ? 8.238   7.928   -6.162  1.00 9.77  ? 319  PHE A CB  1 
ATOM   1218 C CG  . PHE A 1 150 ? 6.976   8.029   -5.352  1.00 9.02  ? 319  PHE A CG  1 
ATOM   1219 C CD1 . PHE A 1 150 ? 6.876   8.947   -4.318  1.00 11.73 ? 319  PHE A CD1 1 
ATOM   1220 C CD2 . PHE A 1 150 ? 5.894   7.208   -5.623  1.00 11.06 ? 319  PHE A CD2 1 
ATOM   1221 C CE1 . PHE A 1 150 ? 5.716   9.051   -3.571  1.00 11.93 ? 319  PHE A CE1 1 
ATOM   1222 C CE2 . PHE A 1 150 ? 4.733   7.302   -4.881  1.00 12.29 ? 319  PHE A CE2 1 
ATOM   1223 C CZ  . PHE A 1 150 ? 4.642   8.228   -3.852  1.00 12.90 ? 319  PHE A CZ  1 
ATOM   1224 N N   . HIS A 1 151 ? 10.079  9.336   -8.884  1.00 11.14 ? 320  HIS A N   1 
ATOM   1225 C CA  . HIS A 1 151 ? 11.414  9.326   -9.469  1.00 12.15 ? 320  HIS A CA  1 
ATOM   1226 C C   . HIS A 1 151 ? 12.190  10.578  -9.078  1.00 14.28 ? 320  HIS A C   1 
ATOM   1227 O O   . HIS A 1 151 ? 11.698  11.698  -9.224  1.00 16.64 ? 320  HIS A O   1 
ATOM   1228 C CB  . HIS A 1 151 ? 11.352  9.205   -10.993 1.00 13.86 ? 320  HIS A CB  1 
ATOM   1229 C CG  . HIS A 1 151 ? 12.701  9.158   -11.639 1.00 14.54 ? 320  HIS A CG  1 
ATOM   1230 N ND1 . HIS A 1 151 ? 13.473  8.016   -11.668 1.00 20.67 ? 320  HIS A ND1 1 
ATOM   1231 C CD2 . HIS A 1 151 ? 13.424  10.115  -12.268 1.00 14.83 ? 320  HIS A CD2 1 
ATOM   1232 C CE1 . HIS A 1 151 ? 14.611  8.272   -12.287 1.00 17.45 ? 320  HIS A CE1 1 
ATOM   1233 N NE2 . HIS A 1 151 ? 14.605  9.537   -12.665 1.00 14.80 ? 320  HIS A NE2 1 
ATOM   1234 N N   . VAL A 1 152 ? 13.405  10.378  -8.580  1.00 12.29 ? 321  VAL A N   1 
ATOM   1235 C CA  . VAL A 1 152 ? 14.282  11.484  -8.218  1.00 12.06 ? 321  VAL A CA  1 
ATOM   1236 C C   . VAL A 1 152 ? 15.485  11.499  -9.152  1.00 16.17 ? 321  VAL A C   1 
ATOM   1237 O O   . VAL A 1 152 ? 16.342  10.619  -9.089  1.00 18.68 ? 321  VAL A O   1 
ATOM   1238 C CB  . VAL A 1 152 ? 14.770  11.365  -6.764  1.00 17.49 ? 321  VAL A CB  1 
ATOM   1239 C CG1 . VAL A 1 152 ? 15.779  12.465  -6.453  1.00 21.27 ? 321  VAL A CG1 1 
ATOM   1240 C CG2 . VAL A 1 152 ? 13.590  11.423  -5.809  1.00 19.78 ? 321  VAL A CG2 1 
ATOM   1241 N N   . GLU A 1 153 ? 15.533  12.501  -10.022 1.00 17.07 ? 322  GLU A N   1 
ATOM   1242 C CA  . GLU A 1 153 ? 16.578  12.591  -11.037 1.00 19.44 ? 322  GLU A CA  1 
ATOM   1243 C C   . GLU A 1 153 ? 17.898  13.075  -10.449 1.00 20.04 ? 322  GLU A C   1 
ATOM   1244 O O   . GLU A 1 153 ? 17.927  13.688  -9.384  1.00 20.70 ? 322  GLU A O   1 
ATOM   1245 C CB  . GLU A 1 153 ? 16.139  13.502  -12.186 1.00 22.41 ? 322  GLU A CB  1 
ATOM   1246 C CG  . GLU A 1 153 ? 15.994  14.977  -11.827 1.00 29.59 ? 322  GLU A CG  1 
ATOM   1247 C CD  . GLU A 1 153 ? 14.622  15.331  -11.270 1.00 33.69 ? 322  GLU A CD  1 
ATOM   1248 O OE1 . GLU A 1 153 ? 14.020  14.504  -10.549 1.00 28.88 ? 322  GLU A OE1 1 
ATOM   1249 O OE2 . GLU A 1 153 ? 14.145  16.449  -11.554 1.00 34.45 ? 322  GLU A OE2 1 
ATOM   1250 N N   . ASP A 1 154 ? 18.991  12.782  -11.145 1.00 20.31 ? 323  ASP A N   1 
ATOM   1251 C CA  . ASP A 1 154 ? 20.310  13.243  -10.738 1.00 25.45 ? 323  ASP A CA  1 
ATOM   1252 C C   . ASP A 1 154 ? 20.932  14.002  -11.898 1.00 28.49 ? 323  ASP A C   1 
ATOM   1253 O O   . ASP A 1 154 ? 22.029  13.681  -12.353 1.00 39.69 ? 323  ASP A O   1 
ATOM   1254 C CB  . ASP A 1 154 ? 21.196  12.061  -10.340 1.00 30.11 ? 323  ASP A CB  1 
ATOM   1255 C CG  . ASP A 1 154 ? 22.468  12.494  -9.640  1.00 40.58 ? 323  ASP A CG  1 
ATOM   1256 O OD1 . ASP A 1 154 ? 22.555  13.671  -9.227  1.00 39.85 ? 323  ASP A OD1 1 
ATOM   1257 O OD2 . ASP A 1 154 ? 23.379  11.654  -9.495  1.00 39.27 ? 323  ASP A OD2 1 
ATOM   1258 N N   . LEU A 1 155 ? 20.215  15.012  -12.375 1.00 23.06 ? 324  LEU A N   1 
ATOM   1259 C CA  . LEU A 1 155 ? 20.641  15.780  -13.538 1.00 27.46 ? 324  LEU A CA  1 
ATOM   1260 C C   . LEU A 1 155 ? 21.184  17.140  -13.120 1.00 34.42 ? 324  LEU A C   1 
ATOM   1261 O O   . LEU A 1 155 ? 20.548  17.858  -12.351 1.00 30.39 ? 324  LEU A O   1 
ATOM   1262 C CB  . LEU A 1 155 ? 19.465  15.962  -14.498 1.00 26.76 ? 324  LEU A CB  1 
ATOM   1263 C CG  . LEU A 1 155 ? 18.688  14.686  -14.833 1.00 26.38 ? 324  LEU A CG  1 
ATOM   1264 C CD1 . LEU A 1 155 ? 17.413  15.008  -15.594 1.00 26.35 ? 324  LEU A CD1 1 
ATOM   1265 C CD2 . LEU A 1 155 ? 19.563  13.732  -15.626 1.00 31.29 ? 324  LEU A CD2 1 
ATOM   1266 N N   . GLU A 1 156 ? 22.363  17.487  -13.626 1.00 47.33 ? 325  GLU A N   1 
ATOM   1267 C CA  . GLU A 1 156 ? 22.930  18.809  -13.393 1.00 52.95 ? 325  GLU A CA  1 
ATOM   1268 C C   . GLU A 1 156 ? 22.209  19.824  -14.270 1.00 60.71 ? 325  GLU A C   1 
ATOM   1269 O O   . GLU A 1 156 ? 22.836  20.528  -15.064 1.00 64.45 ? 325  GLU A O   1 
ATOM   1270 C CB  . GLU A 1 156 ? 24.427  18.816  -13.702 1.00 45.57 ? 325  GLU A CB  1 
ATOM   1271 N N   . GLY A 1 157 ? 20.888  19.886  -14.124 1.00 49.76 ? 326  GLY A N   1 
ATOM   1272 C CA  . GLY A 1 157 ? 20.049  20.736  -14.950 1.00 44.97 ? 326  GLY A CA  1 
ATOM   1273 C C   . GLY A 1 157 ? 20.423  22.203  -14.884 1.00 58.14 ? 326  GLY A C   1 
ATOM   1274 O O   . GLY A 1 157 ? 20.975  22.751  -15.838 1.00 54.72 ? 326  GLY A O   1 
ATOM   1275 N N   . GLY B 2 4   ? -17.584 10.575  13.883  1.00 58.04 ? 0    GLY B N   1 
ATOM   1276 C CA  . GLY B 2 4   ? -18.566 9.531   13.650  1.00 41.53 ? 0    GLY B CA  1 
ATOM   1277 C C   . GLY B 2 4   ? -18.047 8.160   14.037  1.00 37.23 ? 0    GLY B C   1 
ATOM   1278 O O   . GLY B 2 4   ? -17.523 7.974   15.133  1.00 36.42 ? 0    GLY B O   1 
ATOM   1279 N N   . ARG B 2 5   ? -18.193 7.197   13.131  1.00 30.30 ? 1    ARG B N   1 
ATOM   1280 C CA  . ARG B 2 5   ? -17.713 5.842   13.372  1.00 32.80 ? 1    ARG B CA  1 
ATOM   1281 C C   . ARG B 2 5   ? -16.189 5.815   13.421  1.00 22.84 ? 1    ARG B C   1 
ATOM   1282 O O   . ARG B 2 5   ? -15.534 6.562   12.701  1.00 22.16 ? 1    ARG B O   1 
ATOM   1283 C CB  . ARG B 2 5   ? -18.222 4.899   12.284  1.00 33.48 ? 1    ARG B CB  1 
ATOM   1284 C CG  . ARG B 2 5   ? -19.732 4.909   12.119  1.00 41.80 ? 1    ARG B CG  1 
ATOM   1285 C CD  . ARG B 2 5   ? -20.167 3.943   11.034  1.00 38.02 ? 1    ARG B CD  1 
ATOM   1286 N NE  . ARG B 2 5   ? -19.599 2.616   11.246  1.00 38.11 ? 1    ARG B NE  1 
ATOM   1287 C CZ  . ARG B 2 5   ? -19.896 1.549   10.513  1.00 39.35 ? 1    ARG B CZ  1 
ATOM   1288 N NH1 . ARG B 2 5   ? -20.762 1.647   9.514   1.00 39.37 ? 1    ARG B NH1 1 
ATOM   1289 N NH2 . ARG B 2 5   ? -19.328 0.382   10.782  1.00 42.03 ? 1    ARG B NH2 1 
ATOM   1290 N N   . PRO B 2 6   ? -15.622 4.952   14.278  1.00 20.52 ? 2    PRO B N   1 
ATOM   1291 C CA  . PRO B 2 6   ? -14.167 4.866   14.463  1.00 20.37 ? 2    PRO B CA  1 
ATOM   1292 C C   . PRO B 2 6   ? -13.391 4.763   13.147  1.00 22.33 ? 2    PRO B C   1 
ATOM   1293 O O   . PRO B 2 6   ? -12.346 5.403   13.009  1.00 23.61 ? 2    PRO B O   1 
ATOM   1294 C CB  . PRO B 2 6   ? -13.998 3.585   15.282  1.00 21.83 ? 2    PRO B CB  1 
ATOM   1295 C CG  . PRO B 2 6   ? -15.263 3.483   16.057  1.00 20.50 ? 2    PRO B CG  1 
ATOM   1296 C CD  . PRO B 2 6   ? -16.346 4.021   15.163  1.00 20.33 ? 2    PRO B CD  1 
ATOM   1297 N N   . GLU B 2 7   ? -13.895 3.978   12.198  1.00 17.27 ? 3    GLU B N   1 
ATOM   1298 C CA  . GLU B 2 7   ? -13.196 3.768   10.930  1.00 16.96 ? 3    GLU B CA  1 
ATOM   1299 C C   . GLU B 2 7   ? -12.851 5.092   10.253  1.00 18.19 ? 3    GLU B C   1 
ATOM   1300 O O   . GLU B 2 7   ? -11.833 5.204   9.567   1.00 19.56 ? 3    GLU B O   1 
ATOM   1301 C CB  . GLU B 2 7   ? -14.028 2.893   9.991   1.00 20.71 ? 3    GLU B CB  1 
ATOM   1302 C CG  . GLU B 2 7   ? -15.382 3.479   9.629   1.00 30.60 ? 3    GLU B CG  1 
ATOM   1303 C CD  . GLU B 2 7   ? -16.391 2.415   9.236   1.00 35.07 ? 3    GLU B CD  1 
ATOM   1304 O OE1 . GLU B 2 7   ? -16.229 1.251   9.659   1.00 40.02 ? 3    GLU B OE1 1 
ATOM   1305 O OE2 . GLU B 2 7   ? -17.351 2.744   8.508   1.00 40.85 ? 3    GLU B OE2 1 
ATOM   1306 N N   . ILE B 2 8   ? -13.696 6.096   10.457  1.00 18.13 ? 4    ILE B N   1 
ATOM   1307 C CA  . ILE B 2 8   ? -13.467 7.401   9.851   1.00 19.28 ? 4    ILE B CA  1 
ATOM   1308 C C   . ILE B 2 8   ? -12.270 8.097   10.486  1.00 20.55 ? 4    ILE B C   1 
ATOM   1309 O O   . ILE B 2 8   ? -11.507 8.777   9.799   1.00 20.74 ? 4    ILE B O   1 
ATOM   1310 C CB  . ILE B 2 8   ? -14.708 8.299   9.958   1.00 23.67 ? 4    ILE B CB  1 
ATOM   1311 C CG1 . ILE B 2 8   ? -15.929 7.584   9.378   1.00 31.44 ? 4    ILE B CG1 1 
ATOM   1312 C CG2 . ILE B 2 8   ? -14.473 9.613   9.231   1.00 32.07 ? 4    ILE B CG2 1 
ATOM   1313 C CD1 . ILE B 2 8   ? -17.224 8.348   9.568   1.00 34.35 ? 4    ILE B CD1 1 
ATOM   1314 N N   . TRP B 2 9   ? -12.105 7.925   11.797  1.00 16.79 ? 5    TRP B N   1 
ATOM   1315 C CA  . TRP B 2 9   ? -10.970 8.511   12.503  1.00 18.54 ? 5    TRP B CA  1 
ATOM   1316 C C   . TRP B 2 9   ? -9.655  7.933   11.996  1.00 15.89 ? 5    TRP B C   1 
ATOM   1317 O O   . TRP B 2 9   ? -8.684  8.665   11.779  1.00 14.42 ? 5    TRP B O   1 
ATOM   1318 C CB  . TRP B 2 9   ? -11.070 8.262   14.008  1.00 21.96 ? 5    TRP B CB  1 
ATOM   1319 C CG  . TRP B 2 9   ? -12.362 8.678   14.625  1.00 32.27 ? 5    TRP B CG  1 
ATOM   1320 C CD1 . TRP B 2 9   ? -13.198 9.666   14.197  1.00 36.57 ? 5    TRP B CD1 1 
ATOM   1321 C CD2 . TRP B 2 9   ? -12.960 8.125   15.804  1.00 37.06 ? 5    TRP B CD2 1 
ATOM   1322 N NE1 . TRP B 2 9   ? -14.289 9.757   15.032  1.00 44.17 ? 5    TRP B NE1 1 
ATOM   1323 C CE2 . TRP B 2 9   ? -14.165 8.822   16.026  1.00 43.47 ? 5    TRP B CE2 1 
ATOM   1324 C CE3 . TRP B 2 9   ? -12.596 7.106   16.692  1.00 35.53 ? 5    TRP B CE3 1 
ATOM   1325 C CZ2 . TRP B 2 9   ? -15.008 8.532   17.100  1.00 49.83 ? 5    TRP B CZ2 1 
ATOM   1326 C CZ3 . TRP B 2 9   ? -13.434 6.819   17.756  1.00 38.93 ? 5    TRP B CZ3 1 
ATOM   1327 C CH2 . TRP B 2 9   ? -14.626 7.530   17.951  1.00 30.69 ? 5    TRP B CH2 1 
ATOM   1328 N N   . TYR B 2 10  ? -9.621  6.617   11.823  1.00 11.86 ? 6    TYR B N   1 
ATOM   1329 C CA  . TYR B 2 10  ? -8.423  5.944   11.324  1.00 14.87 ? 6    TYR B CA  1 
ATOM   1330 C C   . TYR B 2 10  ? -8.118  6.359   9.892   1.00 14.24 ? 6    TYR B C   1 
ATOM   1331 O O   . TYR B 2 10  ? -6.965  6.620   9.546   1.00 14.25 ? 6    TYR B O   1 
ATOM   1332 C CB  . TYR B 2 10  ? -8.576  4.425   11.406  1.00 13.05 ? 6    TYR B CB  1 
ATOM   1333 C CG  . TYR B 2 10  ? -8.496  3.888   12.815  1.00 17.42 ? 6    TYR B CG  1 
ATOM   1334 C CD1 . TYR B 2 10  ? -9.614  3.865   13.634  1.00 16.55 ? 6    TYR B CD1 1 
ATOM   1335 C CD2 . TYR B 2 10  ? -7.301  3.404   13.324  1.00 24.00 ? 6    TYR B CD2 1 
ATOM   1336 C CE1 . TYR B 2 10  ? -9.543  3.378   14.927  1.00 16.96 ? 6    TYR B CE1 1 
ATOM   1337 C CE2 . TYR B 2 10  ? -7.220  2.909   14.616  1.00 19.44 ? 6    TYR B CE2 1 
ATOM   1338 C CZ  . TYR B 2 10  ? -8.344  2.899   15.410  1.00 18.61 ? 6    TYR B CZ  1 
ATOM   1339 O OH  . TYR B 2 10  ? -8.263  2.416   16.695  1.00 21.74 ? 6    TYR B OH  1 
ATOM   1340 N N   . ALA B 2 11  ? -9.155  6.421   9.063   1.00 12.95 ? 7    ALA B N   1 
ATOM   1341 C CA  . ALA B 2 11  ? -8.986  6.828   7.676   1.00 13.52 ? 7    ALA B CA  1 
ATOM   1342 C C   . ALA B 2 11  ? -8.438  8.246   7.604   1.00 14.73 ? 7    ALA B C   1 
ATOM   1343 O O   . ALA B 2 11  ? -7.606  8.556   6.752   1.00 15.63 ? 7    ALA B O   1 
ATOM   1344 C CB  . ALA B 2 11  ? -10.309 6.732   6.926   1.00 14.22 ? 7    ALA B CB  1 
ATOM   1345 N N   . GLN B 2 12  ? -8.910  9.106   8.501   1.00 13.53 ? 8    GLN B N   1 
ATOM   1346 C CA  . GLN B 2 12  ? -8.465  10.492  8.530   1.00 16.69 ? 8    GLN B CA  1 
ATOM   1347 C C   . GLN B 2 12  ? -6.966  10.587  8.782   1.00 19.05 ? 8    GLN B C   1 
ATOM   1348 O O   . GLN B 2 12  ? -6.265  11.365  8.132   1.00 16.00 ? 8    GLN B O   1 
ATOM   1349 C CB  . GLN B 2 12  ? -9.233  11.288  9.588   1.00 21.99 ? 8    GLN B CB  1 
ATOM   1350 C CG  . GLN B 2 12  ? -8.721  12.702  9.768   1.00 27.47 ? 8    GLN B CG  1 
ATOM   1351 C CD  . GLN B 2 12  ? -8.658  13.462  8.458   1.00 40.28 ? 8    GLN B CD  1 
ATOM   1352 O OE1 . GLN B 2 12  ? -9.507  13.286  7.582   1.00 39.83 ? 8    GLN B OE1 1 
ATOM   1353 N NE2 . GLN B 2 12  ? -7.647  14.312  8.318   1.00 41.77 ? 8    GLN B NE2 1 
ATOM   1354 N N   . GLU B 2 13  ? -6.480  9.794   9.729   1.00 15.51 ? 9    GLU B N   1 
ATOM   1355 C CA  . GLU B 2 13  ? -5.059  9.760   10.042  1.00 16.13 ? 9    GLU B CA  1 
ATOM   1356 C C   . GLU B 2 13  ? -4.243  9.334   8.817   1.00 15.74 ? 9    GLU B C   1 
ATOM   1357 O O   . GLU B 2 13  ? -3.218  9.936   8.502   1.00 13.94 ? 9    GLU B O   1 
ATOM   1358 C CB  . GLU B 2 13  ? -4.802  8.814   11.215  1.00 19.15 ? 9    GLU B CB  1 
ATOM   1359 C CG  . GLU B 2 13  ? -3.359  8.772   11.690  1.00 34.44 ? 9    GLU B CG  1 
ATOM   1360 C CD  . GLU B 2 13  ? -2.978  9.985   12.516  1.00 41.87 ? 9    GLU B CD  1 
ATOM   1361 O OE1 . GLU B 2 13  ? -3.849  10.852  12.741  1.00 50.30 ? 9    GLU B OE1 1 
ATOM   1362 O OE2 . GLU B 2 13  ? -1.807  10.069  12.945  1.00 50.70 ? 9    GLU B OE2 1 
ATOM   1363 N N   . LEU B 2 14  ? -4.708  8.308   8.113   1.00 13.40 ? 10   LEU B N   1 
ATOM   1364 C CA  . LEU B 2 14  ? -3.993  7.837   6.928   1.00 13.30 ? 10   LEU B CA  1 
ATOM   1365 C C   . LEU B 2 14  ? -4.062  8.845   5.790   1.00 13.23 ? 10   LEU B C   1 
ATOM   1366 O O   . LEU B 2 14  ? -3.101  9.009   5.036   1.00 11.14 ? 10   LEU B O   1 
ATOM   1367 C CB  . LEU B 2 14  ? -4.531  6.483   6.466   1.00 14.36 ? 10   LEU B CB  1 
ATOM   1368 C CG  . LEU B 2 14  ? -4.312  5.328   7.444   1.00 14.40 ? 10   LEU B CG  1 
ATOM   1369 C CD1 . LEU B 2 14  ? -5.153  4.123   7.056   1.00 19.32 ? 10   LEU B CD1 1 
ATOM   1370 C CD2 . LEU B 2 14  ? -2.842  4.954   7.531   1.00 14.13 ? 10   LEU B CD2 1 
ATOM   1371 N N   . ARG B 2 15  ? -5.204  9.514   5.662   1.00 12.67 ? 11   ARG B N   1 
ATOM   1372 C CA  . ARG B 2 15  ? -5.360  10.546  4.644   1.00 11.13 ? 11   ARG B CA  1 
ATOM   1373 C C   . ARG B 2 15  ? -4.398  11.704  4.887   1.00 12.07 ? 11   ARG B C   1 
ATOM   1374 O O   . ARG B 2 15  ? -3.787  12.230  3.954   1.00 14.47 ? 11   ARG B O   1 
ATOM   1375 C CB  . ARG B 2 15  ? -6.799  11.070  4.617   1.00 14.75 ? 11   ARG B CB  1 
ATOM   1376 C CG  . ARG B 2 15  ? -7.060  12.013  3.457   1.00 18.72 ? 11   ARG B CG  1 
ATOM   1377 C CD  . ARG B 2 15  ? -8.441  12.639  3.532   1.00 20.79 ? 11   ARG B CD  1 
ATOM   1378 N NE  . ARG B 2 15  ? -9.514  11.654  3.400   1.00 26.02 ? 11   ARG B NE  1 
ATOM   1379 C CZ  . ARG B 2 15  ? -10.805 11.959  3.475   1.00 36.64 ? 11   ARG B CZ  1 
ATOM   1380 N NH1 . ARG B 2 15  ? -11.172 13.216  3.687   1.00 32.74 ? 11   ARG B NH1 1 
ATOM   1381 N NH2 . ARG B 2 15  ? -11.725 11.013  3.343   1.00 31.07 ? 11   ARG B NH2 1 
ATOM   1382 N N   . ARG B 2 16  ? -4.274  12.106  6.147   1.00 11.97 ? 12   ARG B N   1 
ATOM   1383 C CA  . ARG B 2 16  ? -3.397  13.211  6.510   1.00 10.96 ? 12   ARG B CA  1 
ATOM   1384 C C   . ARG B 2 16  ? -1.951  12.865  6.186   1.00 13.55 ? 12   ARG B C   1 
ATOM   1385 O O   . ARG B 2 16  ? -1.235  13.649  5.556   1.00 18.28 ? 12   ARG B O   1 
ATOM   1386 C CB  . ARG B 2 16  ? -3.535  13.533  8.001   1.00 17.12 ? 12   ARG B CB  1 
ATOM   1387 C CG  . ARG B 2 16  ? -2.661  14.694  8.457   1.00 25.10 ? 12   ARG B CG  1 
ATOM   1388 C CD  . ARG B 2 16  ? -2.673  14.847  9.972   1.00 33.59 ? 12   ARG B CD  1 
ATOM   1389 N NE  . ARG B 2 16  ? -2.170  13.658  10.654  1.00 39.58 ? 12   ARG B NE  1 
ATOM   1390 C CZ  . ARG B 2 16  ? -0.883  13.408  10.870  1.00 40.45 ? 12   ARG B CZ  1 
ATOM   1391 N NH1 . ARG B 2 16  ? 0.041   14.263  10.451  1.00 42.42 ? 12   ARG B NH1 1 
ATOM   1392 N NH2 . ARG B 2 16  ? -0.517  12.299  11.501  1.00 49.25 ? 12   ARG B NH2 1 
ATOM   1393 N N   . ILE B 2 17  ? -1.529  11.684  6.626   1.00 14.45 ? 13   ILE B N   1 
ATOM   1394 C CA  . ILE B 2 17  ? -0.179  11.207  6.359   1.00 10.86 ? 13   ILE B CA  1 
ATOM   1395 C C   . ILE B 2 17  ? 0.075   11.122  4.857   1.00 13.22 ? 13   ILE B C   1 
ATOM   1396 O O   . ILE B 2 17  ? 1.120   11.558  4.369   1.00 12.60 ? 13   ILE B O   1 
ATOM   1397 C CB  . ILE B 2 17  ? 0.070   9.837   7.011   1.00 11.84 ? 13   ILE B CB  1 
ATOM   1398 C CG1 . ILE B 2 17  ? 0.072   9.976   8.536   1.00 11.90 ? 13   ILE B CG1 1 
ATOM   1399 C CG2 . ILE B 2 17  ? 1.387   9.251   6.533   1.00 10.08 ? 13   ILE B CG2 1 
ATOM   1400 C CD1 . ILE B 2 17  ? 0.091   8.649   9.275   1.00 20.52 ? 13   ILE B CD1 1 
ATOM   1401 N N   . GLY B 2 18  ? -0.890  10.572  4.128   1.00 10.74 ? 14   GLY B N   1 
ATOM   1402 C CA  . GLY B 2 18  ? -0.759  10.413  2.690   1.00 9.71  ? 14   GLY B CA  1 
ATOM   1403 C C   . GLY B 2 18  ? -0.661  11.734  1.949   1.00 13.78 ? 14   GLY B C   1 
ATOM   1404 O O   . GLY B 2 18  ? 0.152   11.886  1.039   1.00 11.65 ? 14   GLY B O   1 
ATOM   1405 N N   . ASP B 2 19  ? -1.489  12.698  2.335   1.00 10.08 ? 15   ASP B N   1 
ATOM   1406 C CA  . ASP B 2 19  ? -1.482  14.000  1.677   1.00 10.69 ? 15   ASP B CA  1 
ATOM   1407 C C   . ASP B 2 19  ? -0.195  14.773  1.965   1.00 15.64 ? 15   ASP B C   1 
ATOM   1408 O O   . ASP B 2 19  ? 0.338   15.471  1.099   1.00 13.16 ? 15   ASP B O   1 
ATOM   1409 C CB  . ASP B 2 19  ? -2.703  14.818  2.092   1.00 12.27 ? 15   ASP B CB  1 
ATOM   1410 C CG  . ASP B 2 19  ? -3.977  14.331  1.438   1.00 16.32 ? 15   ASP B CG  1 
ATOM   1411 O OD1 . ASP B 2 19  ? -3.897  13.582  0.439   1.00 13.73 ? 15   ASP B OD1 1 
ATOM   1412 O OD2 . ASP B 2 19  ? -5.063  14.699  1.923   1.00 20.75 ? 15   ASP B OD2 1 
ATOM   1413 N N   . GLU B 2 20  ? 0.297   14.645  3.189   1.00 16.42 ? 16   GLU B N   1 
ATOM   1414 C CA  . GLU B 2 20  ? 1.551   15.266  3.583   1.00 16.87 ? 16   GLU B CA  1 
ATOM   1415 C C   . GLU B 2 20  ? 2.704   14.659  2.787   1.00 19.95 ? 16   GLU B C   1 
ATOM   1416 O O   . GLU B 2 20  ? 3.588   15.367  2.298   1.00 16.53 ? 16   GLU B O   1 
ATOM   1417 C CB  . GLU B 2 20  ? 1.762   15.075  5.085   1.00 20.21 ? 16   GLU B CB  1 
ATOM   1418 C CG  . GLU B 2 20  ? 3.197   15.206  5.549   1.00 40.04 ? 16   GLU B CG  1 
ATOM   1419 C CD  . GLU B 2 20  ? 3.365   14.804  7.005   1.00 41.14 ? 16   GLU B CD  1 
ATOM   1420 O OE1 . GLU B 2 20  ? 2.435   15.049  7.804   1.00 41.73 ? 16   GLU B OE1 1 
ATOM   1421 O OE2 . GLU B 2 20  ? 4.426   14.241  7.348   1.00 37.02 ? 16   GLU B OE2 1 
ATOM   1422 N N   . PHE B 2 21  ? 2.683   13.338  2.643   1.00 15.47 ? 17   PHE B N   1 
ATOM   1423 C CA  . PHE B 2 21  ? 3.711   12.651  1.881   1.00 12.50 ? 17   PHE B CA  1 
ATOM   1424 C C   . PHE B 2 21  ? 3.622   13.020  0.401   1.00 15.39 ? 17   PHE B C   1 
ATOM   1425 O O   . PHE B 2 21  ? 4.638   13.242  -0.256  1.00 14.71 ? 17   PHE B O   1 
ATOM   1426 C CB  . PHE B 2 21  ? 3.598   11.139  2.067   1.00 18.36 ? 17   PHE B CB  1 
ATOM   1427 C CG  . PHE B 2 21  ? 4.806   10.386  1.608   1.00 16.11 ? 17   PHE B CG  1 
ATOM   1428 C CD1 . PHE B 2 21  ? 5.956   10.371  2.379   1.00 20.26 ? 17   PHE B CD1 1 
ATOM   1429 C CD2 . PHE B 2 21  ? 4.795   9.696   0.413   1.00 19.93 ? 17   PHE B CD2 1 
ATOM   1430 C CE1 . PHE B 2 21  ? 7.071   9.683   1.965   1.00 23.76 ? 17   PHE B CE1 1 
ATOM   1431 C CE2 . PHE B 2 21  ? 5.910   9.008   -0.011  1.00 20.23 ? 17   PHE B CE2 1 
ATOM   1432 C CZ  . PHE B 2 21  ? 7.051   9.003   0.767   1.00 20.97 ? 17   PHE B CZ  1 
ATOM   1433 N N   . ASN B 2 22  ? 2.402   13.085  -0.125  1.00 13.40 ? 18   ASN B N   1 
ATOM   1434 C CA  . ASN B 2 22  ? 2.207   13.444  -1.526  1.00 9.49  ? 18   ASN B CA  1 
ATOM   1435 C C   . ASN B 2 22  ? 2.851   14.786  -1.853  1.00 14.06 ? 18   ASN B C   1 
ATOM   1436 O O   . ASN B 2 22  ? 3.433   14.971  -2.924  1.00 14.21 ? 18   ASN B O   1 
ATOM   1437 C CB  . ASN B 2 22  ? 0.721   13.499  -1.867  1.00 12.39 ? 18   ASN B CB  1 
ATOM   1438 C CG  . ASN B 2 22  ? 0.467   13.379  -3.353  1.00 13.96 ? 18   ASN B CG  1 
ATOM   1439 O OD1 . ASN B 2 22  ? 0.580   12.298  -3.917  1.00 12.73 ? 18   ASN B OD1 1 
ATOM   1440 N ND2 . ASN B 2 22  ? 0.129   14.495  -3.998  1.00 14.77 ? 18   ASN B ND2 1 
ATOM   1441 N N   . ALA B 2 23  ? 2.742   15.721  -0.918  1.00 13.27 ? 19   ALA B N   1 
ATOM   1442 C CA  . ALA B 2 23  ? 3.255   17.067  -1.127  1.00 14.31 ? 19   ALA B CA  1 
ATOM   1443 C C   . ALA B 2 23  ? 4.785   17.117  -1.207  1.00 13.65 ? 19   ALA B C   1 
ATOM   1444 O O   . ALA B 2 23  ? 5.347   18.060  -1.755  1.00 15.92 ? 19   ALA B O   1 
ATOM   1445 C CB  . ALA B 2 23  ? 2.734   18.005  -0.048  1.00 13.79 ? 19   ALA B CB  1 
ATOM   1446 N N   . TYR B 2 24  ? 5.464   16.109  -0.669  1.00 12.84 ? 20   TYR B N   1 
ATOM   1447 C CA  . TYR B 2 24  ? 6.916   16.040  -0.823  1.00 13.98 ? 20   TYR B CA  1 
ATOM   1448 C C   . TYR B 2 24  ? 7.326   15.828  -2.279  1.00 17.01 ? 20   TYR B C   1 
ATOM   1449 O O   . TYR B 2 24  ? 8.399   16.255  -2.699  1.00 15.14 ? 20   TYR B O   1 
ATOM   1450 C CB  . TYR B 2 24  ? 7.510   14.898  0.001   1.00 13.10 ? 20   TYR B CB  1 
ATOM   1451 C CG  . TYR B 2 24  ? 7.716   15.186  1.470   1.00 12.75 ? 20   TYR B CG  1 
ATOM   1452 C CD1 . TYR B 2 24  ? 7.148   14.367  2.437   1.00 13.47 ? 20   TYR B CD1 1 
ATOM   1453 C CD2 . TYR B 2 24  ? 8.508   16.244  1.892   1.00 15.84 ? 20   TYR B CD2 1 
ATOM   1454 C CE1 . TYR B 2 24  ? 7.344   14.611  3.782   1.00 16.94 ? 20   TYR B CE1 1 
ATOM   1455 C CE2 . TYR B 2 24  ? 8.707   16.498  3.240   1.00 18.08 ? 20   TYR B CE2 1 
ATOM   1456 C CZ  . TYR B 2 24  ? 8.126   15.677  4.177   1.00 23.65 ? 20   TYR B CZ  1 
ATOM   1457 O OH  . TYR B 2 24  ? 8.324   15.924  5.514   1.00 22.39 ? 20   TYR B OH  1 
ATOM   1458 N N   . TYR B 2 25  ? 6.474   15.155  -3.046  1.00 13.69 ? 21   TYR B N   1 
ATOM   1459 C CA  . TYR B 2 25  ? 6.856   14.704  -4.380  1.00 13.66 ? 21   TYR B CA  1 
ATOM   1460 C C   . TYR B 2 25  ? 6.083   15.371  -5.511  1.00 15.08 ? 21   TYR B C   1 
ATOM   1461 O O   . TYR B 2 25  ? 6.562   15.426  -6.641  1.00 21.24 ? 21   TYR B O   1 
ATOM   1462 C CB  . TYR B 2 25  ? 6.692   13.185  -4.493  1.00 13.44 ? 21   TYR B CB  1 
ATOM   1463 C CG  . TYR B 2 25  ? 7.791   12.383  -3.845  1.00 13.32 ? 21   TYR B CG  1 
ATOM   1464 C CD1 . TYR B 2 25  ? 7.655   11.898  -2.550  1.00 15.57 ? 21   TYR B CD1 1 
ATOM   1465 C CD2 . TYR B 2 25  ? 8.959   12.089  -4.536  1.00 12.89 ? 21   TYR B CD2 1 
ATOM   1466 C CE1 . TYR B 2 25  ? 8.658   11.151  -1.962  1.00 13.84 ? 21   TYR B CE1 1 
ATOM   1467 C CE2 . TYR B 2 25  ? 9.962   11.344  -3.956  1.00 12.26 ? 21   TYR B CE2 1 
ATOM   1468 C CZ  . TYR B 2 25  ? 9.811   10.882  -2.670  1.00 12.36 ? 21   TYR B CZ  1 
ATOM   1469 O OH  . TYR B 2 25  ? 10.821  10.140  -2.100  1.00 16.11 ? 21   TYR B OH  1 
ATOM   1470 N N   . ALA B 2 26  ? 4.891   15.868  -5.207  1.00 14.78 ? 22   ALA B N   1 
ATOM   1471 C CA  . ALA B 2 26  ? 4.018   16.431  -6.230  1.00 15.62 ? 22   ALA B CA  1 
ATOM   1472 C C   . ALA B 2 26  ? 4.632   17.686  -6.837  1.00 24.55 ? 22   ALA B C   1 
ATOM   1473 O O   . ALA B 2 26  ? 5.090   18.571  -6.118  1.00 19.25 ? 22   ALA B O   1 
ATOM   1474 C CB  . ALA B 2 26  ? 2.651   16.739  -5.646  1.00 17.60 ? 22   ALA B CB  1 
ATOM   1475 N N   . ARG B 2 27  ? 4.632   17.762  -8.162  1.00 24.19 ? 23   ARG B N   1 
ATOM   1476 C CA  . ARG B 2 27  ? 5.206   18.911  -8.850  1.00 33.62 ? 23   ARG B CA  1 
ATOM   1477 C C   . ARG B 2 27  ? 4.820   18.955  -10.323 1.00 44.22 ? 23   ARG B C   1 
ATOM   1478 O O   . ARG B 2 27  ? 5.263   19.836  -11.062 1.00 42.46 ? 23   ARG B O   1 
ATOM   1479 C CB  . ARG B 2 27  ? 6.727   18.910  -8.704  1.00 26.17 ? 23   ARG B CB  1 
ATOM   1480 C CG  . ARG B 2 27  ? 7.410   17.667  -9.250  1.00 31.66 ? 23   ARG B CG  1 
ATOM   1481 C CD  . ARG B 2 27  ? 8.894   17.722  -8.951  1.00 40.80 ? 23   ARG B CD  1 
ATOM   1482 N NE  . ARG B 2 27  ? 9.649   16.637  -9.568  1.00 42.08 ? 23   ARG B NE  1 
ATOM   1483 C CZ  . ARG B 2 27  ? 9.855   15.453  -9.000  1.00 46.01 ? 23   ARG B CZ  1 
ATOM   1484 N NH1 . ARG B 2 27  ? 9.345   15.193  -7.805  1.00 44.99 ? 23   ARG B NH1 1 
ATOM   1485 N NH2 . ARG B 2 27  ? 10.570  14.527  -9.628  1.00 33.48 ? 23   ARG B NH2 1 
ATOM   1486 O OXT . ARG B 2 27  ? 4.061   18.114  -10.807 1.00 41.12 ? 23   ARG B OXT 1 
HETATM 1487 C C   . TRS C 3 .   ? 5.605   19.717  2.563   1.00 34.89 ? 7359 TRS B C   1 
HETATM 1488 C C1  . TRS C 3 .   ? 5.290   18.522  3.456   1.00 37.18 ? 7359 TRS B C1  1 
HETATM 1489 C C2  . TRS C 3 .   ? 6.427   19.285  1.355   1.00 24.50 ? 7359 TRS B C2  1 
HETATM 1490 C C3  . TRS C 3 .   ? 6.350   20.782  3.359   1.00 34.17 ? 7359 TRS B C3  1 
HETATM 1491 N N   . TRS C 3 .   ? 4.358   20.291  2.058   1.00 28.01 ? 7359 TRS B N   1 
HETATM 1492 O O1  . TRS C 3 .   ? 4.025   17.975  3.152   1.00 30.35 ? 7359 TRS B O1  1 
HETATM 1493 O O2  . TRS C 3 .   ? 7.787   19.569  1.580   1.00 38.99 ? 7359 TRS B O2  1 
HETATM 1494 O O3  . TRS C 3 .   ? 6.439   21.964  2.598   1.00 37.46 ? 7359 TRS B O3  1 
HETATM 1495 O O   . HOH D 4 .   ? -4.156  15.589  -3.698  1.00 33.38 ? 1    HOH A O   1 
HETATM 1496 O O   . HOH D 4 .   ? 0.281   -0.452  -14.687 1.00 13.33 ? 2    HOH A O   1 
HETATM 1497 O O   . HOH D 4 .   ? 10.544  -10.196 -5.217  1.00 17.38 ? 3    HOH A O   1 
HETATM 1498 O O   . HOH D 4 .   ? -0.272  11.760  -6.837  1.00 14.04 ? 4    HOH A O   1 
HETATM 1499 O O   . HOH D 4 .   ? 7.757   -11.066 -1.415  1.00 26.83 ? 5    HOH A O   1 
HETATM 1500 O O   . HOH D 4 .   ? 4.120   9.159   13.821  1.00 23.79 ? 6    HOH A O   1 
HETATM 1501 O O   . HOH D 4 .   ? 14.429  6.916   9.359   1.00 26.89 ? 7    HOH A O   1 
HETATM 1502 O O   . HOH D 4 .   ? 11.263  -4.904  1.441   1.00 25.62 ? 8    HOH A O   1 
HETATM 1503 O O   . HOH D 4 .   ? 10.628  5.700   -8.729  1.00 19.07 ? 9    HOH A O   1 
HETATM 1504 O O   . HOH D 4 .   ? -0.962  -11.540 -9.321  1.00 20.83 ? 10   HOH A O   1 
HETATM 1505 O O   . HOH D 4 .   ? 4.288   -3.846  12.992  1.00 20.35 ? 11   HOH A O   1 
HETATM 1506 O O   . HOH D 4 .   ? 0.962   -12.809 -11.269 1.00 44.78 ? 12   HOH A O   1 
HETATM 1507 O O   . HOH D 4 .   ? 1.765   9.629   16.398  1.00 38.79 ? 13   HOH A O   1 
HETATM 1508 O O   . HOH D 4 .   ? 0.080   12.371  -9.546  1.00 22.60 ? 14   HOH A O   1 
HETATM 1509 O O   . HOH D 4 .   ? 11.639  -6.227  6.866   1.00 35.68 ? 15   HOH A O   1 
HETATM 1510 O O   . HOH D 4 .   ? 12.690  5.574   -10.610 1.00 24.39 ? 16   HOH A O   1 
HETATM 1511 O O   . HOH D 4 .   ? 0.751   10.220  -11.634 1.00 20.72 ? 17   HOH A O   1 
HETATM 1512 O O   . HOH D 4 .   ? 7.502   -9.209  11.313  1.00 36.71 ? 18   HOH A O   1 
HETATM 1513 O O   . HOH D 4 .   ? 12.109  -9.147  -12.485 1.00 45.56 ? 19   HOH A O   1 
HETATM 1514 O O   . HOH D 4 .   ? -1.135  -15.470 3.420   1.00 29.13 ? 20   HOH A O   1 
HETATM 1515 O O   . HOH D 4 .   ? -9.295  -10.238 1.225   1.00 31.77 ? 21   HOH A O   1 
HETATM 1516 O O   . HOH D 4 .   ? -3.497  -5.130  16.309  1.00 24.71 ? 22   HOH A O   1 
HETATM 1517 O O   . HOH D 4 .   ? 2.847   -1.987  -16.981 1.00 26.87 ? 23   HOH A O   1 
HETATM 1518 O O   . HOH D 4 .   ? 6.256   13.905  -9.124  1.00 25.12 ? 24   HOH A O   1 
HETATM 1519 O O   . HOH D 4 .   ? 12.752  7.595   6.739   1.00 22.81 ? 25   HOH A O   1 
HETATM 1520 O O   . HOH D 4 .   ? -10.887 7.162   -9.664  1.00 34.91 ? 26   HOH A O   1 
HETATM 1521 O O   . HOH D 4 .   ? 13.263  15.539  -7.643  1.00 21.84 ? 27   HOH A O   1 
HETATM 1522 O O   . HOH D 4 .   ? 2.746   10.778  12.135  1.00 29.05 ? 28   HOH A O   1 
HETATM 1523 O O   . HOH D 4 .   ? -3.231  -17.361 2.907   1.00 39.60 ? 30   HOH A O   1 
HETATM 1524 O O   . HOH D 4 .   ? 10.703  5.157   13.380  1.00 35.56 ? 31   HOH A O   1 
HETATM 1525 O O   . HOH D 4 .   ? 14.148  -14.043 -9.346  1.00 26.69 ? 32   HOH A O   1 
HETATM 1526 O O   . HOH D 4 .   ? 0.589   -12.356 -7.222  1.00 27.42 ? 33   HOH A O   1 
HETATM 1527 O O   . HOH D 4 .   ? 6.913   -2.892  12.863  1.00 30.00 ? 36   HOH A O   1 
HETATM 1528 O O   . HOH D 4 .   ? -10.163 10.185  -7.653  1.00 35.92 ? 38   HOH A O   1 
HETATM 1529 O O   . HOH D 4 .   ? 14.732  -2.708  -4.933  1.00 41.51 ? 39   HOH A O   1 
HETATM 1530 O O   . HOH D 4 .   ? -1.121  -18.450 9.451   1.00 27.24 ? 40   HOH A O   1 
HETATM 1531 O O   . HOH D 4 .   ? 10.806  -8.147  -14.490 1.00 37.45 ? 41   HOH A O   1 
HETATM 1532 O O   . HOH D 4 .   ? 10.490  -11.978 10.283  1.00 41.15 ? 42   HOH A O   1 
HETATM 1533 O O   . HOH D 4 .   ? -3.954  -17.412 0.291   1.00 39.36 ? 43   HOH A O   1 
HETATM 1534 O O   . HOH D 4 .   ? 16.354  -14.778 -1.799  1.00 32.38 ? 44   HOH A O   1 
HETATM 1535 O O   . HOH D 4 .   ? 6.156   12.045  12.084  1.00 35.88 ? 46   HOH A O   1 
HETATM 1536 O O   . HOH D 4 .   ? 3.965   4.424   -19.490 1.00 36.85 ? 47   HOH A O   1 
HETATM 1537 O O   . HOH D 4 .   ? -0.148  -13.526 -4.958  1.00 38.56 ? 48   HOH A O   1 
HETATM 1538 O O   . HOH D 4 .   ? -10.475 -6.360  21.352  1.00 43.89 ? 51   HOH A O   1 
HETATM 1539 O O   . HOH D 4 .   ? -11.034 -6.849  -8.410  1.00 37.50 ? 52   HOH A O   1 
HETATM 1540 O O   . HOH D 4 .   ? -6.409  -12.991 -5.897  1.00 36.36 ? 53   HOH A O   1 
HETATM 1541 O O   . HOH D 4 .   ? 6.612   11.586  5.672   1.00 26.44 ? 54   HOH A O   1 
HETATM 1542 O O   . HOH D 4 .   ? 10.506  1.014   7.342   1.00 31.75 ? 55   HOH A O   1 
HETATM 1543 O O   . HOH D 4 .   ? 13.159  3.252   -7.347  1.00 33.75 ? 57   HOH A O   1 
HETATM 1544 O O   . HOH D 4 .   ? 10.274  -0.024  9.822   1.00 42.33 ? 59   HOH A O   1 
HETATM 1545 O O   . HOH D 4 .   ? -10.033 10.004  -12.054 1.00 34.23 ? 61   HOH A O   1 
HETATM 1546 O O   . HOH D 4 .   ? 9.961   -10.097 -2.590  1.00 20.88 ? 63   HOH A O   1 
HETATM 1547 O O   . HOH D 4 .   ? 14.768  7.724   -8.180  1.00 22.35 ? 64   HOH A O   1 
HETATM 1548 O O   . HOH D 4 .   ? -3.719  -14.430 -4.138  1.00 27.85 ? 65   HOH A O   1 
HETATM 1549 O O   . HOH D 4 .   ? 14.603  0.088   -3.837  1.00 32.39 ? 67   HOH A O   1 
HETATM 1550 O O   . HOH D 4 .   ? 13.849  4.241   2.397   1.00 33.09 ? 68   HOH A O   1 
HETATM 1551 O O   . HOH D 4 .   ? -12.029 -6.767  1.940   1.00 43.56 ? 69   HOH A O   1 
HETATM 1552 O O   . HOH D 4 .   ? 10.909  -19.332 -6.083  1.00 40.18 ? 72   HOH A O   1 
HETATM 1553 O O   . HOH D 4 .   ? -2.871  -16.388 16.232  1.00 24.08 ? 73   HOH A O   1 
HETATM 1554 O O   . HOH D 4 .   ? 12.890  -2.882  1.663   1.00 34.32 ? 74   HOH A O   1 
HETATM 1555 O O   . HOH D 4 .   ? 11.182  -11.778 -13.191 1.00 48.39 ? 75   HOH A O   1 
HETATM 1556 O O   . HOH D 4 .   ? 13.022  -7.609  -6.999  1.00 45.86 ? 76   HOH A O   1 
HETATM 1557 O O   . HOH D 4 .   ? -7.785  -17.722 13.110  1.00 40.81 ? 77   HOH A O   1 
HETATM 1558 O O   . HOH D 4 .   ? 3.547   -12.715 -3.948  1.00 35.21 ? 79   HOH A O   1 
HETATM 1559 O O   . HOH D 4 .   ? 5.987   -12.832 -2.253  1.00 27.37 ? 81   HOH A O   1 
HETATM 1560 O O   . HOH D 4 .   ? 11.668  8.558   -4.229  1.00 24.74 ? 83   HOH A O   1 
HETATM 1561 O O   . HOH D 4 .   ? 14.476  -14.552 0.055   1.00 25.02 ? 84   HOH A O   1 
HETATM 1562 O O   . HOH D 4 .   ? -2.090  -19.798 12.165  1.00 34.03 ? 85   HOH A O   1 
HETATM 1563 O O   . HOH D 4 .   ? 1.538   -19.790 9.461   1.00 31.16 ? 86   HOH A O   1 
HETATM 1564 O O   . HOH D 4 .   ? 4.784   -18.005 7.525   1.00 31.36 ? 87   HOH A O   1 
HETATM 1565 O O   . HOH D 4 .   ? 3.334   10.419  -12.469 1.00 25.54 ? 88   HOH A O   1 
HETATM 1566 O O   . HOH D 4 .   ? -13.251 6.137   -9.228  1.00 39.62 ? 89   HOH A O   1 
HETATM 1567 O O   . HOH D 4 .   ? -4.392  -11.545 -16.196 1.00 49.83 ? 91   HOH A O   1 
HETATM 1568 O O   . HOH D 4 .   ? 0.091   -21.555 11.140  1.00 25.35 ? 92   HOH A O   1 
HETATM 1569 O O   . HOH D 4 .   ? -1.910  6.651   16.074  1.00 28.32 ? 93   HOH A O   1 
HETATM 1570 O O   . HOH D 4 .   ? -9.452  -1.629  20.873  1.00 26.99 ? 94   HOH A O   1 
HETATM 1571 O O   . HOH D 4 .   ? 8.892   -11.931 0.756   1.00 27.01 ? 95   HOH A O   1 
HETATM 1572 O O   . HOH D 4 .   ? 5.078   -6.107  14.093  1.00 33.50 ? 96   HOH A O   1 
HETATM 1573 O O   . HOH D 4 .   ? -7.362  -4.815  -16.124 1.00 26.89 ? 97   HOH A O   1 
HETATM 1574 O O   . HOH D 4 .   ? 6.599   -0.861  15.542  1.00 41.96 ? 99   HOH A O   1 
HETATM 1575 O O   . HOH D 4 .   ? 21.789  12.834  -6.413  1.00 39.67 ? 100  HOH A O   1 
HETATM 1576 O O   . HOH D 4 .   ? 12.890  0.742   6.225   1.00 35.87 ? 101  HOH A O   1 
HETATM 1577 O O   . HOH D 4 .   ? -14.377 5.904   -1.048  1.00 33.09 ? 103  HOH A O   1 
HETATM 1578 O O   . HOH D 4 .   ? -3.185  -9.180  18.125  1.00 36.11 ? 104  HOH A O   1 
HETATM 1579 O O   . HOH D 4 .   ? -3.870  14.344  -7.201  1.00 29.12 ? 105  HOH A O   1 
HETATM 1580 O O   . HOH D 4 .   ? 4.081   -3.082  15.782  1.00 30.42 ? 106  HOH A O   1 
HETATM 1581 O O   . HOH D 4 .   ? 8.304   1.942   -15.001 1.00 28.63 ? 107  HOH A O   1 
HETATM 1582 O O   . HOH D 4 .   ? 7.686   13.197  -11.346 1.00 34.02 ? 108  HOH A O   1 
HETATM 1583 O O   . HOH D 4 .   ? 13.672  4.772   -14.383 1.00 44.26 ? 109  HOH A O   1 
HETATM 1584 O O   . HOH D 4 .   ? 6.665   -7.590  -19.494 1.00 46.72 ? 110  HOH A O   1 
HETATM 1585 O O   . HOH D 4 .   ? 11.902  6.170   -15.817 1.00 49.24 ? 111  HOH A O   1 
HETATM 1586 O O   . HOH D 4 .   ? 0.891   -13.809 -16.732 1.00 49.05 ? 113  HOH A O   1 
HETATM 1587 O O   . HOH D 4 .   ? -7.623  11.820  -12.743 1.00 36.65 ? 114  HOH A O   1 
HETATM 1588 O O   . HOH D 4 .   ? 10.007  1.149   12.814  1.00 51.24 ? 116  HOH A O   1 
HETATM 1589 O O   . HOH D 4 .   ? 8.217   -5.602  -19.458 1.00 41.04 ? 117  HOH A O   1 
HETATM 1590 O O   . HOH D 4 .   ? -8.712  -11.784 -13.389 1.00 40.63 ? 118  HOH A O   1 
HETATM 1591 O O   . HOH D 4 .   ? 3.856   -8.168  -13.201 1.00 40.75 ? 119  HOH A O   1 
HETATM 1592 O O   . HOH D 4 .   ? 6.662   -2.923  -18.374 1.00 43.11 ? 120  HOH A O   1 
HETATM 1593 O O   . HOH D 4 .   ? 0.151   -6.743  -18.810 1.00 45.92 ? 121  HOH A O   1 
HETATM 1594 O O   . HOH D 4 .   ? -2.121  17.239  -4.663  1.00 32.92 ? 122  HOH A O   1 
HETATM 1595 O O   . HOH D 4 .   ? 12.421  2.024   -9.505  1.00 29.55 ? 123  HOH A O   1 
HETATM 1596 O O   . HOH D 4 .   ? -2.911  -13.310 -9.576  1.00 38.87 ? 124  HOH A O   1 
HETATM 1597 O O   . HOH D 4 .   ? 14.358  -3.609  4.123   1.00 39.12 ? 127  HOH A O   1 
HETATM 1598 O O   . HOH D 4 .   ? 6.975   8.083   14.420  1.00 28.40 ? 128  HOH A O   1 
HETATM 1599 O O   . HOH D 4 .   ? -8.048  -3.412  22.429  1.00 49.31 ? 129  HOH A O   1 
HETATM 1600 O O   . HOH D 4 .   ? -5.639  4.829   23.196  1.00 37.68 ? 130  HOH A O   1 
HETATM 1601 O O   . HOH D 4 .   ? 9.117   -4.636  13.043  1.00 33.21 ? 131  HOH A O   1 
HETATM 1602 O O   . HOH D 4 .   ? -15.552 6.935   -13.005 1.00 29.28 ? 132  HOH A O   1 
HETATM 1603 O O   . HOH D 4 .   ? 15.554  5.695   11.507  1.00 35.81 ? 133  HOH A O   1 
HETATM 1604 O O   . HOH D 4 .   ? 1.393   9.926   -14.821 1.00 35.12 ? 134  HOH A O   1 
HETATM 1605 O O   . HOH D 4 .   ? -10.938 9.068   -4.285  1.00 24.81 ? 135  HOH A O   1 
HETATM 1606 O O   . HOH D 4 .   ? 16.322  -8.115  4.666   1.00 36.68 ? 136  HOH A O   1 
HETATM 1607 O O   . HOH D 4 .   ? 13.441  3.223   -11.511 1.00 36.71 ? 137  HOH A O   1 
HETATM 1608 O O   . HOH D 4 .   ? 13.748  -0.737  7.924   1.00 50.19 ? 138  HOH A O   1 
HETATM 1609 O O   . HOH D 4 .   ? 10.055  7.842   2.250   1.00 30.48 ? 139  HOH A O   1 
HETATM 1610 O O   . HOH E 4 .   ? -15.930 1.978   12.363  1.00 31.94 ? 29   HOH B O   1 
HETATM 1611 O O   . HOH E 4 .   ? 3.713   12.058  5.552   1.00 31.39 ? 34   HOH B O   1 
HETATM 1612 O O   . HOH E 4 .   ? 4.189   19.435  -3.808  1.00 20.09 ? 35   HOH B O   1 
HETATM 1613 O O   . HOH E 4 .   ? 1.686   19.012  4.122   1.00 33.74 ? 37   HOH B O   1 
HETATM 1614 O O   . HOH E 4 .   ? -7.310  14.845  5.773   1.00 41.44 ? 45   HOH B O   1 
HETATM 1615 O O   . HOH E 4 .   ? -1.870  16.396  5.461   1.00 27.88 ? 49   HOH B O   1 
HETATM 1616 O O   . HOH E 4 .   ? 3.852   15.416  -9.967  1.00 26.56 ? 50   HOH B O   1 
HETATM 1617 O O   . HOH E 4 .   ? 0.158   16.736  7.641   1.00 35.82 ? 56   HOH B O   1 
HETATM 1618 O O   . HOH E 4 .   ? -9.275  15.865  3.630   1.00 31.56 ? 58   HOH B O   1 
HETATM 1619 O O   . HOH E 4 .   ? 1.393   19.588  -3.364  1.00 22.31 ? 60   HOH B O   1 
HETATM 1620 O O   . HOH E 4 .   ? -0.943  17.015  -0.546  1.00 25.49 ? 62   HOH B O   1 
HETATM 1621 O O   . HOH E 4 .   ? 0.077   17.223  -2.885  1.00 22.02 ? 66   HOH B O   1 
HETATM 1622 O O   . HOH E 4 .   ? -7.863  11.112  13.197  1.00 33.18 ? 70   HOH B O   1 
HETATM 1623 O O   . HOH E 4 .   ? -5.978  3.679   17.502  1.00 23.59 ? 71   HOH B O   1 
HETATM 1624 O O   . HOH E 4 .   ? -0.742  15.161  -6.785  1.00 30.47 ? 78   HOH B O   1 
HETATM 1625 O O   . HOH E 4 .   ? 11.703  9.058   0.014   1.00 26.48 ? 80   HOH B O   1 
HETATM 1626 O O   . HOH E 4 .   ? 8.525   18.492  6.665   1.00 21.23 ? 82   HOH B O   1 
HETATM 1627 O O   . HOH E 4 .   ? 12.189  17.498  -9.490  1.00 33.56 ? 90   HOH B O   1 
HETATM 1628 O O   . HOH E 4 .   ? 5.576   17.260  5.892   1.00 44.69 ? 98   HOH B O   1 
HETATM 1629 O O   . HOH E 4 .   ? 7.040   14.698  7.452   1.00 32.10 ? 102  HOH B O   1 
HETATM 1630 O O   . HOH E 4 .   ? -12.931 -0.480  12.408  1.00 43.32 ? 112  HOH B O   1 
HETATM 1631 O O   . HOH E 4 .   ? -5.233  15.575  4.489   1.00 33.14 ? 115  HOH B O   1 
HETATM 1632 O O   . HOH E 4 .   ? -9.167  11.478  15.694  1.00 36.09 ? 125  HOH B O   1 
HETATM 1633 O O   . HOH E 4 .   ? -12.021 12.492  17.411  1.00 38.42 ? 126  HOH B O   1 
# 
